data_2LJB
#
_entry.id   2LJB
#
_entity_poly.entity_id   1
_entity_poly.type   'polypeptide(L)'
_entity_poly.pdbx_seq_one_letter_code
;RSNDSSDPLVVAASIIGILHFIAWTIGHLNQIKRG
;
_entity_poly.pdbx_strand_id   A,B,C,D
#
# COMPACT_ATOMS: atom_id res chain seq x y z
N SER A 6 15.48 16.69 -17.92
CA SER A 6 14.07 16.50 -17.45
C SER A 6 13.85 15.03 -17.11
N ASP A 7 13.13 14.78 -16.06
CA ASP A 7 12.84 13.42 -15.64
C ASP A 7 11.82 13.39 -14.51
N PRO A 8 10.64 13.90 -14.75
CA PRO A 8 9.54 13.93 -13.74
C PRO A 8 8.84 12.58 -13.62
N LEU A 9 9.37 11.58 -14.26
CA LEU A 9 8.79 10.24 -14.22
C LEU A 9 8.80 9.69 -12.79
N VAL A 10 9.91 9.84 -12.12
CA VAL A 10 10.05 9.34 -10.76
C VAL A 10 9.19 10.14 -9.77
N VAL A 11 9.12 11.42 -9.99
CA VAL A 11 8.34 12.29 -9.11
C VAL A 11 6.85 11.98 -9.24
N ALA A 12 6.41 11.77 -10.45
CA ALA A 12 5.01 11.49 -10.71
C ALA A 12 4.50 10.37 -9.79
N ALA A 13 5.29 9.34 -9.65
CA ALA A 13 4.90 8.20 -8.82
C ALA A 13 4.63 8.63 -7.38
N SER A 14 5.37 9.60 -6.90
CA SER A 14 5.20 10.07 -5.54
C SER A 14 3.79 10.62 -5.32
N ILE A 15 3.31 11.38 -6.27
CA ILE A 15 1.97 11.97 -6.18
C ILE A 15 0.93 10.90 -5.89
N ILE A 16 1.09 9.75 -6.48
CA ILE A 16 0.14 8.66 -6.29
C ILE A 16 0.26 8.10 -4.86
N GLY A 17 1.43 8.20 -4.31
CA GLY A 17 1.67 7.70 -2.95
C GLY A 17 0.82 8.43 -1.91
N ILE A 18 0.81 9.72 -1.97
CA ILE A 18 0.02 10.50 -1.02
C ILE A 18 -1.46 10.12 -1.07
N LEU A 19 -1.89 9.69 -2.23
CA LEU A 19 -3.28 9.32 -2.43
C LEU A 19 -3.69 8.14 -1.52
N HIS A 20 -2.90 7.10 -1.50
CA HIS A 20 -3.24 5.94 -0.69
C HIS A 20 -3.41 6.31 0.79
N PHE A 21 -2.73 7.33 1.24
CA PHE A 21 -2.81 7.72 2.65
C PHE A 21 -4.21 8.19 3.05
N ILE A 22 -4.79 9.08 2.30
CA ILE A 22 -6.11 9.58 2.65
C ILE A 22 -7.11 8.42 2.74
N ALA A 23 -7.01 7.47 1.85
CA ALA A 23 -7.93 6.34 1.85
C ALA A 23 -7.69 5.42 3.05
N TRP A 24 -6.43 5.23 3.39
CA TRP A 24 -6.09 4.35 4.51
C TRP A 24 -6.95 4.69 5.73
N THR A 25 -7.27 5.94 5.86
CA THR A 25 -8.10 6.38 6.98
C THR A 25 -9.37 5.56 7.05
N ILE A 26 -9.97 5.32 5.91
CA ILE A 26 -11.21 4.54 5.86
C ILE A 26 -10.97 3.13 6.41
N GLY A 27 -9.93 2.50 5.96
CA GLY A 27 -9.63 1.13 6.41
C GLY A 27 -9.71 1.02 7.92
N HIS A 28 -9.45 2.09 8.62
CA HIS A 28 -9.50 2.09 10.07
C HIS A 28 -10.82 1.48 10.58
N LEU A 29 -11.85 1.59 9.79
CA LEU A 29 -13.17 1.11 10.21
C LEU A 29 -13.07 -0.27 10.87
N ASN A 30 -12.29 -1.16 10.31
CA ASN A 30 -12.16 -2.49 10.87
C ASN A 30 -11.87 -2.43 12.38
N GLN A 31 -10.96 -1.56 12.76
CA GLN A 31 -10.59 -1.41 14.16
C GLN A 31 -11.68 -0.70 14.94
N ILE A 32 -11.99 0.48 14.51
CA ILE A 32 -13.01 1.29 15.18
C ILE A 32 -14.30 0.49 15.45
N LYS A 33 -14.46 -0.66 14.83
CA LYS A 33 -15.66 -1.48 15.02
C LYS A 33 -15.33 -2.74 15.81
N ARG A 34 -14.45 -3.54 15.28
CA ARG A 34 -14.05 -4.79 15.93
C ARG A 34 -12.95 -4.52 16.97
N GLY A 35 -13.33 -4.56 18.22
CA GLY A 35 -12.38 -4.33 19.31
C GLY A 35 -11.10 -5.12 19.08
N SER B 6 17.90 1.85 -19.99
CA SER B 6 18.19 3.13 -19.31
C SER B 6 18.00 2.95 -17.80
N ASP B 7 18.44 1.84 -17.30
CA ASP B 7 18.31 1.55 -15.87
C ASP B 7 16.86 1.73 -15.42
N PRO B 8 15.96 1.00 -16.02
CA PRO B 8 14.51 1.08 -15.67
C PRO B 8 14.21 0.45 -14.30
N LEU B 9 15.20 0.42 -13.46
CA LEU B 9 15.04 -0.16 -12.13
C LEU B 9 14.12 0.71 -11.28
N VAL B 10 14.31 1.99 -11.34
CA VAL B 10 13.49 2.92 -10.56
C VAL B 10 12.06 2.98 -11.10
N VAL B 11 11.93 2.88 -12.39
CA VAL B 11 10.61 2.92 -13.02
C VAL B 11 9.80 1.68 -12.64
N ALA B 12 10.43 0.55 -12.68
CA ALA B 12 9.76 -0.71 -12.36
C ALA B 12 9.02 -0.59 -11.03
N ALA B 13 9.60 0.12 -10.10
CA ALA B 13 8.98 0.30 -8.79
C ALA B 13 7.64 1.04 -8.92
N SER B 14 7.57 1.94 -9.85
CA SER B 14 6.34 2.71 -10.06
C SER B 14 5.17 1.79 -10.39
N ILE B 15 5.43 0.81 -11.23
CA ILE B 15 4.39 -0.13 -11.63
C ILE B 15 3.67 -0.68 -10.40
N ILE B 16 4.40 -0.81 -9.32
CA ILE B 16 3.84 -1.33 -8.08
C ILE B 16 2.84 -0.33 -7.49
N GLY B 17 3.07 0.93 -7.72
CA GLY B 17 2.17 1.97 -7.19
C GLY B 17 0.78 1.91 -7.82
N ILE B 18 0.72 1.88 -9.12
CA ILE B 18 -0.57 1.82 -9.82
C ILE B 18 -1.32 0.54 -9.47
N LEU B 19 -0.59 -0.50 -9.18
CA LEU B 19 -1.20 -1.77 -8.85
C LEU B 19 -2.07 -1.64 -7.60
N HIS B 20 -1.53 -1.01 -6.58
CA HIS B 20 -2.27 -0.83 -5.34
C HIS B 20 -3.64 -0.24 -5.60
N PHE B 21 -3.69 0.83 -6.34
CA PHE B 21 -4.96 1.50 -6.63
C PHE B 21 -5.98 0.53 -7.24
N ILE B 22 -5.55 -0.27 -8.17
CA ILE B 22 -6.45 -1.22 -8.82
C ILE B 22 -7.09 -2.17 -7.79
N ALA B 23 -6.29 -2.78 -6.97
CA ALA B 23 -6.80 -3.71 -5.97
C ALA B 23 -7.53 -2.97 -4.85
N TRP B 24 -7.02 -1.82 -4.50
CA TRP B 24 -7.58 -1.01 -3.41
C TRP B 24 -9.09 -0.81 -3.52
N THR B 25 -9.59 -0.70 -4.70
CA THR B 25 -11.03 -0.50 -4.87
C THR B 25 -11.80 -1.74 -4.47
N ILE B 26 -11.19 -2.89 -4.63
CA ILE B 26 -11.87 -4.13 -4.26
C ILE B 26 -12.18 -4.13 -2.77
N GLY B 27 -11.19 -3.85 -1.97
CA GLY B 27 -11.35 -3.83 -0.52
C GLY B 27 -12.55 -2.95 -0.13
N HIS B 28 -12.82 -1.97 -0.93
CA HIS B 28 -13.93 -1.06 -0.67
C HIS B 28 -15.24 -1.82 -0.50
N LEU B 29 -15.34 -2.96 -1.10
CA LEU B 29 -16.58 -3.73 -1.05
C LEU B 29 -17.15 -3.79 0.37
N ASN B 30 -16.31 -3.75 1.38
CA ASN B 30 -16.80 -3.84 2.76
C ASN B 30 -17.81 -2.74 3.13
N GLN B 31 -17.48 -1.50 2.90
CA GLN B 31 -18.36 -0.41 3.26
C GLN B 31 -19.48 -0.24 2.24
N ILE B 32 -19.13 0.01 1.02
CA ILE B 32 -20.12 0.20 -0.03
C ILE B 32 -21.20 -0.91 -0.05
N LYS B 33 -21.06 -1.89 0.81
CA LYS B 33 -22.04 -2.99 0.89
C LYS B 33 -21.67 -3.93 2.04
N ARG B 34 -22.66 -4.51 2.64
CA ARG B 34 -22.42 -5.44 3.75
C ARG B 34 -23.58 -6.42 3.89
N GLY B 35 -23.39 -7.61 3.37
CA GLY B 35 -24.43 -8.63 3.44
C GLY B 35 -24.61 -9.12 4.88
N SER C 6 26.16 3.96 -5.85
CA SER C 6 26.50 5.02 -4.86
C SER C 6 25.21 5.66 -4.36
N ASP C 7 24.15 4.91 -4.37
CA ASP C 7 22.86 5.40 -3.89
C ASP C 7 21.82 4.28 -3.86
N PRO C 8 22.09 3.24 -3.12
CA PRO C 8 21.16 2.07 -2.99
C PRO C 8 19.98 2.37 -2.06
N LEU C 9 19.87 3.61 -1.66
CA LEU C 9 18.80 4.02 -0.76
C LEU C 9 17.43 3.88 -1.44
N VAL C 10 17.35 4.38 -2.65
CA VAL C 10 16.10 4.33 -3.40
C VAL C 10 15.77 2.90 -3.80
N VAL C 11 16.76 2.17 -4.22
CA VAL C 11 16.57 0.78 -4.62
C VAL C 11 16.17 -0.08 -3.43
N ALA C 12 16.91 0.07 -2.35
CA ALA C 12 16.65 -0.71 -1.15
C ALA C 12 15.17 -0.63 -0.75
N ALA C 13 14.61 0.53 -0.83
CA ALA C 13 13.20 0.72 -0.47
C ALA C 13 12.29 -0.11 -1.36
N SER C 14 12.72 -0.33 -2.57
CA SER C 14 11.93 -1.10 -3.53
C SER C 14 11.48 -2.44 -2.94
N ILE C 15 12.35 -3.11 -2.25
CA ILE C 15 12.03 -4.39 -1.65
C ILE C 15 10.72 -4.32 -0.85
N ILE C 16 10.44 -3.17 -0.32
CA ILE C 16 9.24 -2.96 0.48
C ILE C 16 7.98 -3.03 -0.39
N GLY C 17 8.08 -2.60 -1.61
CA GLY C 17 6.93 -2.60 -2.50
C GLY C 17 6.45 -4.00 -2.86
N ILE C 18 7.35 -4.83 -3.28
CA ILE C 18 6.99 -6.21 -3.65
C ILE C 18 6.58 -7.00 -2.41
N LEU C 19 7.15 -6.64 -1.29
CA LEU C 19 6.86 -7.34 -0.04
C LEU C 19 5.38 -7.22 0.35
N HIS C 20 4.84 -6.03 0.38
CA HIS C 20 3.45 -5.85 0.77
C HIS C 20 2.51 -6.67 -0.11
N PHE C 21 2.88 -6.90 -1.33
CA PHE C 21 2.04 -7.65 -2.25
C PHE C 21 1.71 -9.03 -1.69
N ILE C 22 2.69 -9.69 -1.14
CA ILE C 22 2.47 -11.02 -0.59
C ILE C 22 1.36 -11.01 0.45
N ALA C 23 1.35 -10.03 1.29
CA ALA C 23 0.32 -9.93 2.32
C ALA C 23 -1.03 -9.59 1.70
N TRP C 24 -1.02 -8.75 0.70
CA TRP C 24 -2.25 -8.34 0.03
C TRP C 24 -3.11 -9.54 -0.35
N THR C 25 -2.47 -10.64 -0.66
CA THR C 25 -3.19 -11.86 -1.04
C THR C 25 -4.00 -12.40 0.13
N ILE C 26 -3.44 -12.31 1.30
CA ILE C 26 -4.11 -12.81 2.50
C ILE C 26 -5.42 -12.08 2.75
N GLY C 27 -5.39 -10.77 2.72
CA GLY C 27 -6.58 -9.97 2.94
C GLY C 27 -7.75 -10.42 2.06
N HIS C 28 -7.44 -10.96 0.92
CA HIS C 28 -8.47 -11.41 -0.01
C HIS C 28 -9.49 -12.31 0.67
N LEU C 29 -9.09 -13.01 1.71
CA LEU C 29 -9.99 -13.93 2.40
C LEU C 29 -11.35 -13.28 2.64
N ASN C 30 -11.38 -12.00 2.86
CA ASN C 30 -12.65 -11.32 3.09
C ASN C 30 -13.61 -11.47 1.89
N GLN C 31 -13.08 -11.32 0.69
CA GLN C 31 -13.89 -11.40 -0.52
C GLN C 31 -14.04 -12.84 -1.06
N ILE C 32 -14.81 -13.67 -0.37
CA ILE C 32 -15.03 -15.04 -0.82
C ILE C 32 -15.94 -15.80 0.17
N LYS C 33 -15.40 -16.25 1.26
CA LYS C 33 -16.19 -16.97 2.26
C LYS C 33 -17.31 -16.06 2.77
N ARG C 34 -18.50 -16.59 2.86
CA ARG C 34 -19.64 -15.82 3.34
C ARG C 34 -19.93 -14.65 2.38
N GLY C 35 -19.09 -14.48 1.41
CA GLY C 35 -19.27 -13.39 0.44
C GLY C 35 -17.99 -13.16 -0.35
N SER D 6 18.85 16.39 -6.65
CA SER D 6 19.76 16.83 -5.56
C SER D 6 18.98 16.91 -4.25
N ASP D 7 17.74 17.28 -4.34
CA ASP D 7 16.89 17.41 -3.16
C ASP D 7 16.38 16.02 -2.74
N PRO D 8 16.14 15.81 -1.46
CA PRO D 8 15.63 14.49 -0.96
C PRO D 8 14.16 14.27 -1.30
N LEU D 9 13.78 14.64 -2.50
CA LEU D 9 12.41 14.48 -2.94
C LEU D 9 12.03 13.00 -3.03
N VAL D 10 12.88 12.24 -3.66
CA VAL D 10 12.63 10.81 -3.83
C VAL D 10 12.78 10.07 -2.49
N VAL D 11 13.68 10.53 -1.67
CA VAL D 11 13.91 9.91 -0.38
C VAL D 11 12.73 10.17 0.56
N ALA D 12 12.29 11.39 0.59
CA ALA D 12 11.17 11.78 1.45
C ALA D 12 10.00 10.81 1.28
N ALA D 13 9.81 10.33 0.09
CA ALA D 13 8.71 9.40 -0.19
C ALA D 13 8.93 8.07 0.54
N SER D 14 10.17 7.71 0.74
CA SER D 14 10.50 6.46 1.40
C SER D 14 9.82 6.37 2.77
N ILE D 15 9.82 7.45 3.49
CA ILE D 15 9.20 7.47 4.81
C ILE D 15 7.75 6.99 4.74
N ILE D 16 7.12 7.26 3.63
CA ILE D 16 5.73 6.85 3.44
C ILE D 16 5.65 5.32 3.27
N GLY D 17 6.70 4.74 2.73
CA GLY D 17 6.74 3.30 2.50
C GLY D 17 6.74 2.51 3.80
N ILE D 18 7.53 2.92 4.75
CA ILE D 18 7.60 2.21 6.03
C ILE D 18 6.28 2.32 6.79
N LEU D 19 5.67 3.47 6.71
CA LEU D 19 4.41 3.69 7.41
C LEU D 19 3.42 2.56 7.13
N HIS D 20 3.39 2.11 5.90
CA HIS D 20 2.48 1.05 5.52
C HIS D 20 2.71 -0.23 6.33
N PHE D 21 3.96 -0.54 6.58
CA PHE D 21 4.29 -1.76 7.31
C PHE D 21 3.72 -1.77 8.73
N ILE D 22 3.90 -0.72 9.47
CA ILE D 22 3.40 -0.69 10.84
C ILE D 22 1.88 -0.73 10.88
N ALA D 23 1.23 -0.04 9.98
CA ALA D 23 -0.23 -0.03 9.96
C ALA D 23 -0.77 -1.38 9.50
N TRP D 24 -0.15 -1.96 8.52
CA TRP D 24 -0.58 -3.26 8.00
C TRP D 24 -0.79 -4.25 9.13
N THR D 25 -0.04 -4.07 10.19
CA THR D 25 -0.15 -4.95 11.34
C THR D 25 -1.53 -4.83 12.00
N ILE D 26 -2.12 -3.66 11.92
CA ILE D 26 -3.43 -3.45 12.53
C ILE D 26 -4.51 -4.21 11.76
N GLY D 27 -4.55 -4.02 10.47
CA GLY D 27 -5.55 -4.70 9.64
C GLY D 27 -5.50 -6.21 9.83
N HIS D 28 -4.35 -6.72 10.13
CA HIS D 28 -4.17 -8.16 10.31
C HIS D 28 -5.12 -8.69 11.39
N LEU D 29 -5.47 -7.86 12.33
CA LEU D 29 -6.34 -8.30 13.43
C LEU D 29 -7.57 -9.06 12.88
N ASN D 30 -8.07 -8.63 11.76
CA ASN D 30 -9.24 -9.28 11.17
C ASN D 30 -8.92 -10.71 10.69
N GLN D 31 -7.80 -10.88 10.03
CA GLN D 31 -7.40 -12.15 9.51
C GLN D 31 -7.16 -13.16 10.63
N ILE D 32 -6.31 -12.78 11.54
CA ILE D 32 -5.96 -13.66 12.67
C ILE D 32 -7.21 -14.01 13.49
N LYS D 33 -7.76 -13.04 14.17
CA LYS D 33 -8.96 -13.28 14.97
C LYS D 33 -9.60 -11.96 15.39
N ARG D 34 -10.83 -11.77 15.03
CA ARG D 34 -11.55 -10.55 15.36
C ARG D 34 -12.06 -10.60 16.80
N GLY D 35 -11.70 -11.65 17.50
CA GLY D 35 -12.13 -11.80 18.88
C GLY D 35 -13.62 -12.11 18.96
N SER A 6 13.86 17.94 -14.88
CA SER A 6 13.92 17.16 -16.14
C SER A 6 13.74 15.67 -15.82
N ASP A 7 13.01 15.39 -14.78
CA ASP A 7 12.76 14.01 -14.39
C ASP A 7 11.56 13.92 -13.44
N PRO A 8 10.41 14.35 -13.88
CA PRO A 8 9.16 14.33 -13.06
C PRO A 8 8.54 12.92 -13.03
N LEU A 9 9.13 12.01 -13.74
CA LEU A 9 8.64 10.64 -13.80
C LEU A 9 8.67 9.98 -12.43
N VAL A 10 9.79 10.08 -11.76
CA VAL A 10 9.95 9.47 -10.44
C VAL A 10 9.11 10.21 -9.39
N VAL A 11 8.96 11.48 -9.56
CA VAL A 11 8.19 12.28 -8.61
C VAL A 11 6.70 11.95 -8.71
N ALA A 12 6.21 11.84 -9.90
CA ALA A 12 4.79 11.53 -10.12
C ALA A 12 4.36 10.31 -9.31
N ALA A 13 5.22 9.32 -9.25
CA ALA A 13 4.91 8.09 -8.53
C ALA A 13 4.66 8.38 -7.05
N SER A 14 5.31 9.38 -6.53
CA SER A 14 5.15 9.74 -5.12
C SER A 14 3.71 10.15 -4.81
N ILE A 15 3.10 10.84 -5.75
CA ILE A 15 1.73 11.31 -5.57
C ILE A 15 0.79 10.14 -5.30
N ILE A 16 1.06 9.03 -5.91
CA ILE A 16 0.22 7.84 -5.75
C ILE A 16 0.34 7.29 -4.32
N GLY A 17 1.49 7.44 -3.73
CA GLY A 17 1.73 6.94 -2.38
C GLY A 17 0.92 7.70 -1.34
N ILE A 18 0.90 8.99 -1.44
CA ILE A 18 0.15 9.80 -0.47
C ILE A 18 -1.35 9.64 -0.65
N LEU A 19 -1.77 9.36 -1.85
CA LEU A 19 -3.19 9.20 -2.14
C LEU A 19 -3.79 8.03 -1.38
N HIS A 20 -3.13 6.90 -1.42
CA HIS A 20 -3.67 5.72 -0.73
C HIS A 20 -3.86 5.99 0.77
N PHE A 21 -3.06 6.86 1.32
CA PHE A 21 -3.15 7.19 2.73
C PHE A 21 -4.56 7.59 3.15
N ILE A 22 -5.20 8.42 2.36
CA ILE A 22 -6.55 8.88 2.71
C ILE A 22 -7.51 7.70 2.89
N ALA A 23 -7.44 6.75 2.00
CA ALA A 23 -8.32 5.59 2.06
C ALA A 23 -7.94 4.68 3.24
N TRP A 24 -6.67 4.61 3.51
CA TRP A 24 -6.17 3.77 4.59
C TRP A 24 -6.95 4.01 5.88
N THR A 25 -7.30 5.24 6.12
CA THR A 25 -8.05 5.59 7.32
C THR A 25 -9.39 4.86 7.37
N ILE A 26 -9.94 4.57 6.22
CA ILE A 26 -11.22 3.88 6.16
C ILE A 26 -11.15 2.51 6.84
N GLY A 27 -10.15 1.75 6.50
CA GLY A 27 -10.00 0.40 7.05
C GLY A 27 -10.13 0.40 8.58
N HIS A 28 -9.71 1.46 9.21
CA HIS A 28 -9.78 1.56 10.66
C HIS A 28 -11.16 1.17 11.18
N LEU A 29 -12.16 1.39 10.36
CA LEU A 29 -13.54 1.11 10.77
C LEU A 29 -13.65 -0.26 11.45
N ASN A 30 -12.95 -1.25 10.94
CA ASN A 30 -13.02 -2.58 11.54
C ASN A 30 -12.63 -2.55 13.02
N GLN A 31 -11.59 -1.83 13.34
CA GLN A 31 -11.12 -1.74 14.71
C GLN A 31 -12.16 -1.06 15.61
N ILE A 32 -12.50 0.15 15.27
CA ILE A 32 -13.48 0.90 16.06
C ILE A 32 -14.83 0.15 16.12
N LYS A 33 -15.34 -0.25 14.98
CA LYS A 33 -16.61 -0.97 14.91
C LYS A 33 -16.61 -2.13 15.91
N ARG A 34 -15.90 -3.18 15.58
CA ARG A 34 -15.84 -4.35 16.44
C ARG A 34 -15.00 -4.05 17.69
N GLY A 35 -15.46 -4.54 18.82
CA GLY A 35 -14.74 -4.33 20.06
C GLY A 35 -13.55 -5.29 20.18
N SER B 6 19.60 4.68 -17.66
CA SER B 6 19.67 3.20 -17.70
C SER B 6 19.06 2.62 -16.43
N ASP B 7 19.37 1.38 -16.16
CA ASP B 7 18.86 0.71 -14.97
C ASP B 7 17.39 1.04 -14.72
N PRO B 8 16.51 0.52 -15.55
CA PRO B 8 15.03 0.75 -15.41
C PRO B 8 14.48 0.11 -14.13
N LEU B 9 15.30 0.02 -13.13
CA LEU B 9 14.89 -0.59 -11.86
C LEU B 9 13.89 0.30 -11.12
N VAL B 10 14.15 1.58 -11.09
CA VAL B 10 13.28 2.52 -10.40
C VAL B 10 11.95 2.69 -11.13
N VAL B 11 12.01 2.82 -12.43
CA VAL B 11 10.79 3.00 -13.22
C VAL B 11 9.97 1.72 -13.24
N ALA B 12 10.64 0.61 -13.41
CA ALA B 12 9.95 -0.68 -13.45
C ALA B 12 9.03 -0.81 -12.24
N ALA B 13 9.51 -0.38 -11.11
CA ALA B 13 8.73 -0.44 -9.87
C ALA B 13 7.37 0.24 -10.04
N SER B 14 7.32 1.20 -10.92
CA SER B 14 6.08 1.93 -11.16
C SER B 14 4.91 0.96 -11.36
N ILE B 15 5.17 -0.09 -12.08
CA ILE B 15 4.14 -1.09 -12.35
C ILE B 15 3.42 -1.49 -11.05
N ILE B 16 4.17 -1.55 -9.98
CA ILE B 16 3.61 -1.92 -8.68
C ILE B 16 2.71 -0.80 -8.15
N GLY B 17 3.02 0.42 -8.52
CA GLY B 17 2.22 1.55 -8.04
C GLY B 17 0.79 1.51 -8.55
N ILE B 18 0.62 1.34 -9.84
CA ILE B 18 -0.72 1.31 -10.42
C ILE B 18 -1.49 0.08 -9.94
N LEU B 19 -0.82 -1.02 -9.79
CA LEU B 19 -1.46 -2.24 -9.34
C LEU B 19 -2.07 -2.01 -7.95
N HIS B 20 -1.27 -1.46 -7.08
CA HIS B 20 -1.69 -1.18 -5.71
C HIS B 20 -3.04 -0.47 -5.68
N PHE B 21 -3.20 0.54 -6.49
CA PHE B 21 -4.44 1.28 -6.55
C PHE B 21 -5.56 0.43 -7.14
N ILE B 22 -5.25 -0.33 -8.13
CA ILE B 22 -6.25 -1.18 -8.77
C ILE B 22 -6.84 -2.19 -7.78
N ALA B 23 -6.00 -2.83 -7.03
CA ALA B 23 -6.49 -3.83 -6.07
C ALA B 23 -7.32 -3.16 -4.98
N TRP B 24 -6.88 -2.01 -4.53
CA TRP B 24 -7.58 -1.29 -3.48
C TRP B 24 -9.08 -1.20 -3.80
N THR B 25 -9.39 -1.12 -5.06
CA THR B 25 -10.77 -1.03 -5.49
C THR B 25 -11.61 -2.15 -4.89
N ILE B 26 -11.14 -3.36 -5.00
CA ILE B 26 -11.88 -4.51 -4.47
C ILE B 26 -12.03 -4.43 -2.95
N GLY B 27 -10.94 -4.22 -2.27
CA GLY B 27 -10.96 -4.14 -0.81
C GLY B 27 -11.98 -3.13 -0.32
N HIS B 28 -12.21 -2.13 -1.11
CA HIS B 28 -13.16 -1.07 -0.76
C HIS B 28 -14.57 -1.64 -0.55
N LEU B 29 -14.88 -2.70 -1.27
CA LEU B 29 -16.20 -3.31 -1.19
C LEU B 29 -16.63 -3.52 0.27
N ASN B 30 -15.70 -3.80 1.14
CA ASN B 30 -16.02 -4.04 2.54
C ASN B 30 -16.60 -2.80 3.24
N GLN B 31 -15.96 -1.68 3.09
CA GLN B 31 -16.38 -0.46 3.73
C GLN B 31 -17.79 -0.06 3.28
N ILE B 32 -18.00 -0.01 1.99
CA ILE B 32 -19.29 0.37 1.45
C ILE B 32 -20.40 -0.54 2.00
N LYS B 33 -20.39 -1.80 1.63
CA LYS B 33 -21.39 -2.75 2.11
C LYS B 33 -20.74 -4.07 2.50
N ARG B 34 -21.51 -4.95 3.09
CA ARG B 34 -21.01 -6.25 3.51
C ARG B 34 -22.13 -7.28 3.51
N GLY B 35 -21.80 -8.50 3.23
CA GLY B 35 -22.79 -9.57 3.20
C GLY B 35 -24.01 -9.16 2.40
N SER C 6 26.57 6.95 -4.73
CA SER C 6 26.16 6.26 -3.48
C SER C 6 24.79 6.77 -3.03
N ASP C 7 23.79 5.96 -3.23
CA ASP C 7 22.43 6.33 -2.85
C ASP C 7 21.48 5.15 -3.01
N PRO C 8 21.73 4.07 -2.30
CA PRO C 8 20.89 2.85 -2.36
C PRO C 8 19.59 3.00 -1.56
N LEU C 9 19.27 4.23 -1.22
CA LEU C 9 18.05 4.50 -0.46
C LEU C 9 16.81 4.26 -1.31
N VAL C 10 16.88 4.65 -2.56
CA VAL C 10 15.74 4.49 -3.45
C VAL C 10 15.51 3.02 -3.81
N VAL C 11 16.58 2.33 -4.13
CA VAL C 11 16.48 0.92 -4.49
C VAL C 11 16.05 0.08 -3.29
N ALA C 12 16.66 0.34 -2.17
CA ALA C 12 16.33 -0.40 -0.95
C ALA C 12 14.85 -0.27 -0.60
N ALA C 13 14.34 0.93 -0.70
CA ALA C 13 12.94 1.18 -0.39
C ALA C 13 12.01 0.44 -1.35
N SER C 14 12.47 0.23 -2.55
CA SER C 14 11.66 -0.46 -3.56
C SER C 14 11.16 -1.80 -3.04
N ILE C 15 12.00 -2.51 -2.36
CA ILE C 15 11.63 -3.82 -1.83
C ILE C 15 10.30 -3.76 -1.07
N ILE C 16 10.02 -2.61 -0.50
CA ILE C 16 8.80 -2.41 0.26
C ILE C 16 7.57 -2.54 -0.62
N GLY C 17 7.65 -2.06 -1.83
CA GLY C 17 6.51 -2.10 -2.73
C GLY C 17 6.09 -3.53 -3.06
N ILE C 18 7.03 -4.36 -3.42
CA ILE C 18 6.74 -5.73 -3.76
C ILE C 18 6.29 -6.52 -2.53
N LEU C 19 6.81 -6.14 -1.39
CA LEU C 19 6.48 -6.83 -0.15
C LEU C 19 4.98 -6.75 0.18
N HIS C 20 4.43 -5.56 0.14
CA HIS C 20 3.01 -5.40 0.47
C HIS C 20 2.13 -6.33 -0.36
N PHE C 21 2.57 -6.65 -1.54
CA PHE C 21 1.80 -7.52 -2.43
C PHE C 21 1.59 -8.90 -1.82
N ILE C 22 2.61 -9.43 -1.20
CA ILE C 22 2.52 -10.76 -0.60
C ILE C 22 1.41 -10.83 0.45
N ALA C 23 1.40 -9.89 1.36
CA ALA C 23 0.39 -9.87 2.41
C ALA C 23 -0.99 -9.54 1.84
N TRP C 24 -1.00 -8.70 0.83
CA TRP C 24 -2.24 -8.29 0.18
C TRP C 24 -3.11 -9.50 -0.16
N THR C 25 -2.47 -10.59 -0.49
CA THR C 25 -3.19 -11.81 -0.84
C THR C 25 -4.08 -12.28 0.31
N ILE C 26 -3.62 -12.11 1.51
CA ILE C 26 -4.38 -12.55 2.68
C ILE C 26 -5.71 -11.80 2.78
N GLY C 27 -5.66 -10.51 2.70
CA GLY C 27 -6.86 -9.69 2.82
C GLY C 27 -7.95 -10.14 1.84
N HIS C 28 -7.55 -10.67 0.72
CA HIS C 28 -8.50 -11.13 -0.29
C HIS C 28 -9.55 -12.05 0.32
N LEU C 29 -9.20 -12.76 1.36
CA LEU C 29 -10.12 -13.70 1.97
C LEU C 29 -11.50 -13.08 2.20
N ASN C 30 -11.55 -11.81 2.52
CA ASN C 30 -12.83 -11.16 2.76
C ASN C 30 -13.80 -11.44 1.62
N GLN C 31 -13.35 -11.23 0.41
CA GLN C 31 -14.18 -11.47 -0.77
C GLN C 31 -14.69 -12.91 -0.77
N ILE C 32 -13.80 -13.82 -0.55
CA ILE C 32 -14.12 -15.25 -0.53
C ILE C 32 -14.22 -15.75 0.90
N LYS C 33 -15.42 -15.80 1.39
CA LYS C 33 -15.67 -16.28 2.75
C LYS C 33 -17.12 -16.72 2.89
N ARG C 34 -18.01 -15.77 2.96
CA ARG C 34 -19.43 -16.06 3.09
C ARG C 34 -19.92 -16.84 1.87
N GLY C 35 -19.47 -16.42 0.72
CA GLY C 35 -19.87 -17.09 -0.51
C GLY C 35 -19.34 -16.33 -1.73
N SER D 6 19.67 17.14 -6.33
CA SER D 6 20.45 17.50 -5.11
C SER D 6 19.55 17.35 -3.88
N ASP D 7 18.35 17.87 -3.96
CA ASP D 7 17.41 17.78 -2.86
C ASP D 7 16.92 16.34 -2.68
N PRO D 8 16.79 15.85 -1.47
CA PRO D 8 16.31 14.46 -1.21
C PRO D 8 14.81 14.31 -1.45
N LEU D 9 14.37 14.67 -2.62
CA LEU D 9 12.95 14.58 -2.97
C LEU D 9 12.52 13.11 -3.10
N VAL D 10 13.33 12.33 -3.77
CA VAL D 10 13.02 10.92 -3.96
C VAL D 10 13.17 10.14 -2.66
N VAL D 11 14.16 10.48 -1.88
CA VAL D 11 14.40 9.79 -0.62
C VAL D 11 13.29 10.10 0.39
N ALA D 12 12.90 11.34 0.45
CA ALA D 12 11.85 11.75 1.38
C ALA D 12 10.63 10.84 1.26
N ALA D 13 10.39 10.34 0.08
CA ALA D 13 9.24 9.47 -0.15
C ALA D 13 9.40 8.16 0.61
N SER D 14 10.62 7.75 0.82
CA SER D 14 10.90 6.51 1.53
C SER D 14 10.20 6.48 2.88
N ILE D 15 10.23 7.59 3.58
CA ILE D 15 9.60 7.67 4.89
C ILE D 15 8.16 7.18 4.84
N ILE D 16 7.51 7.42 3.73
CA ILE D 16 6.13 6.98 3.57
C ILE D 16 6.06 5.47 3.41
N GLY D 17 7.10 4.88 2.88
CA GLY D 17 7.14 3.43 2.66
C GLY D 17 7.12 2.63 3.98
N ILE D 18 8.00 2.98 4.88
CA ILE D 18 8.07 2.26 6.15
C ILE D 18 6.77 2.46 6.94
N LEU D 19 6.11 3.56 6.73
CA LEU D 19 4.86 3.82 7.42
C LEU D 19 3.82 2.76 7.07
N HIS D 20 3.77 2.39 5.83
CA HIS D 20 2.80 1.38 5.38
C HIS D 20 2.93 0.08 6.18
N PHE D 21 4.14 -0.33 6.43
CA PHE D 21 4.38 -1.57 7.15
C PHE D 21 3.79 -1.57 8.56
N ILE D 22 4.03 -0.53 9.31
CA ILE D 22 3.51 -0.48 10.68
C ILE D 22 1.98 -0.49 10.68
N ALA D 23 1.37 0.28 9.82
CA ALA D 23 -0.09 0.32 9.80
C ALA D 23 -0.66 -1.05 9.42
N TRP D 24 -0.06 -1.68 8.44
CA TRP D 24 -0.53 -2.98 7.98
C TRP D 24 -0.72 -3.93 9.16
N THR D 25 0.11 -3.78 10.16
CA THR D 25 0.01 -4.64 11.33
C THR D 25 -1.37 -4.50 11.99
N ILE D 26 -1.86 -3.29 12.08
CA ILE D 26 -3.17 -3.09 12.70
C ILE D 26 -4.28 -3.59 11.77
N GLY D 27 -4.27 -3.14 10.55
CA GLY D 27 -5.27 -3.54 9.57
C GLY D 27 -5.44 -5.06 9.53
N HIS D 28 -4.37 -5.74 9.83
CA HIS D 28 -4.37 -7.20 9.83
C HIS D 28 -5.43 -7.79 10.78
N LEU D 29 -5.76 -7.07 11.82
CA LEU D 29 -6.70 -7.57 12.80
C LEU D 29 -7.97 -8.13 12.16
N ASN D 30 -8.39 -7.58 11.05
CA ASN D 30 -9.60 -8.06 10.37
C ASN D 30 -9.47 -9.53 9.92
N GLN D 31 -8.40 -9.84 9.23
CA GLN D 31 -8.20 -11.17 8.72
C GLN D 31 -8.14 -12.22 9.84
N ILE D 32 -7.35 -11.97 10.83
CA ILE D 32 -7.21 -12.88 11.96
C ILE D 32 -8.47 -12.87 12.81
N LYS D 33 -9.37 -13.73 12.47
CA LYS D 33 -10.64 -13.84 13.19
C LYS D 33 -11.24 -12.46 13.46
N ARG D 34 -11.77 -12.27 14.63
CA ARG D 34 -12.37 -10.98 15.00
C ARG D 34 -12.78 -10.98 16.46
N GLY D 35 -12.87 -12.15 17.04
CA GLY D 35 -13.27 -12.27 18.43
C GLY D 35 -14.58 -11.54 18.70
N SER A 6 15.91 16.97 -16.23
CA SER A 6 14.49 16.66 -16.58
C SER A 6 14.23 15.18 -16.35
N ASP A 7 13.49 14.88 -15.32
CA ASP A 7 13.17 13.49 -15.00
C ASP A 7 12.07 13.42 -13.93
N PRO A 8 10.91 13.94 -14.23
CA PRO A 8 9.75 13.94 -13.29
C PRO A 8 9.04 12.59 -13.25
N LEU A 9 9.61 11.61 -13.92
CA LEU A 9 9.02 10.28 -13.95
C LEU A 9 9.06 9.63 -12.56
N VAL A 10 10.20 9.71 -11.92
CA VAL A 10 10.36 9.12 -10.60
C VAL A 10 9.57 9.90 -9.55
N VAL A 11 9.55 11.19 -9.67
CA VAL A 11 8.83 12.03 -8.72
C VAL A 11 7.33 11.85 -8.87
N ALA A 12 6.87 11.82 -10.09
CA ALA A 12 5.46 11.67 -10.38
C ALA A 12 4.86 10.50 -9.60
N ALA A 13 5.63 9.45 -9.45
CA ALA A 13 5.16 8.27 -8.73
C ALA A 13 4.91 8.57 -7.26
N SER A 14 5.64 9.51 -6.72
CA SER A 14 5.51 9.88 -5.31
C SER A 14 4.08 10.27 -4.96
N ILE A 15 3.46 11.06 -5.79
CA ILE A 15 2.09 11.50 -5.54
C ILE A 15 1.18 10.32 -5.19
N ILE A 16 1.48 9.18 -5.73
CA ILE A 16 0.68 7.98 -5.48
C ILE A 16 0.80 7.54 -4.03
N GLY A 17 1.93 7.80 -3.42
CA GLY A 17 2.15 7.41 -2.04
C GLY A 17 1.25 8.16 -1.07
N ILE A 18 1.22 9.46 -1.19
CA ILE A 18 0.40 10.27 -0.30
C ILE A 18 -1.08 10.01 -0.53
N LEU A 19 -1.44 9.65 -1.73
CA LEU A 19 -2.83 9.40 -2.08
C LEU A 19 -3.42 8.24 -1.27
N HIS A 20 -2.73 7.13 -1.22
CA HIS A 20 -3.24 5.96 -0.50
C HIS A 20 -3.51 6.28 0.98
N PHE A 21 -2.77 7.21 1.54
CA PHE A 21 -2.95 7.57 2.94
C PHE A 21 -4.38 8.06 3.20
N ILE A 22 -4.87 8.88 2.33
CA ILE A 22 -6.22 9.43 2.48
C ILE A 22 -7.25 8.30 2.56
N ALA A 23 -7.17 7.37 1.65
CA ALA A 23 -8.10 6.26 1.62
C ALA A 23 -7.87 5.33 2.81
N TRP A 24 -6.63 5.18 3.18
CA TRP A 24 -6.27 4.31 4.30
C TRP A 24 -7.15 4.59 5.52
N THR A 25 -7.53 5.82 5.68
CA THR A 25 -8.38 6.19 6.80
C THR A 25 -9.73 5.49 6.73
N ILE A 26 -10.21 5.25 5.54
CA ILE A 26 -11.49 4.58 5.36
C ILE A 26 -11.39 3.11 5.76
N GLY A 27 -10.37 2.45 5.31
CA GLY A 27 -10.20 1.02 5.62
C GLY A 27 -10.46 0.76 7.10
N HIS A 28 -10.32 1.78 7.89
CA HIS A 28 -10.54 1.67 9.32
C HIS A 28 -11.84 0.93 9.66
N LEU A 29 -12.83 0.95 8.78
CA LEU A 29 -14.09 0.30 9.08
C LEU A 29 -13.83 -1.09 9.71
N ASN A 30 -13.00 -1.88 9.09
CA ASN A 30 -12.72 -3.21 9.62
C ASN A 30 -12.35 -3.14 11.11
N GLN A 31 -11.69 -2.08 11.51
CA GLN A 31 -11.27 -1.91 12.90
C GLN A 31 -12.45 -1.58 13.81
N ILE A 32 -13.12 -0.51 13.51
CA ILE A 32 -14.26 -0.08 14.33
C ILE A 32 -15.36 -1.16 14.41
N LYS A 33 -15.45 -2.02 13.42
CA LYS A 33 -16.47 -3.07 13.42
C LYS A 33 -15.95 -4.30 14.14
N ARG A 34 -14.99 -4.97 13.54
CA ARG A 34 -14.40 -6.16 14.13
C ARG A 34 -13.29 -5.78 15.09
N GLY A 35 -13.13 -6.57 16.13
CA GLY A 35 -12.09 -6.31 17.11
C GLY A 35 -12.31 -7.14 18.37
N SER B 6 21.04 3.41 -15.86
CA SER B 6 20.38 3.62 -17.18
C SER B 6 19.38 2.51 -17.44
N ASP B 7 19.23 1.63 -16.48
CA ASP B 7 18.30 0.51 -16.61
C ASP B 7 16.91 0.92 -16.13
N PRO B 8 15.87 0.33 -16.66
CA PRO B 8 14.47 0.67 -16.25
C PRO B 8 14.15 0.13 -14.85
N LEU B 9 15.12 0.18 -13.98
CA LEU B 9 14.94 -0.30 -12.61
C LEU B 9 13.99 0.61 -11.83
N VAL B 10 14.22 1.89 -11.92
CA VAL B 10 13.38 2.86 -11.21
C VAL B 10 11.99 2.94 -11.84
N VAL B 11 11.93 2.80 -13.14
CA VAL B 11 10.66 2.86 -13.85
C VAL B 11 9.82 1.62 -13.54
N ALA B 12 10.45 0.47 -13.61
CA ALA B 12 9.76 -0.79 -13.34
C ALA B 12 8.98 -0.73 -12.02
N ALA B 13 9.54 -0.07 -11.05
CA ALA B 13 8.89 0.05 -9.74
C ALA B 13 7.54 0.73 -9.88
N SER B 14 7.43 1.61 -10.83
CA SER B 14 6.18 2.33 -11.06
C SER B 14 5.04 1.34 -11.31
N ILE B 15 5.35 0.26 -11.98
CA ILE B 15 4.35 -0.75 -12.29
C ILE B 15 3.67 -1.25 -11.02
N ILE B 16 4.43 -1.32 -9.95
CA ILE B 16 3.89 -1.77 -8.67
C ILE B 16 2.95 -0.72 -8.08
N GLY B 17 3.21 0.52 -8.38
CA GLY B 17 2.38 1.62 -7.86
C GLY B 17 0.96 1.58 -8.43
N ILE B 18 0.85 1.37 -9.71
CA ILE B 18 -0.47 1.33 -10.34
C ILE B 18 -1.29 0.15 -9.82
N LEU B 19 -0.66 -0.98 -9.70
CA LEU B 19 -1.36 -2.17 -9.21
C LEU B 19 -1.96 -1.88 -7.83
N HIS B 20 -1.18 -1.23 -7.01
CA HIS B 20 -1.60 -0.90 -5.65
C HIS B 20 -2.99 -0.25 -5.65
N PHE B 21 -3.18 0.71 -6.52
CA PHE B 21 -4.47 1.40 -6.59
C PHE B 21 -5.56 0.50 -7.17
N ILE B 22 -5.20 -0.32 -8.12
CA ILE B 22 -6.17 -1.23 -8.73
C ILE B 22 -6.71 -2.21 -7.70
N ALA B 23 -5.84 -2.76 -6.89
CA ALA B 23 -6.27 -3.72 -5.88
C ALA B 23 -7.10 -3.03 -4.79
N TRP B 24 -6.70 -1.83 -4.46
CA TRP B 24 -7.40 -1.05 -3.43
C TRP B 24 -8.91 -1.03 -3.69
N THR B 25 -9.28 -1.08 -4.93
CA THR B 25 -10.70 -1.06 -5.29
C THR B 25 -11.49 -2.10 -4.50
N ILE B 26 -10.88 -3.23 -4.25
CA ILE B 26 -11.54 -4.31 -3.52
C ILE B 26 -11.86 -3.88 -2.07
N GLY B 27 -10.88 -3.37 -1.40
CA GLY B 27 -11.06 -2.95 0.00
C GLY B 27 -12.30 -2.07 0.17
N HIS B 28 -12.65 -1.36 -0.86
CA HIS B 28 -13.80 -0.47 -0.83
C HIS B 28 -15.08 -1.20 -0.39
N LEU B 29 -15.14 -2.48 -0.63
CA LEU B 29 -16.33 -3.25 -0.28
C LEU B 29 -16.79 -2.99 1.16
N ASN B 30 -15.86 -2.82 2.08
CA ASN B 30 -16.22 -2.61 3.48
C ASN B 30 -16.99 -1.30 3.72
N GLN B 31 -16.47 -0.20 3.23
CA GLN B 31 -17.10 1.08 3.43
C GLN B 31 -18.42 1.20 2.68
N ILE B 32 -18.39 0.96 1.40
CA ILE B 32 -19.60 1.07 0.59
C ILE B 32 -20.78 0.32 1.23
N LYS B 33 -20.74 -0.98 1.20
CA LYS B 33 -21.83 -1.80 1.76
C LYS B 33 -21.27 -3.01 2.49
N ARG B 34 -22.04 -3.50 3.44
CA ARG B 34 -21.63 -4.67 4.22
C ARG B 34 -22.85 -5.43 4.72
N GLY B 35 -23.40 -6.26 3.87
CA GLY B 35 -24.56 -7.05 4.24
C GLY B 35 -25.64 -6.17 4.87
N SER C 6 25.87 4.74 -6.20
CA SER C 6 26.08 5.52 -4.95
C SER C 6 24.76 6.16 -4.53
N ASP C 7 23.69 5.42 -4.67
CA ASP C 7 22.37 5.95 -4.30
C ASP C 7 21.31 4.84 -4.37
N PRO C 8 21.51 3.76 -3.66
CA PRO C 8 20.54 2.62 -3.64
C PRO C 8 19.30 2.94 -2.81
N LEU C 9 19.07 4.20 -2.60
CA LEU C 9 17.91 4.64 -1.82
C LEU C 9 16.61 4.23 -2.52
N VAL C 10 16.54 4.50 -3.79
CA VAL C 10 15.34 4.16 -4.57
C VAL C 10 15.20 2.64 -4.73
N VAL C 11 16.28 1.99 -5.01
CA VAL C 11 16.27 0.54 -5.19
C VAL C 11 15.89 -0.16 -3.89
N ALA C 12 16.46 0.31 -2.81
CA ALA C 12 16.19 -0.27 -1.50
C ALA C 12 14.70 -0.13 -1.14
N ALA C 13 14.16 1.03 -1.37
CA ALA C 13 12.75 1.28 -1.04
C ALA C 13 11.83 0.41 -1.90
N SER C 14 12.27 0.08 -3.08
CA SER C 14 11.46 -0.73 -3.99
C SER C 14 11.04 -2.05 -3.33
N ILE C 15 11.96 -2.68 -2.65
CA ILE C 15 11.68 -3.96 -2.00
C ILE C 15 10.39 -3.89 -1.17
N ILE C 16 10.09 -2.71 -0.68
CA ILE C 16 8.91 -2.53 0.15
C ILE C 16 7.63 -2.66 -0.68
N GLY C 17 7.70 -2.29 -1.93
CA GLY C 17 6.52 -2.36 -2.80
C GLY C 17 6.10 -3.80 -3.08
N ILE C 18 7.03 -4.62 -3.49
CA ILE C 18 6.72 -6.01 -3.78
C ILE C 18 6.36 -6.77 -2.51
N LEU C 19 6.93 -6.34 -1.41
CA LEU C 19 6.68 -6.99 -0.13
C LEU C 19 5.21 -6.96 0.25
N HIS C 20 4.59 -5.81 0.16
CA HIS C 20 3.18 -5.69 0.54
C HIS C 20 2.29 -6.62 -0.28
N PHE C 21 2.69 -6.92 -1.48
CA PHE C 21 1.89 -7.79 -2.34
C PHE C 21 1.72 -9.18 -1.73
N ILE C 22 2.79 -9.72 -1.22
CA ILE C 22 2.72 -11.05 -0.61
C ILE C 22 1.66 -11.08 0.49
N ALA C 23 1.67 -10.09 1.33
CA ALA C 23 0.69 -10.00 2.41
C ALA C 23 -0.69 -9.72 1.86
N TRP C 24 -0.74 -8.93 0.80
CA TRP C 24 -2.01 -8.55 0.19
C TRP C 24 -2.89 -9.78 -0.03
N THR C 25 -2.28 -10.91 -0.24
CA THR C 25 -3.03 -12.14 -0.46
C THR C 25 -3.86 -12.49 0.78
N ILE C 26 -3.35 -12.18 1.93
CA ILE C 26 -4.06 -12.48 3.18
C ILE C 26 -5.36 -11.67 3.27
N GLY C 27 -5.29 -10.40 3.00
CA GLY C 27 -6.48 -9.56 3.09
C GLY C 27 -7.67 -10.20 2.38
N HIS C 28 -7.39 -10.98 1.36
CA HIS C 28 -8.47 -11.63 0.60
C HIS C 28 -9.41 -12.42 1.51
N LEU C 29 -8.91 -12.91 2.61
CA LEU C 29 -9.72 -13.70 3.52
C LEU C 29 -11.08 -13.03 3.79
N ASN C 30 -11.07 -11.75 4.03
CA ASN C 30 -12.31 -11.04 4.30
C ASN C 30 -13.37 -11.31 3.22
N GLN C 31 -12.98 -11.14 1.98
CA GLN C 31 -13.92 -11.34 0.85
C GLN C 31 -13.80 -12.73 0.23
N ILE C 32 -14.00 -13.77 1.02
CA ILE C 32 -13.96 -15.14 0.51
C ILE C 32 -14.44 -16.12 1.58
N LYS C 33 -15.72 -16.40 1.56
CA LYS C 33 -16.31 -17.32 2.53
C LYS C 33 -17.81 -17.47 2.28
N ARG C 34 -18.48 -16.37 2.03
CA ARG C 34 -19.91 -16.40 1.78
C ARG C 34 -20.22 -17.05 0.44
N GLY C 35 -21.49 -17.25 0.17
CA GLY C 35 -21.90 -17.86 -1.08
C GLY C 35 -21.35 -17.08 -2.28
N SER D 6 18.02 16.12 -7.43
CA SER D 6 19.19 16.28 -6.52
C SER D 6 18.69 16.53 -5.10
N ASP D 7 17.49 17.02 -4.99
CA ASP D 7 16.91 17.30 -3.67
C ASP D 7 16.46 16.00 -3.01
N PRO D 8 16.45 15.94 -1.70
CA PRO D 8 16.03 14.70 -0.97
C PRO D 8 14.51 14.49 -1.03
N LEU D 9 13.96 14.73 -2.19
CA LEU D 9 12.52 14.55 -2.38
C LEU D 9 12.16 13.07 -2.39
N VAL D 10 12.95 12.28 -3.07
CA VAL D 10 12.69 10.85 -3.17
C VAL D 10 12.94 10.12 -1.85
N VAL D 11 13.99 10.50 -1.17
CA VAL D 11 14.32 9.86 0.11
C VAL D 11 13.31 10.25 1.18
N ALA D 12 12.95 11.51 1.20
CA ALA D 12 12.00 12.00 2.19
C ALA D 12 10.69 11.21 2.11
N ALA D 13 10.26 10.91 0.92
CA ALA D 13 9.03 10.16 0.72
C ALA D 13 9.14 8.78 1.36
N SER D 14 10.34 8.26 1.42
CA SER D 14 10.55 6.94 1.99
C SER D 14 9.88 6.82 3.35
N ILE D 15 9.88 7.87 4.10
CA ILE D 15 9.27 7.86 5.43
C ILE D 15 7.83 7.37 5.34
N ILE D 16 7.19 7.71 4.25
CA ILE D 16 5.80 7.30 4.04
C ILE D 16 5.72 5.79 3.77
N GLY D 17 6.76 5.25 3.19
CA GLY D 17 6.80 3.82 2.86
C GLY D 17 6.80 2.94 4.10
N ILE D 18 7.60 3.30 5.08
CA ILE D 18 7.67 2.50 6.30
C ILE D 18 6.37 2.59 7.08
N LEU D 19 5.72 3.73 7.00
CA LEU D 19 4.47 3.93 7.72
C LEU D 19 3.48 2.81 7.39
N HIS D 20 3.42 2.43 6.15
CA HIS D 20 2.49 1.39 5.73
C HIS D 20 2.66 0.11 6.54
N PHE D 21 3.89 -0.27 6.78
CA PHE D 21 4.19 -1.50 7.51
C PHE D 21 3.56 -1.54 8.90
N ILE D 22 3.68 -0.49 9.66
CA ILE D 22 3.12 -0.49 11.02
C ILE D 22 1.60 -0.59 10.98
N ALA D 23 0.95 0.20 10.15
CA ALA D 23 -0.50 0.16 10.07
C ALA D 23 -0.98 -1.16 9.46
N TRP D 24 -0.25 -1.64 8.49
CA TRP D 24 -0.60 -2.90 7.83
C TRP D 24 -0.87 -3.98 8.86
N THR D 25 -0.24 -3.85 9.99
CA THR D 25 -0.42 -4.82 11.07
C THR D 25 -1.88 -4.89 11.51
N ILE D 26 -2.57 -3.78 11.39
CA ILE D 26 -3.98 -3.73 11.79
C ILE D 26 -4.83 -4.68 10.96
N GLY D 27 -4.71 -4.59 9.66
CA GLY D 27 -5.50 -5.43 8.76
C GLY D 27 -5.45 -6.90 9.16
N HIS D 28 -4.37 -7.31 9.76
CA HIS D 28 -4.22 -8.70 10.18
C HIS D 28 -5.26 -9.09 11.22
N LEU D 29 -5.70 -8.15 12.00
CA LEU D 29 -6.66 -8.45 13.07
C LEU D 29 -7.84 -9.30 12.58
N ASN D 30 -8.26 -9.12 11.35
CA ASN D 30 -9.41 -9.88 10.84
C ASN D 30 -9.16 -11.40 10.91
N GLN D 31 -8.07 -11.85 10.35
CA GLN D 31 -7.75 -13.25 10.34
C GLN D 31 -6.90 -13.66 11.55
N ILE D 32 -7.48 -13.60 12.73
CA ILE D 32 -6.76 -13.98 13.94
C ILE D 32 -7.68 -13.92 15.16
N LYS D 33 -8.11 -15.07 15.60
CA LYS D 33 -8.99 -15.16 16.76
C LYS D 33 -10.32 -14.46 16.50
N ARG D 34 -10.30 -13.15 16.56
CA ARG D 34 -11.51 -12.34 16.35
C ARG D 34 -12.74 -13.01 16.98
N GLY D 35 -13.90 -12.58 16.56
CA GLY D 35 -15.14 -13.13 17.08
C GLY D 35 -15.37 -14.55 16.56
N SER A 6 15.29 17.50 -16.98
CA SER A 6 13.85 17.20 -17.19
C SER A 6 13.61 15.71 -17.06
N ASP A 7 12.92 15.33 -16.02
CA ASP A 7 12.63 13.91 -15.78
C ASP A 7 11.67 13.75 -14.61
N PRO A 8 10.51 14.37 -14.67
CA PRO A 8 9.49 14.28 -13.60
C PRO A 8 8.81 12.91 -13.57
N LEU A 9 9.44 11.95 -14.18
CA LEU A 9 8.90 10.60 -14.23
C LEU A 9 8.96 9.94 -12.86
N VAL A 10 10.07 10.09 -12.18
CA VAL A 10 10.24 9.50 -10.86
C VAL A 10 9.39 10.23 -9.82
N VAL A 11 9.25 11.52 -9.98
CA VAL A 11 8.47 12.32 -9.05
C VAL A 11 6.98 12.03 -9.20
N ALA A 12 6.52 11.95 -10.42
CA ALA A 12 5.12 11.68 -10.69
C ALA A 12 4.64 10.47 -9.89
N ALA A 13 5.53 9.55 -9.65
CA ALA A 13 5.20 8.35 -8.89
C ALA A 13 4.96 8.67 -7.42
N SER A 14 5.62 9.68 -6.93
CA SER A 14 5.50 10.07 -5.53
C SER A 14 4.06 10.46 -5.19
N ILE A 15 3.44 11.23 -6.04
CA ILE A 15 2.07 11.67 -5.81
C ILE A 15 1.16 10.47 -5.51
N ILE A 16 1.51 9.34 -6.07
CA ILE A 16 0.73 8.13 -5.86
C ILE A 16 0.91 7.63 -4.42
N GLY A 17 2.05 7.90 -3.85
CA GLY A 17 2.33 7.46 -2.49
C GLY A 17 1.40 8.11 -1.47
N ILE A 18 1.21 9.39 -1.59
CA ILE A 18 0.34 10.11 -0.66
C ILE A 18 -1.12 9.74 -0.87
N LEU A 19 -1.46 9.39 -2.09
CA LEU A 19 -2.84 9.03 -2.41
C LEU A 19 -3.30 7.80 -1.63
N HIS A 20 -2.46 6.82 -1.52
CA HIS A 20 -2.83 5.61 -0.81
C HIS A 20 -3.00 5.87 0.68
N PHE A 21 -2.28 6.83 1.21
CA PHE A 21 -2.36 7.14 2.64
C PHE A 21 -3.73 7.70 3.02
N ILE A 22 -4.22 8.64 2.28
CA ILE A 22 -5.53 9.23 2.60
C ILE A 22 -6.61 8.15 2.64
N ALA A 23 -6.49 7.18 1.77
CA ALA A 23 -7.47 6.10 1.73
C ALA A 23 -7.32 5.19 2.95
N TRP A 24 -6.11 5.00 3.39
CA TRP A 24 -5.83 4.15 4.54
C TRP A 24 -6.67 4.58 5.74
N THR A 25 -6.88 5.86 5.86
CA THR A 25 -7.68 6.39 6.97
C THR A 25 -9.09 5.81 6.96
N ILE A 26 -9.62 5.63 5.78
CA ILE A 26 -10.97 5.09 5.63
C ILE A 26 -11.01 3.61 6.04
N GLY A 27 -10.11 2.83 5.51
CA GLY A 27 -10.06 1.40 5.81
C GLY A 27 -10.10 1.13 7.31
N HIS A 28 -9.62 2.06 8.07
CA HIS A 28 -9.59 1.92 9.52
C HIS A 28 -10.95 1.49 10.10
N LEU A 29 -12.03 1.81 9.43
CA LEU A 29 -13.35 1.50 9.96
C LEU A 29 -13.48 0.05 10.45
N ASN A 30 -12.80 -0.88 9.82
CA ASN A 30 -12.92 -2.28 10.23
C ASN A 30 -12.75 -2.41 11.75
N GLN A 31 -11.69 -1.87 12.26
CA GLN A 31 -11.46 -1.91 13.67
C GLN A 31 -12.50 -1.03 14.36
N ILE A 32 -12.12 -0.30 15.37
CA ILE A 32 -13.07 0.58 16.08
C ILE A 32 -14.32 -0.19 16.57
N LYS A 33 -14.48 -1.43 16.17
CA LYS A 33 -15.63 -2.21 16.60
C LYS A 33 -15.49 -3.66 16.16
N ARG A 34 -16.58 -4.38 16.20
CA ARG A 34 -16.58 -5.79 15.80
C ARG A 34 -15.41 -6.52 16.46
N GLY A 35 -15.69 -7.17 17.55
CA GLY A 35 -14.66 -7.91 18.26
C GLY A 35 -14.04 -8.98 17.37
N SER B 6 18.83 3.07 -19.50
CA SER B 6 18.63 1.60 -19.65
C SER B 6 18.63 0.95 -18.27
N ASP B 7 17.79 -0.04 -18.10
CA ASP B 7 17.67 -0.76 -16.83
C ASP B 7 16.77 0.04 -15.87
N PRO B 8 15.60 0.43 -16.31
CA PRO B 8 14.63 1.21 -15.47
C PRO B 8 14.26 0.49 -14.18
N LEU B 9 15.22 0.37 -13.29
CA LEU B 9 14.98 -0.29 -12.01
C LEU B 9 14.08 0.56 -11.11
N VAL B 10 14.41 1.81 -10.98
CA VAL B 10 13.63 2.73 -10.15
C VAL B 10 12.26 3.02 -10.77
N VAL B 11 12.24 3.16 -12.07
CA VAL B 11 10.99 3.43 -12.77
C VAL B 11 10.10 2.19 -12.74
N ALA B 12 10.69 1.07 -13.03
CA ALA B 12 9.93 -0.19 -13.05
C ALA B 12 9.09 -0.33 -11.78
N ALA B 13 9.58 0.23 -10.71
CA ALA B 13 8.86 0.17 -9.43
C ALA B 13 7.50 0.85 -9.56
N SER B 14 7.43 1.82 -10.43
CA SER B 14 6.19 2.55 -10.66
C SER B 14 5.04 1.58 -10.99
N ILE B 15 5.35 0.55 -11.73
CA ILE B 15 4.35 -0.43 -12.11
C ILE B 15 3.65 -1.01 -10.88
N ILE B 16 4.39 -1.13 -9.81
CA ILE B 16 3.83 -1.66 -8.56
C ILE B 16 2.85 -0.66 -7.95
N GLY B 17 3.12 0.61 -8.15
CA GLY B 17 2.27 1.67 -7.60
C GLY B 17 0.86 1.64 -8.19
N ILE B 18 0.78 1.50 -9.49
CA ILE B 18 -0.53 1.48 -10.15
C ILE B 18 -1.33 0.25 -9.73
N LEU B 19 -0.69 -0.88 -9.66
CA LEU B 19 -1.37 -2.11 -9.28
C LEU B 19 -2.00 -1.98 -7.90
N HIS B 20 -1.24 -1.46 -6.97
CA HIS B 20 -1.71 -1.29 -5.60
C HIS B 20 -3.07 -0.58 -5.59
N PHE B 21 -3.20 0.43 -6.40
CA PHE B 21 -4.45 1.19 -6.48
C PHE B 21 -5.58 0.35 -7.06
N ILE B 22 -5.26 -0.44 -8.05
CA ILE B 22 -6.27 -1.27 -8.70
C ILE B 22 -6.90 -2.24 -7.71
N ALA B 23 -6.08 -2.81 -6.85
CA ALA B 23 -6.58 -3.75 -5.86
C ALA B 23 -7.41 -3.03 -4.81
N TRP B 24 -6.95 -1.88 -4.41
CA TRP B 24 -7.64 -1.08 -3.40
C TRP B 24 -9.12 -0.94 -3.74
N THR B 25 -9.43 -0.93 -5.01
CA THR B 25 -10.82 -0.80 -5.43
C THR B 25 -11.65 -1.97 -4.90
N ILE B 26 -11.04 -3.13 -4.84
CA ILE B 26 -11.74 -4.32 -4.36
C ILE B 26 -12.06 -4.19 -2.87
N GLY B 27 -11.07 -3.87 -2.09
CA GLY B 27 -11.25 -3.74 -0.65
C GLY B 27 -12.45 -2.85 -0.31
N HIS B 28 -12.62 -1.80 -1.06
CA HIS B 28 -13.71 -0.86 -0.85
C HIS B 28 -15.06 -1.59 -0.71
N LEU B 29 -15.17 -2.74 -1.30
CA LEU B 29 -16.41 -3.50 -1.25
C LEU B 29 -16.97 -3.57 0.18
N ASN B 30 -16.11 -3.61 1.16
CA ASN B 30 -16.56 -3.74 2.55
C ASN B 30 -17.26 -2.49 3.10
N GLN B 31 -16.67 -1.33 2.95
CA GLN B 31 -17.24 -0.12 3.48
C GLN B 31 -18.51 0.29 2.74
N ILE B 32 -18.42 0.39 1.45
CA ILE B 32 -19.56 0.79 0.65
C ILE B 32 -20.82 0.04 1.09
N LYS B 33 -20.89 -1.24 0.79
CA LYS B 33 -22.04 -2.04 1.18
C LYS B 33 -21.61 -3.48 1.45
N ARG B 34 -22.31 -4.13 2.36
CA ARG B 34 -21.98 -5.51 2.68
C ARG B 34 -23.16 -6.16 3.43
N GLY B 35 -23.86 -7.02 2.76
CA GLY B 35 -25.00 -7.70 3.35
C GLY B 35 -25.59 -8.74 2.40
N SER C 6 26.19 2.20 -5.54
CA SER C 6 26.93 2.60 -4.31
C SER C 6 25.96 3.21 -3.31
N ASP C 7 24.88 3.77 -3.82
CA ASP C 7 23.86 4.41 -2.97
C ASP C 7 22.47 3.96 -3.40
N PRO C 8 22.17 2.70 -3.25
CA PRO C 8 20.84 2.13 -3.64
C PRO C 8 19.77 2.43 -2.59
N LEU C 9 19.72 3.66 -2.15
CA LEU C 9 18.74 4.07 -1.16
C LEU C 9 17.33 4.00 -1.73
N VAL C 10 17.15 4.54 -2.90
CA VAL C 10 15.86 4.55 -3.57
C VAL C 10 15.47 3.15 -4.02
N VAL C 11 16.45 2.36 -4.36
CA VAL C 11 16.20 0.99 -4.82
C VAL C 11 15.74 0.12 -3.66
N ALA C 12 16.45 0.18 -2.57
CA ALA C 12 16.13 -0.62 -1.39
C ALA C 12 14.66 -0.49 -1.02
N ALA C 13 14.10 0.68 -1.21
CA ALA C 13 12.70 0.91 -0.89
C ALA C 13 11.79 0.04 -1.75
N SER C 14 12.25 -0.26 -2.94
CA SER C 14 11.47 -1.09 -3.86
C SER C 14 10.97 -2.36 -3.19
N ILE C 15 11.79 -2.94 -2.36
CA ILE C 15 11.43 -4.17 -1.66
C ILE C 15 10.11 -4.02 -0.91
N ILE C 16 9.82 -2.81 -0.49
CA ILE C 16 8.59 -2.54 0.25
C ILE C 16 7.37 -2.65 -0.67
N GLY C 17 7.51 -2.23 -1.89
CA GLY C 17 6.39 -2.28 -2.83
C GLY C 17 5.95 -3.71 -3.10
N ILE C 18 6.89 -4.55 -3.42
CA ILE C 18 6.58 -5.95 -3.70
C ILE C 18 6.17 -6.67 -2.42
N LEU C 19 6.70 -6.21 -1.32
CA LEU C 19 6.40 -6.81 -0.02
C LEU C 19 4.90 -6.76 0.30
N HIS C 20 4.31 -5.60 0.15
CA HIS C 20 2.89 -5.45 0.46
C HIS C 20 2.02 -6.37 -0.39
N PHE C 21 2.48 -6.69 -1.57
CA PHE C 21 1.72 -7.57 -2.47
C PHE C 21 1.51 -8.94 -1.84
N ILE C 22 2.55 -9.46 -1.24
CA ILE C 22 2.47 -10.79 -0.63
C ILE C 22 1.40 -10.83 0.46
N ALA C 23 1.37 -9.81 1.28
CA ALA C 23 0.38 -9.75 2.35
C ALA C 23 -1.01 -9.50 1.79
N TRP C 24 -1.09 -8.67 0.79
CA TRP C 24 -2.37 -8.35 0.16
C TRP C 24 -3.15 -9.62 -0.17
N THR C 25 -2.43 -10.68 -0.44
CA THR C 25 -3.07 -11.95 -0.78
C THR C 25 -3.93 -12.43 0.39
N ILE C 26 -3.47 -12.23 1.58
CA ILE C 26 -4.20 -12.65 2.77
C ILE C 26 -5.55 -11.94 2.89
N GLY C 27 -5.53 -10.64 2.78
CA GLY C 27 -6.76 -9.85 2.89
C GLY C 27 -7.87 -10.39 1.98
N HIS C 28 -7.48 -10.95 0.88
CA HIS C 28 -8.45 -11.50 -0.08
C HIS C 28 -9.47 -12.41 0.60
N LEU C 29 -9.09 -13.04 1.68
CA LEU C 29 -10.00 -13.95 2.37
C LEU C 29 -11.36 -13.32 2.59
N ASN C 30 -11.41 -12.05 2.90
CA ASN C 30 -12.69 -11.39 3.13
C ASN C 30 -13.63 -11.64 1.95
N GLN C 31 -13.15 -11.41 0.76
CA GLN C 31 -13.94 -11.61 -0.45
C GLN C 31 -14.68 -12.94 -0.40
N ILE C 32 -14.01 -13.94 0.11
CA ILE C 32 -14.57 -15.28 0.21
C ILE C 32 -14.79 -15.67 1.67
N LYS C 33 -16.04 -15.80 2.01
CA LYS C 33 -16.48 -16.17 3.36
C LYS C 33 -16.79 -14.92 4.19
N ARG C 34 -18.02 -14.82 4.62
CA ARG C 34 -18.46 -13.69 5.44
C ARG C 34 -17.84 -12.37 4.97
N GLY C 35 -16.66 -12.06 5.46
CA GLY C 35 -15.99 -10.83 5.08
C GLY C 35 -14.69 -10.65 5.84
N SER D 6 18.50 14.64 -7.12
CA SER D 6 19.18 15.92 -6.78
C SER D 6 18.43 16.61 -5.64
N ASP D 7 17.56 15.87 -5.00
CA ASP D 7 16.79 16.42 -3.89
C ASP D 7 16.20 15.29 -3.05
N PRO D 8 15.98 15.50 -1.77
CA PRO D 8 15.40 14.46 -0.87
C PRO D 8 13.92 14.22 -1.15
N LEU D 9 13.50 14.59 -2.33
CA LEU D 9 12.10 14.43 -2.72
C LEU D 9 11.75 12.95 -2.86
N VAL D 10 12.60 12.22 -3.55
CA VAL D 10 12.38 10.79 -3.76
C VAL D 10 12.56 10.02 -2.46
N VAL D 11 13.51 10.43 -1.67
CA VAL D 11 13.79 9.77 -0.40
C VAL D 11 12.66 10.04 0.60
N ALA D 12 12.22 11.27 0.64
CA ALA D 12 11.16 11.65 1.56
C ALA D 12 9.98 10.69 1.45
N ALA D 13 9.77 10.16 0.28
CA ALA D 13 8.67 9.23 0.05
C ALA D 13 8.90 7.93 0.80
N SER D 14 10.14 7.58 0.99
CA SER D 14 10.48 6.35 1.70
C SER D 14 9.85 6.31 3.09
N ILE D 15 9.89 7.42 3.77
CA ILE D 15 9.31 7.51 5.11
C ILE D 15 7.85 7.07 5.09
N ILE D 16 7.16 7.39 4.04
CA ILE D 16 5.76 7.02 3.91
C ILE D 16 5.61 5.51 3.71
N GLY D 17 6.57 4.93 3.04
CA GLY D 17 6.53 3.49 2.76
C GLY D 17 6.53 2.65 4.03
N ILE D 18 7.37 3.01 4.97
CA ILE D 18 7.45 2.28 6.23
C ILE D 18 6.18 2.47 7.06
N LEU D 19 5.55 3.61 6.89
CA LEU D 19 4.32 3.90 7.63
C LEU D 19 3.26 2.83 7.37
N HIS D 20 3.11 2.44 6.15
CA HIS D 20 2.11 1.42 5.81
C HIS D 20 2.37 0.11 6.54
N PHE D 21 3.62 -0.23 6.73
CA PHE D 21 3.97 -1.48 7.40
C PHE D 21 3.46 -1.54 8.83
N ILE D 22 3.70 -0.52 9.60
CA ILE D 22 3.26 -0.53 11.00
C ILE D 22 1.74 -0.65 11.09
N ALA D 23 1.03 0.06 10.25
CA ALA D 23 -0.43 0.01 10.26
C ALA D 23 -0.92 -1.34 9.75
N TRP D 24 -0.29 -1.84 8.73
CA TRP D 24 -0.70 -3.13 8.15
C TRP D 24 -0.88 -4.18 9.23
N THR D 25 -0.14 -4.04 10.29
CA THR D 25 -0.23 -4.99 11.40
C THR D 25 -1.61 -4.92 12.06
N ILE D 26 -2.22 -3.77 12.05
CA ILE D 26 -3.53 -3.62 12.65
C ILE D 26 -4.59 -4.35 11.83
N GLY D 27 -4.62 -4.09 10.55
CA GLY D 27 -5.60 -4.74 9.68
C GLY D 27 -5.59 -6.25 9.86
N HIS D 28 -4.45 -6.78 10.16
CA HIS D 28 -4.29 -8.22 10.35
C HIS D 28 -5.17 -8.73 11.49
N LEU D 29 -5.46 -7.88 12.43
CA LEU D 29 -6.26 -8.28 13.59
C LEU D 29 -7.50 -9.06 13.17
N ASN D 30 -8.04 -8.76 12.02
CA ASN D 30 -9.24 -9.44 11.55
C ASN D 30 -9.03 -10.95 11.40
N GLN D 31 -7.99 -11.33 10.70
CA GLN D 31 -7.70 -12.72 10.47
C GLN D 31 -7.16 -13.40 11.73
N ILE D 32 -5.98 -13.02 12.11
CA ILE D 32 -5.32 -13.58 13.27
C ILE D 32 -6.21 -13.46 14.50
N LYS D 33 -7.03 -14.45 14.68
CA LYS D 33 -7.94 -14.48 15.82
C LYS D 33 -8.84 -13.26 15.82
N ARG D 34 -10.12 -13.50 15.69
CA ARG D 34 -11.09 -12.41 15.68
C ARG D 34 -11.39 -11.95 17.10
N GLY D 35 -11.30 -10.67 17.33
CA GLY D 35 -11.55 -10.10 18.65
C GLY D 35 -12.80 -10.73 19.28
N SER A 6 14.68 16.20 -18.74
CA SER A 6 13.30 15.96 -18.26
C SER A 6 13.12 14.48 -17.91
N ASP A 7 12.61 14.22 -16.74
CA ASP A 7 12.41 12.84 -16.31
C ASP A 7 11.59 12.79 -15.01
N PRO A 8 10.40 13.33 -15.04
CA PRO A 8 9.49 13.33 -13.85
C PRO A 8 8.81 11.99 -13.65
N LEU A 9 9.44 10.96 -14.13
CA LEU A 9 8.90 9.61 -14.02
C LEU A 9 8.96 9.11 -12.58
N VAL A 10 10.06 9.35 -11.93
CA VAL A 10 10.25 8.93 -10.54
C VAL A 10 9.38 9.74 -9.59
N VAL A 11 9.33 11.04 -9.81
CA VAL A 11 8.55 11.92 -8.94
C VAL A 11 7.06 11.66 -9.13
N ALA A 12 6.65 11.52 -10.36
CA ALA A 12 5.23 11.28 -10.65
C ALA A 12 4.71 10.10 -9.85
N ALA A 13 5.55 9.13 -9.63
CA ALA A 13 5.16 7.94 -8.88
C ALA A 13 4.96 8.25 -7.41
N SER A 14 5.68 9.20 -6.91
CA SER A 14 5.58 9.57 -5.50
C SER A 14 4.18 10.04 -5.13
N ILE A 15 3.60 10.85 -5.96
CA ILE A 15 2.26 11.37 -5.71
C ILE A 15 1.29 10.23 -5.39
N ILE A 16 1.57 9.07 -5.92
CA ILE A 16 0.72 7.91 -5.70
C ILE A 16 0.85 7.42 -4.25
N GLY A 17 1.99 7.63 -3.65
CA GLY A 17 2.21 7.19 -2.27
C GLY A 17 1.37 7.98 -1.26
N ILE A 18 1.42 9.28 -1.35
CA ILE A 18 0.66 10.12 -0.43
C ILE A 18 -0.84 9.95 -0.64
N LEU A 19 -1.23 9.63 -1.84
CA LEU A 19 -2.64 9.46 -2.16
C LEU A 19 -3.27 8.31 -1.39
N HIS A 20 -2.61 7.18 -1.36
CA HIS A 20 -3.17 6.02 -0.65
C HIS A 20 -3.46 6.33 0.81
N PHE A 21 -2.72 7.24 1.38
CA PHE A 21 -2.91 7.60 2.78
C PHE A 21 -4.34 8.03 3.09
N ILE A 22 -4.91 8.85 2.26
CA ILE A 22 -6.27 9.33 2.49
C ILE A 22 -7.26 8.17 2.61
N ALA A 23 -7.14 7.22 1.72
CA ALA A 23 -8.03 6.07 1.72
C ALA A 23 -7.73 5.16 2.89
N TRP A 24 -6.47 5.06 3.24
CA TRP A 24 -6.06 4.20 4.33
C TRP A 24 -6.92 4.45 5.57
N THR A 25 -7.36 5.66 5.72
CA THR A 25 -8.21 6.01 6.84
C THR A 25 -9.47 5.13 6.85
N ILE A 26 -9.89 4.74 5.68
CA ILE A 26 -11.08 3.90 5.55
C ILE A 26 -10.87 2.54 6.21
N GLY A 27 -9.75 1.93 5.95
CA GLY A 27 -9.49 0.61 6.53
C GLY A 27 -9.81 0.57 8.01
N HIS A 28 -9.72 1.69 8.66
CA HIS A 28 -9.99 1.78 10.10
C HIS A 28 -11.32 1.11 10.49
N LEU A 29 -12.30 1.16 9.64
CA LEU A 29 -13.60 0.59 9.96
C LEU A 29 -13.47 -0.81 10.58
N ASN A 30 -12.58 -1.64 10.10
CA ASN A 30 -12.47 -2.99 10.64
C ASN A 30 -12.45 -2.98 12.18
N GLN A 31 -11.57 -2.20 12.76
CA GLN A 31 -11.49 -2.13 14.20
C GLN A 31 -12.70 -1.36 14.73
N ILE A 32 -12.48 -0.38 15.59
CA ILE A 32 -13.58 0.41 16.18
C ILE A 32 -14.61 -0.46 16.92
N LYS A 33 -14.59 -1.75 16.72
CA LYS A 33 -15.53 -2.64 17.39
C LYS A 33 -15.12 -4.09 17.17
N ARG A 34 -13.88 -4.29 16.83
CA ARG A 34 -13.35 -5.63 16.58
C ARG A 34 -11.87 -5.69 16.91
N GLY A 35 -11.58 -5.82 18.18
CA GLY A 35 -10.20 -5.89 18.65
C GLY A 35 -9.58 -7.23 18.31
N SER B 6 19.21 2.91 -18.77
CA SER B 6 19.61 1.49 -18.96
C SER B 6 18.94 0.62 -17.90
N ASP B 7 17.79 0.08 -18.23
CA ASP B 7 17.06 -0.77 -17.30
C ASP B 7 16.41 0.09 -16.20
N PRO B 8 15.37 0.81 -16.54
CA PRO B 8 14.65 1.70 -15.57
C PRO B 8 14.22 0.93 -14.33
N LEU B 9 15.08 0.90 -13.35
CA LEU B 9 14.79 0.19 -12.10
C LEU B 9 13.74 0.92 -11.28
N VAL B 10 13.92 2.20 -11.10
CA VAL B 10 12.98 3.00 -10.32
C VAL B 10 11.65 3.16 -11.04
N VAL B 11 11.70 3.34 -12.33
CA VAL B 11 10.48 3.50 -13.12
C VAL B 11 9.74 2.18 -13.18
N ALA B 12 10.46 1.12 -13.45
CA ALA B 12 9.87 -0.20 -13.55
C ALA B 12 8.95 -0.46 -12.35
N ALA B 13 9.32 0.07 -11.22
CA ALA B 13 8.52 -0.10 -10.01
C ALA B 13 7.17 0.59 -10.16
N SER B 14 7.14 1.63 -10.95
CA SER B 14 5.90 2.38 -11.16
C SER B 14 4.75 1.45 -11.52
N ILE B 15 5.02 0.47 -12.36
CA ILE B 15 3.99 -0.47 -12.76
C ILE B 15 3.28 -1.05 -11.55
N ILE B 16 3.99 -1.14 -10.45
CA ILE B 16 3.41 -1.66 -9.22
C ILE B 16 2.40 -0.66 -8.65
N GLY B 17 2.63 0.61 -8.89
CA GLY B 17 1.74 1.65 -8.39
C GLY B 17 0.33 1.54 -8.97
N ILE B 18 0.24 1.37 -10.25
CA ILE B 18 -1.07 1.26 -10.90
C ILE B 18 -1.83 0.05 -10.39
N LEU B 19 -1.17 -1.06 -10.29
CA LEU B 19 -1.81 -2.29 -9.81
C LEU B 19 -2.33 -2.07 -8.39
N HIS B 20 -1.52 -1.49 -7.56
CA HIS B 20 -1.88 -1.22 -6.18
C HIS B 20 -3.23 -0.52 -6.09
N PHE B 21 -3.41 0.50 -6.87
CA PHE B 21 -4.66 1.25 -6.87
C PHE B 21 -5.83 0.42 -7.39
N ILE B 22 -5.58 -0.38 -8.39
CA ILE B 22 -6.64 -1.21 -8.96
C ILE B 22 -7.17 -2.20 -7.92
N ALA B 23 -6.28 -2.79 -7.16
CA ALA B 23 -6.69 -3.75 -6.13
C ALA B 23 -7.42 -3.04 -5.00
N TRP B 24 -6.92 -1.88 -4.64
CA TRP B 24 -7.52 -1.09 -3.56
C TRP B 24 -9.02 -0.97 -3.72
N THR B 25 -9.46 -1.00 -4.96
CA THR B 25 -10.89 -0.89 -5.25
C THR B 25 -11.69 -1.95 -4.49
N ILE B 26 -11.12 -3.12 -4.37
CA ILE B 26 -11.80 -4.22 -3.68
C ILE B 26 -12.07 -3.89 -2.21
N GLY B 27 -11.08 -3.41 -1.52
CA GLY B 27 -11.24 -3.08 -0.10
C GLY B 27 -12.49 -2.24 0.14
N HIS B 28 -12.86 -1.46 -0.83
CA HIS B 28 -14.04 -0.60 -0.72
C HIS B 28 -15.30 -1.38 -0.34
N LEU B 29 -15.32 -2.64 -0.69
CA LEU B 29 -16.50 -3.47 -0.42
C LEU B 29 -17.02 -3.27 1.01
N ASN B 30 -16.15 -3.03 1.95
CA ASN B 30 -16.57 -2.86 3.34
C ASN B 30 -17.52 -1.67 3.51
N GLN B 31 -17.16 -0.53 2.99
CA GLN B 31 -17.97 0.66 3.10
C GLN B 31 -19.38 0.45 2.56
N ILE B 32 -19.46 0.01 1.34
CA ILE B 32 -20.76 -0.22 0.69
C ILE B 32 -21.59 -1.25 1.47
N LYS B 33 -21.14 -2.49 1.48
CA LYS B 33 -21.86 -3.57 2.18
C LYS B 33 -21.01 -4.14 3.30
N ARG B 34 -21.62 -4.32 4.45
CA ARG B 34 -20.91 -4.88 5.61
C ARG B 34 -21.91 -5.46 6.59
N GLY B 35 -21.81 -6.74 6.83
CA GLY B 35 -22.71 -7.41 7.76
C GLY B 35 -24.16 -7.26 7.33
N SER C 6 26.77 4.31 -7.27
CA SER C 6 26.89 4.23 -5.78
C SER C 6 25.77 5.06 -5.15
N ASP C 7 24.61 4.48 -5.06
CA ASP C 7 23.46 5.18 -4.46
C ASP C 7 22.28 4.23 -4.32
N PRO C 8 22.43 3.18 -3.55
CA PRO C 8 21.36 2.17 -3.33
C PRO C 8 20.32 2.65 -2.31
N LEU C 9 20.48 3.87 -1.86
CA LEU C 9 19.56 4.43 -0.88
C LEU C 9 18.13 4.46 -1.41
N VAL C 10 17.96 4.99 -2.58
CA VAL C 10 16.63 5.08 -3.20
C VAL C 10 16.14 3.70 -3.63
N VAL C 11 17.05 2.86 -4.05
CA VAL C 11 16.71 1.52 -4.49
C VAL C 11 16.28 0.65 -3.32
N ALA C 12 16.99 0.75 -2.23
CA ALA C 12 16.70 -0.03 -1.04
C ALA C 12 15.21 0.06 -0.66
N ALA C 13 14.65 1.24 -0.79
CA ALA C 13 13.24 1.44 -0.45
C ALA C 13 12.33 0.56 -1.32
N SER C 14 12.76 0.28 -2.51
CA SER C 14 11.97 -0.54 -3.43
C SER C 14 11.55 -1.86 -2.78
N ILE C 15 12.45 -2.46 -2.05
CA ILE C 15 12.16 -3.75 -1.41
C ILE C 15 10.83 -3.70 -0.64
N ILE C 16 10.50 -2.55 -0.12
CA ILE C 16 9.27 -2.39 0.64
C ILE C 16 8.04 -2.48 -0.26
N GLY C 17 8.20 -2.09 -1.50
CA GLY C 17 7.07 -2.14 -2.44
C GLY C 17 6.62 -3.56 -2.72
N ILE C 18 7.54 -4.41 -3.04
CA ILE C 18 7.21 -5.80 -3.34
C ILE C 18 6.68 -6.52 -2.10
N LEU C 19 7.13 -6.09 -0.96
CA LEU C 19 6.72 -6.71 0.30
C LEU C 19 5.21 -6.58 0.53
N HIS C 20 4.68 -5.41 0.37
CA HIS C 20 3.26 -5.19 0.61
C HIS C 20 2.40 -6.11 -0.27
N PHE C 21 2.90 -6.46 -1.42
CA PHE C 21 2.14 -7.33 -2.33
C PHE C 21 1.90 -8.70 -1.70
N ILE C 22 2.92 -9.26 -1.10
CA ILE C 22 2.81 -10.57 -0.48
C ILE C 22 1.69 -10.60 0.54
N ALA C 23 1.66 -9.63 1.41
CA ALA C 23 0.63 -9.57 2.44
C ALA C 23 -0.74 -9.32 1.82
N TRP C 24 -0.77 -8.54 0.78
CA TRP C 24 -2.02 -8.21 0.10
C TRP C 24 -2.82 -9.47 -0.22
N THR C 25 -2.14 -10.54 -0.56
CA THR C 25 -2.81 -11.79 -0.89
C THR C 25 -3.75 -12.22 0.23
N ILE C 26 -3.26 -12.18 1.43
CA ILE C 26 -4.05 -12.58 2.60
C ILE C 26 -5.27 -11.68 2.76
N GLY C 27 -5.05 -10.39 2.72
CA GLY C 27 -6.14 -9.43 2.89
C GLY C 27 -7.33 -9.74 1.96
N HIS C 28 -7.04 -10.33 0.83
CA HIS C 28 -8.09 -10.66 -0.13
C HIS C 28 -9.18 -11.55 0.48
N LEU C 29 -8.80 -12.34 1.45
CA LEU C 29 -9.73 -13.26 2.08
C LEU C 29 -11.05 -12.57 2.42
N ASN C 30 -11.02 -11.34 2.82
CA ASN C 30 -12.27 -10.65 3.17
C ASN C 30 -13.31 -10.87 2.07
N GLN C 31 -12.87 -10.81 0.84
CA GLN C 31 -13.77 -10.99 -0.31
C GLN C 31 -13.85 -12.45 -0.75
N ILE C 32 -14.42 -13.30 0.08
CA ILE C 32 -14.55 -14.72 -0.29
C ILE C 32 -15.62 -15.42 0.56
N LYS C 33 -16.85 -15.34 0.11
CA LYS C 33 -17.94 -15.98 0.83
C LYS C 33 -19.26 -15.85 0.05
N ARG C 34 -20.21 -16.68 0.38
CA ARG C 34 -21.50 -16.66 -0.30
C ARG C 34 -21.31 -16.62 -1.82
N GLY C 35 -21.84 -15.60 -2.45
CA GLY C 35 -21.72 -15.47 -3.90
C GLY C 35 -22.25 -14.12 -4.36
N SER D 6 19.47 15.84 -7.12
CA SER D 6 20.30 15.68 -5.90
C SER D 6 19.42 15.89 -4.66
N ASP D 7 18.22 16.35 -4.88
CA ASP D 7 17.29 16.60 -3.79
C ASP D 7 16.70 15.26 -3.28
N PRO D 8 16.59 15.06 -1.98
CA PRO D 8 16.04 13.79 -1.43
C PRO D 8 14.51 13.72 -1.57
N LEU D 9 14.02 14.09 -2.71
CA LEU D 9 12.59 14.07 -2.95
C LEU D 9 12.08 12.63 -3.06
N VAL D 10 12.79 11.82 -3.81
CA VAL D 10 12.41 10.42 -4.00
C VAL D 10 12.61 9.60 -2.74
N VAL D 11 13.70 9.84 -2.06
CA VAL D 11 13.98 9.10 -0.83
C VAL D 11 13.02 9.53 0.28
N ALA D 12 12.78 10.80 0.37
CA ALA D 12 11.90 11.34 1.39
C ALA D 12 10.57 10.56 1.41
N ALA D 13 10.10 10.21 0.25
CA ALA D 13 8.84 9.48 0.13
C ALA D 13 8.94 8.10 0.76
N SER D 14 10.11 7.51 0.70
CA SER D 14 10.32 6.18 1.27
C SER D 14 9.92 6.15 2.75
N ILE D 15 10.20 7.22 3.45
CA ILE D 15 9.88 7.30 4.86
C ILE D 15 8.39 7.00 5.09
N ILE D 16 7.59 7.32 4.10
CA ILE D 16 6.16 7.07 4.17
C ILE D 16 5.86 5.57 4.08
N GLY D 17 6.71 4.86 3.40
CA GLY D 17 6.53 3.41 3.21
C GLY D 17 6.51 2.64 4.53
N ILE D 18 7.26 3.09 5.50
CA ILE D 18 7.30 2.39 6.78
C ILE D 18 5.93 2.43 7.46
N LEU D 19 5.26 3.54 7.34
CA LEU D 19 3.95 3.71 7.96
C LEU D 19 3.00 2.59 7.52
N HIS D 20 3.03 2.27 6.26
CA HIS D 20 2.15 1.24 5.71
C HIS D 20 2.24 -0.05 6.53
N PHE D 21 3.45 -0.50 6.76
CA PHE D 21 3.67 -1.73 7.51
C PHE D 21 3.11 -1.64 8.93
N ILE D 22 3.32 -0.52 9.57
CA ILE D 22 2.84 -0.35 10.94
C ILE D 22 1.32 -0.47 11.00
N ALA D 23 0.64 0.21 10.11
CA ALA D 23 -0.82 0.16 10.09
C ALA D 23 -1.32 -1.21 9.61
N TRP D 24 -0.59 -1.80 8.70
CA TRP D 24 -0.97 -3.10 8.16
C TRP D 24 -1.28 -4.07 9.31
N THR D 25 -0.66 -3.83 10.43
CA THR D 25 -0.87 -4.67 11.60
C THR D 25 -2.36 -4.70 12.00
N ILE D 26 -3.03 -3.58 11.81
CA ILE D 26 -4.44 -3.49 12.17
C ILE D 26 -5.27 -4.41 11.28
N GLY D 27 -5.10 -4.31 9.99
CA GLY D 27 -5.87 -5.13 9.07
C GLY D 27 -5.68 -6.62 9.33
N HIS D 28 -4.52 -6.98 9.84
CA HIS D 28 -4.24 -8.38 10.12
C HIS D 28 -5.04 -8.92 11.30
N LEU D 29 -5.32 -8.08 12.27
CA LEU D 29 -6.06 -8.51 13.45
C LEU D 29 -7.38 -9.20 13.08
N ASN D 30 -7.96 -8.82 11.97
CA ASN D 30 -9.23 -9.38 11.54
C ASN D 30 -9.14 -10.88 11.25
N GLN D 31 -8.18 -11.27 10.45
CA GLN D 31 -8.03 -12.65 10.09
C GLN D 31 -7.62 -13.52 11.28
N ILE D 32 -6.50 -13.20 11.84
CA ILE D 32 -5.98 -13.95 12.98
C ILE D 32 -7.03 -14.05 14.09
N LYS D 33 -7.35 -12.94 14.71
CA LYS D 33 -8.35 -12.91 15.79
C LYS D 33 -9.65 -12.29 15.32
N ARG D 34 -10.73 -12.64 15.96
CA ARG D 34 -12.04 -12.11 15.59
C ARG D 34 -13.04 -12.31 16.73
N GLY D 35 -12.56 -12.73 17.86
CA GLY D 35 -13.43 -12.95 19.02
C GLY D 35 -14.37 -14.13 18.76
N SER A 6 13.87 16.69 -16.55
CA SER A 6 14.36 15.93 -17.73
C SER A 6 13.95 14.46 -17.59
N ASP A 7 13.40 14.13 -16.45
CA ASP A 7 12.96 12.76 -16.20
C ASP A 7 12.21 12.64 -14.88
N PRO A 8 11.14 13.39 -14.73
CA PRO A 8 10.32 13.37 -13.48
C PRO A 8 9.41 12.15 -13.42
N LEU A 9 9.81 11.10 -14.09
CA LEU A 9 9.03 9.87 -14.13
C LEU A 9 8.94 9.24 -12.73
N VAL A 10 10.04 9.18 -12.04
CA VAL A 10 10.06 8.59 -10.71
C VAL A 10 9.33 9.45 -9.70
N VAL A 11 9.53 10.74 -9.79
CA VAL A 11 8.88 11.67 -8.87
C VAL A 11 7.37 11.63 -9.02
N ALA A 12 6.92 11.53 -10.24
CA ALA A 12 5.49 11.47 -10.50
C ALA A 12 4.84 10.32 -9.76
N ALA A 13 5.49 9.18 -9.79
CA ALA A 13 4.97 7.99 -9.12
C ALA A 13 4.77 8.21 -7.62
N SER A 14 5.65 8.96 -7.01
CA SER A 14 5.55 9.21 -5.58
C SER A 14 4.21 9.87 -5.23
N ILE A 15 3.81 10.82 -6.02
CA ILE A 15 2.56 11.52 -5.77
C ILE A 15 1.42 10.54 -5.53
N ILE A 16 1.43 9.45 -6.25
CA ILE A 16 0.40 8.43 -6.12
C ILE A 16 0.45 7.81 -4.73
N GLY A 17 1.62 7.76 -4.15
CA GLY A 17 1.78 7.15 -2.83
C GLY A 17 1.00 7.91 -1.76
N ILE A 18 1.17 9.20 -1.71
CA ILE A 18 0.49 10.02 -0.71
C ILE A 18 -1.03 9.89 -0.83
N LEU A 19 -1.50 9.64 -2.01
CA LEU A 19 -2.95 9.53 -2.24
C LEU A 19 -3.55 8.35 -1.48
N HIS A 20 -2.98 7.19 -1.62
CA HIS A 20 -3.51 5.99 -0.96
C HIS A 20 -3.75 6.22 0.53
N PHE A 21 -2.96 7.08 1.14
CA PHE A 21 -3.11 7.34 2.58
C PHE A 21 -4.50 7.84 2.92
N ILE A 22 -5.00 8.80 2.19
CA ILE A 22 -6.32 9.33 2.48
C ILE A 22 -7.32 8.19 2.62
N ALA A 23 -7.26 7.24 1.74
CA ALA A 23 -8.16 6.09 1.78
C ALA A 23 -7.82 5.14 2.93
N TRP A 24 -6.56 5.09 3.29
CA TRP A 24 -6.10 4.17 4.34
C TRP A 24 -6.94 4.24 5.61
N THR A 25 -7.47 5.38 5.92
CA THR A 25 -8.29 5.51 7.12
C THR A 25 -9.58 4.70 7.03
N ILE A 26 -10.12 4.58 5.85
CA ILE A 26 -11.37 3.83 5.65
C ILE A 26 -11.24 2.45 6.29
N GLY A 27 -10.12 1.81 6.08
CA GLY A 27 -9.91 0.48 6.61
C GLY A 27 -10.29 0.37 8.09
N HIS A 28 -10.20 1.46 8.81
CA HIS A 28 -10.54 1.45 10.24
C HIS A 28 -11.93 0.85 10.48
N LEU A 29 -12.83 1.07 9.56
CA LEU A 29 -14.20 0.59 9.71
C LEU A 29 -14.24 -0.86 10.21
N ASN A 30 -13.44 -1.74 9.65
CA ASN A 30 -13.48 -3.14 10.08
C ASN A 30 -13.47 -3.21 11.61
N GLN A 31 -12.55 -2.52 12.22
CA GLN A 31 -12.47 -2.49 13.66
C GLN A 31 -13.70 -1.76 14.21
N ILE A 32 -13.51 -0.80 15.09
CA ILE A 32 -14.63 -0.05 15.66
C ILE A 32 -15.87 -0.93 15.87
N LYS A 33 -15.70 -1.99 16.62
CA LYS A 33 -16.81 -2.90 16.91
C LYS A 33 -16.43 -3.90 17.98
N ARG A 34 -15.25 -3.73 18.53
CA ARG A 34 -14.76 -4.62 19.60
C ARG A 34 -13.89 -3.82 20.58
N GLY A 35 -13.85 -4.27 21.80
CA GLY A 35 -13.07 -3.59 22.83
C GLY A 35 -13.60 -2.19 23.08
N SER B 6 17.26 0.55 -20.45
CA SER B 6 18.34 -0.46 -20.34
C SER B 6 18.28 -1.12 -18.96
N ASP B 7 18.11 -0.31 -17.95
CA ASP B 7 18.04 -0.81 -16.57
C ASP B 7 16.97 -0.05 -15.78
N PRO B 8 15.73 -0.13 -16.22
CA PRO B 8 14.61 0.57 -15.54
C PRO B 8 14.27 -0.08 -14.18
N LEU B 9 15.25 -0.13 -13.32
CA LEU B 9 15.07 -0.72 -12.00
C LEU B 9 14.18 0.17 -11.12
N VAL B 10 14.50 1.43 -11.06
CA VAL B 10 13.74 2.37 -10.24
C VAL B 10 12.35 2.61 -10.85
N VAL B 11 12.28 2.58 -12.15
CA VAL B 11 11.01 2.78 -12.84
C VAL B 11 10.09 1.60 -12.59
N ALA B 12 10.62 0.43 -12.74
CA ALA B 12 9.84 -0.79 -12.55
C ALA B 12 9.05 -0.73 -11.24
N ALA B 13 9.62 -0.08 -10.25
CA ALA B 13 8.96 0.04 -8.96
C ALA B 13 7.67 0.86 -9.09
N SER B 14 7.66 1.79 -10.00
CA SER B 14 6.48 2.63 -10.21
C SER B 14 5.27 1.78 -10.57
N ILE B 15 5.48 0.79 -11.37
CA ILE B 15 4.40 -0.11 -11.79
C ILE B 15 3.65 -0.64 -10.57
N ILE B 16 4.34 -0.76 -9.47
CA ILE B 16 3.74 -1.27 -8.25
C ILE B 16 2.75 -0.23 -7.68
N GLY B 17 3.02 1.02 -7.91
CA GLY B 17 2.17 2.09 -7.41
C GLY B 17 0.77 2.05 -8.04
N ILE B 18 0.73 1.94 -9.34
CA ILE B 18 -0.56 1.89 -10.04
C ILE B 18 -1.30 0.60 -9.71
N LEU B 19 -0.57 -0.43 -9.43
CA LEU B 19 -1.17 -1.72 -9.11
C LEU B 19 -2.07 -1.61 -7.89
N HIS B 20 -1.58 -0.98 -6.85
CA HIS B 20 -2.35 -0.81 -5.62
C HIS B 20 -3.74 -0.26 -5.93
N PHE B 21 -3.79 0.79 -6.70
CA PHE B 21 -5.06 1.41 -7.05
C PHE B 21 -6.06 0.39 -7.58
N ILE B 22 -5.61 -0.50 -8.41
CA ILE B 22 -6.51 -1.50 -8.99
C ILE B 22 -7.12 -2.39 -7.91
N ALA B 23 -6.31 -2.93 -7.05
CA ALA B 23 -6.80 -3.80 -5.98
C ALA B 23 -7.59 -3.01 -4.95
N TRP B 24 -7.12 -1.83 -4.65
CA TRP B 24 -7.76 -0.98 -3.66
C TRP B 24 -9.26 -0.86 -3.92
N THR B 25 -9.65 -0.99 -5.16
CA THR B 25 -11.06 -0.90 -5.53
C THR B 25 -11.88 -1.98 -4.80
N ILE B 26 -11.32 -3.15 -4.68
CA ILE B 26 -12.03 -4.24 -4.02
C ILE B 26 -12.25 -3.96 -2.54
N GLY B 27 -11.21 -3.60 -1.85
CA GLY B 27 -11.31 -3.30 -0.42
C GLY B 27 -12.45 -2.34 -0.12
N HIS B 28 -12.73 -1.49 -1.07
CA HIS B 28 -13.80 -0.49 -0.91
C HIS B 28 -15.14 -1.16 -0.59
N LEU B 29 -15.31 -2.37 -1.04
CA LEU B 29 -16.57 -3.07 -0.83
C LEU B 29 -17.04 -2.97 0.63
N ASN B 30 -16.12 -2.98 1.56
CA ASN B 30 -16.49 -2.92 2.97
C ASN B 30 -17.18 -1.61 3.35
N GLN B 31 -16.62 -0.50 2.96
CA GLN B 31 -17.20 0.81 3.30
C GLN B 31 -18.50 1.06 2.57
N ILE B 32 -18.46 1.01 1.27
CA ILE B 32 -19.64 1.26 0.46
C ILE B 32 -20.83 0.42 0.94
N LYS B 33 -20.77 -0.87 0.69
CA LYS B 33 -21.84 -1.79 1.09
C LYS B 33 -21.37 -2.72 2.20
N ARG B 34 -22.27 -3.08 3.07
CA ARG B 34 -21.94 -3.98 4.19
C ARG B 34 -23.13 -4.87 4.52
N GLY B 35 -22.86 -6.10 4.87
CA GLY B 35 -23.91 -7.05 5.21
C GLY B 35 -24.96 -7.10 4.10
N SER C 6 25.76 5.86 -7.63
CA SER C 6 26.01 5.90 -6.17
C SER C 6 24.76 6.43 -5.46
N ASP C 7 23.69 5.70 -5.59
CA ASP C 7 22.42 6.09 -4.96
C ASP C 7 21.50 4.87 -4.82
N PRO C 8 21.93 3.88 -4.07
CA PRO C 8 21.13 2.64 -3.85
C PRO C 8 20.02 2.84 -2.82
N LEU C 9 19.93 4.04 -2.30
CA LEU C 9 18.91 4.35 -1.31
C LEU C 9 17.50 4.16 -1.88
N VAL C 10 17.31 4.58 -3.10
CA VAL C 10 16.00 4.45 -3.75
C VAL C 10 15.70 2.98 -4.07
N VAL C 11 16.67 2.27 -4.56
CA VAL C 11 16.48 0.86 -4.91
C VAL C 11 16.07 0.06 -3.68
N ALA C 12 16.72 0.33 -2.58
CA ALA C 12 16.43 -0.36 -1.33
C ALA C 12 14.95 -0.18 -0.96
N ALA C 13 14.50 1.05 -1.00
CA ALA C 13 13.12 1.36 -0.66
C ALA C 13 12.11 0.57 -1.51
N SER C 14 12.45 0.34 -2.75
CA SER C 14 11.55 -0.39 -3.65
C SER C 14 11.20 -1.77 -3.08
N ILE C 15 12.19 -2.45 -2.58
CA ILE C 15 11.97 -3.79 -2.04
C ILE C 15 10.76 -3.80 -1.09
N ILE C 16 10.58 -2.72 -0.38
CA ILE C 16 9.46 -2.62 0.55
C ILE C 16 8.13 -2.68 -0.20
N GLY C 17 8.11 -2.20 -1.42
CA GLY C 17 6.87 -2.20 -2.19
C GLY C 17 6.38 -3.60 -2.56
N ILE C 18 7.25 -4.39 -3.12
CA ILE C 18 6.87 -5.75 -3.51
C ILE C 18 6.48 -6.59 -2.30
N LEU C 19 7.05 -6.28 -1.17
CA LEU C 19 6.77 -7.04 0.04
C LEU C 19 5.29 -6.92 0.44
N HIS C 20 4.78 -5.73 0.52
CA HIS C 20 3.40 -5.54 0.92
C HIS C 20 2.43 -6.35 0.06
N PHE C 21 2.79 -6.60 -1.17
CA PHE C 21 1.92 -7.36 -2.06
C PHE C 21 1.59 -8.73 -1.49
N ILE C 22 2.59 -9.45 -1.07
CA ILE C 22 2.38 -10.78 -0.51
C ILE C 22 1.27 -10.75 0.54
N ALA C 23 1.31 -9.75 1.39
CA ALA C 23 0.31 -9.63 2.44
C ALA C 23 -1.06 -9.26 1.87
N TRP C 24 -1.06 -8.53 0.79
CA TRP C 24 -2.31 -8.10 0.16
C TRP C 24 -3.21 -9.30 -0.14
N THR C 25 -2.63 -10.35 -0.65
CA THR C 25 -3.40 -11.55 -0.97
C THR C 25 -4.16 -12.05 0.26
N ILE C 26 -3.50 -12.00 1.38
CA ILE C 26 -4.10 -12.46 2.63
C ILE C 26 -5.37 -11.68 2.96
N GLY C 27 -5.29 -10.39 2.92
CA GLY C 27 -6.45 -9.56 3.24
C GLY C 27 -7.69 -10.01 2.47
N HIS C 28 -7.48 -10.60 1.33
CA HIS C 28 -8.56 -11.06 0.47
C HIS C 28 -9.63 -11.92 1.20
N LEU C 29 -9.20 -12.79 2.09
CA LEU C 29 -10.16 -13.67 2.78
C LEU C 29 -11.28 -12.92 3.51
N ASN C 30 -11.04 -11.72 3.95
CA ASN C 30 -12.04 -11.01 4.77
C ASN C 30 -13.46 -11.07 4.23
N GLN C 31 -13.69 -10.75 2.98
CA GLN C 31 -15.06 -10.76 2.45
C GLN C 31 -15.12 -11.29 1.03
N ILE C 32 -14.51 -12.42 0.78
CA ILE C 32 -14.55 -13.03 -0.55
C ILE C 32 -15.65 -14.09 -0.58
N LYS C 33 -16.78 -13.78 0.01
CA LYS C 33 -17.90 -14.71 0.06
C LYS C 33 -19.18 -14.00 0.51
N ARG C 34 -19.24 -12.71 0.28
CA ARG C 34 -20.42 -11.94 0.67
C ARG C 34 -20.55 -10.68 -0.20
N GLY C 35 -21.68 -10.51 -0.81
CA GLY C 35 -21.92 -9.35 -1.66
C GLY C 35 -21.97 -8.07 -0.83
N SER D 6 21.02 16.12 -1.77
CA SER D 6 20.21 16.99 -2.68
C SER D 6 18.97 16.24 -3.13
N ASP D 7 18.01 16.96 -3.63
CA ASP D 7 16.76 16.35 -4.09
C ASP D 7 16.21 15.36 -3.06
N PRO D 8 15.96 15.82 -1.86
CA PRO D 8 15.42 14.97 -0.76
C PRO D 8 13.93 14.66 -0.98
N LEU D 9 13.47 14.96 -2.16
CA LEU D 9 12.07 14.71 -2.51
C LEU D 9 11.80 13.22 -2.63
N VAL D 10 12.68 12.53 -3.29
CA VAL D 10 12.54 11.08 -3.49
C VAL D 10 12.74 10.33 -2.19
N VAL D 11 13.64 10.81 -1.37
CA VAL D 11 13.93 10.16 -0.10
C VAL D 11 12.76 10.34 0.86
N ALA D 12 12.31 11.55 1.01
CA ALA D 12 11.20 11.84 1.92
C ALA D 12 10.03 10.89 1.66
N ALA D 13 9.85 10.50 0.43
CA ALA D 13 8.76 9.59 0.07
C ALA D 13 9.02 8.19 0.63
N SER D 14 10.26 7.80 0.66
CA SER D 14 10.62 6.47 1.17
C SER D 14 10.01 6.22 2.54
N ILE D 15 9.98 7.23 3.37
CA ILE D 15 9.43 7.10 4.70
C ILE D 15 7.95 6.72 4.65
N ILE D 16 7.28 7.13 3.61
CA ILE D 16 5.87 6.85 3.43
C ILE D 16 5.63 5.36 3.12
N GLY D 17 6.49 4.79 2.30
CA GLY D 17 6.34 3.39 1.92
C GLY D 17 6.51 2.44 3.10
N ILE D 18 7.48 2.72 3.93
CA ILE D 18 7.72 1.87 5.10
C ILE D 18 6.60 2.04 6.12
N LEU D 19 6.15 3.24 6.28
CA LEU D 19 5.08 3.54 7.23
C LEU D 19 3.91 2.57 7.04
N HIS D 20 3.65 2.21 5.81
CA HIS D 20 2.55 1.29 5.50
C HIS D 20 2.62 0.05 6.38
N PHE D 21 3.80 -0.49 6.55
CA PHE D 21 3.98 -1.69 7.34
C PHE D 21 3.46 -1.49 8.78
N ILE D 22 3.68 -0.32 9.33
CA ILE D 22 3.24 -0.05 10.69
C ILE D 22 1.73 -0.16 10.81
N ALA D 23 1.01 0.49 9.95
CA ALA D 23 -0.45 0.46 9.99
C ALA D 23 -0.97 -0.91 9.55
N TRP D 24 -0.30 -1.52 8.62
CA TRP D 24 -0.70 -2.83 8.11
C TRP D 24 -0.97 -3.78 9.27
N THR D 25 -0.29 -3.56 10.36
CA THR D 25 -0.46 -4.39 11.54
C THR D 25 -1.93 -4.54 11.91
N ILE D 26 -2.69 -3.49 11.73
CA ILE D 26 -4.11 -3.52 12.07
C ILE D 26 -4.87 -4.45 11.12
N GLY D 27 -4.70 -4.26 9.84
CA GLY D 27 -5.40 -5.08 8.85
C GLY D 27 -5.12 -6.57 9.06
N HIS D 28 -3.97 -6.86 9.60
CA HIS D 28 -3.57 -8.24 9.85
C HIS D 28 -4.58 -8.97 10.75
N LEU D 29 -5.26 -8.25 11.59
CA LEU D 29 -6.21 -8.86 12.51
C LEU D 29 -7.11 -9.88 11.80
N ASN D 30 -7.38 -9.68 10.54
CA ASN D 30 -8.27 -10.59 9.81
C ASN D 30 -7.86 -12.05 10.00
N GLN D 31 -6.61 -12.39 9.74
CA GLN D 31 -6.15 -13.74 9.85
C GLN D 31 -5.75 -14.08 11.29
N ILE D 32 -4.75 -13.42 11.79
CA ILE D 32 -4.26 -13.68 13.14
C ILE D 32 -5.32 -13.37 14.22
N LYS D 33 -6.56 -13.21 13.83
CA LYS D 33 -7.61 -12.92 14.81
C LYS D 33 -8.99 -13.03 14.16
N ARG D 34 -9.80 -13.91 14.69
CA ARG D 34 -11.15 -14.10 14.15
C ARG D 34 -12.03 -14.82 15.17
N GLY D 35 -12.54 -14.08 16.12
CA GLY D 35 -13.39 -14.67 17.14
C GLY D 35 -13.90 -13.60 18.11
N SER A 6 14.61 17.24 -15.69
CA SER A 6 13.92 16.66 -16.88
C SER A 6 13.69 15.17 -16.65
N ASP A 7 12.93 14.85 -15.62
CA ASP A 7 12.64 13.46 -15.30
C ASP A 7 11.62 13.37 -14.17
N PRO A 8 10.44 13.90 -14.37
CA PRO A 8 9.36 13.89 -13.35
C PRO A 8 8.64 12.53 -13.30
N LEU A 9 9.19 11.56 -13.98
CA LEU A 9 8.59 10.23 -14.01
C LEU A 9 8.66 9.58 -12.62
N VAL A 10 9.79 9.69 -11.98
CA VAL A 10 9.97 9.11 -10.66
C VAL A 10 9.16 9.85 -9.60
N VAL A 11 9.03 11.13 -9.77
CA VAL A 11 8.28 11.95 -8.81
C VAL A 11 6.79 11.64 -8.90
N ALA A 12 6.29 11.54 -10.12
CA ALA A 12 4.88 11.26 -10.34
C ALA A 12 4.41 10.07 -9.52
N ALA A 13 5.25 9.07 -9.42
CA ALA A 13 4.89 7.87 -8.66
C ALA A 13 4.67 8.19 -7.19
N SER A 14 5.42 9.14 -6.68
CA SER A 14 5.30 9.52 -5.28
C SER A 14 3.88 10.02 -4.97
N ILE A 15 3.33 10.79 -5.87
CA ILE A 15 1.99 11.33 -5.68
C ILE A 15 0.98 10.22 -5.37
N ILE A 16 1.22 9.06 -5.91
CA ILE A 16 0.32 7.93 -5.69
C ILE A 16 0.42 7.42 -4.25
N GLY A 17 1.58 7.58 -3.66
CA GLY A 17 1.80 7.12 -2.29
C GLY A 17 0.93 7.87 -1.27
N ILE A 18 0.88 9.17 -1.40
CA ILE A 18 0.09 9.98 -0.49
C ILE A 18 -1.41 9.70 -0.64
N LEU A 19 -1.81 9.32 -1.83
CA LEU A 19 -3.23 9.06 -2.09
C LEU A 19 -3.75 7.89 -1.24
N HIS A 20 -3.04 6.80 -1.20
CA HIS A 20 -3.49 5.65 -0.43
C HIS A 20 -3.70 6.00 1.04
N PHE A 21 -2.96 6.96 1.53
CA PHE A 21 -3.06 7.35 2.93
C PHE A 21 -4.49 7.76 3.32
N ILE A 22 -5.11 8.59 2.55
CA ILE A 22 -6.46 9.04 2.91
C ILE A 22 -7.43 7.85 2.99
N ALA A 23 -7.32 6.93 2.08
CA ALA A 23 -8.20 5.76 2.10
C ALA A 23 -7.85 4.85 3.27
N TRP A 24 -6.59 4.76 3.57
CA TRP A 24 -6.10 3.91 4.65
C TRP A 24 -6.88 4.15 5.94
N THR A 25 -7.29 5.36 6.16
CA THR A 25 -8.05 5.70 7.35
C THR A 25 -9.37 4.92 7.40
N ILE A 26 -9.91 4.63 6.25
CA ILE A 26 -11.17 3.91 6.16
C ILE A 26 -11.08 2.54 6.80
N GLY A 27 -10.04 1.80 6.48
CA GLY A 27 -9.86 0.45 7.00
C GLY A 27 -10.08 0.39 8.52
N HIS A 28 -9.82 1.47 9.19
CA HIS A 28 -9.99 1.52 10.64
C HIS A 28 -11.35 0.97 11.06
N LEU A 29 -12.32 1.07 10.20
CA LEU A 29 -13.67 0.62 10.52
C LEU A 29 -13.67 -0.75 11.20
N ASN A 30 -12.86 -1.68 10.73
CA ASN A 30 -12.84 -3.00 11.37
C ASN A 30 -12.74 -2.83 12.87
N GLN A 31 -11.79 -2.03 13.29
CA GLN A 31 -11.60 -1.72 14.70
C GLN A 31 -12.38 -0.43 14.98
N ILE A 32 -12.43 0.01 16.21
CA ILE A 32 -13.16 1.26 16.55
C ILE A 32 -14.68 1.03 16.55
N LYS A 33 -15.15 0.13 15.72
CA LYS A 33 -16.59 -0.16 15.63
C LYS A 33 -16.97 -1.29 16.57
N ARG A 34 -16.43 -2.46 16.33
CA ARG A 34 -16.75 -3.61 17.16
C ARG A 34 -16.20 -3.42 18.57
N GLY A 35 -15.03 -2.84 18.65
CA GLY A 35 -14.41 -2.60 19.95
C GLY A 35 -14.06 -3.90 20.64
N SER B 6 20.68 4.03 -15.71
CA SER B 6 20.05 4.22 -17.05
C SER B 6 19.06 3.08 -17.30
N ASP B 7 19.01 2.15 -16.39
CA ASP B 7 18.10 1.01 -16.51
C ASP B 7 16.72 1.38 -15.96
N PRO B 8 15.67 0.77 -16.47
CA PRO B 8 14.27 1.05 -16.00
C PRO B 8 14.02 0.50 -14.59
N LEU B 9 15.02 0.62 -13.75
CA LEU B 9 14.90 0.14 -12.37
C LEU B 9 13.89 0.98 -11.59
N VAL B 10 14.03 2.28 -11.68
CA VAL B 10 13.14 3.19 -10.97
C VAL B 10 11.74 3.16 -11.59
N VAL B 11 11.69 2.99 -12.88
CA VAL B 11 10.40 2.95 -13.58
C VAL B 11 9.65 1.66 -13.23
N ALA B 12 10.35 0.56 -13.25
CA ALA B 12 9.74 -0.73 -12.94
C ALA B 12 8.93 -0.64 -11.65
N ALA B 13 9.42 0.13 -10.72
CA ALA B 13 8.74 0.29 -9.43
C ALA B 13 7.35 0.90 -9.64
N SER B 14 7.22 1.70 -10.66
CA SER B 14 5.95 2.36 -10.96
C SER B 14 4.84 1.33 -11.16
N ILE B 15 5.16 0.26 -11.83
CA ILE B 15 4.18 -0.79 -12.10
C ILE B 15 3.51 -1.23 -10.80
N ILE B 16 4.22 -1.12 -9.71
CA ILE B 16 3.67 -1.50 -8.41
C ILE B 16 2.61 -0.48 -7.98
N GLY B 17 2.76 0.74 -8.40
CA GLY B 17 1.82 1.80 -8.04
C GLY B 17 0.43 1.53 -8.62
N ILE B 18 0.37 1.26 -9.89
CA ILE B 18 -0.90 1.00 -10.54
C ILE B 18 -1.57 -0.25 -9.97
N LEU B 19 -0.78 -1.28 -9.75
CA LEU B 19 -1.32 -2.52 -9.20
C LEU B 19 -1.92 -2.25 -7.83
N HIS B 20 -1.20 -1.51 -7.03
CA HIS B 20 -1.64 -1.16 -5.69
C HIS B 20 -2.96 -0.38 -5.71
N PHE B 21 -3.07 0.54 -6.63
CA PHE B 21 -4.28 1.37 -6.73
C PHE B 21 -5.49 0.59 -7.24
N ILE B 22 -5.33 -0.18 -8.27
CA ILE B 22 -6.46 -0.94 -8.82
C ILE B 22 -6.91 -2.02 -7.86
N ALA B 23 -6.01 -2.55 -7.08
CA ALA B 23 -6.39 -3.59 -6.12
C ALA B 23 -7.21 -2.99 -4.98
N TRP B 24 -6.81 -1.83 -4.56
CA TRP B 24 -7.49 -1.12 -3.48
C TRP B 24 -8.99 -0.96 -3.75
N THR B 25 -9.32 -0.73 -4.98
CA THR B 25 -10.73 -0.56 -5.36
C THR B 25 -11.56 -1.77 -4.90
N ILE B 26 -10.98 -2.94 -4.99
CA ILE B 26 -11.70 -4.15 -4.59
C ILE B 26 -12.00 -4.15 -3.09
N GLY B 27 -11.01 -3.89 -2.29
CA GLY B 27 -11.18 -3.87 -0.84
C GLY B 27 -12.38 -3.03 -0.43
N HIS B 28 -12.67 -2.03 -1.21
CA HIS B 28 -13.79 -1.13 -0.94
C HIS B 28 -15.12 -1.89 -0.92
N LEU B 29 -15.18 -2.98 -1.63
CA LEU B 29 -16.42 -3.76 -1.68
C LEU B 29 -16.99 -4.04 -0.29
N ASN B 30 -16.13 -4.17 0.70
CA ASN B 30 -16.59 -4.48 2.06
C ASN B 30 -17.36 -3.34 2.73
N GLN B 31 -16.82 -2.15 2.71
CA GLN B 31 -17.46 -1.03 3.35
C GLN B 31 -18.74 -0.61 2.63
N ILE B 32 -18.66 -0.45 1.35
CA ILE B 32 -19.83 -0.03 0.58
C ILE B 32 -21.03 -0.94 0.84
N LYS B 33 -20.94 -2.19 0.41
CA LYS B 33 -22.04 -3.15 0.61
C LYS B 33 -21.51 -4.45 1.20
N ARG B 34 -22.41 -5.25 1.71
CA ARG B 34 -22.05 -6.53 2.31
C ARG B 34 -23.21 -7.51 2.23
N GLY B 35 -24.37 -7.07 2.61
CA GLY B 35 -25.56 -7.92 2.58
C GLY B 35 -25.43 -9.07 3.56
N SER C 6 27.65 5.32 -5.88
CA SER C 6 26.76 4.34 -5.20
C SER C 6 25.53 5.05 -4.66
N ASP C 7 24.42 4.37 -4.64
CA ASP C 7 23.18 4.96 -4.14
C ASP C 7 22.07 3.91 -4.07
N PRO C 8 22.28 2.86 -3.31
CA PRO C 8 21.28 1.77 -3.14
C PRO C 8 20.14 2.16 -2.21
N LEU C 9 20.14 3.41 -1.82
CA LEU C 9 19.10 3.91 -0.92
C LEU C 9 17.73 3.86 -1.60
N VAL C 10 17.66 4.34 -2.81
CA VAL C 10 16.41 4.36 -3.56
C VAL C 10 16.02 2.95 -3.98
N VAL C 11 16.99 2.16 -4.32
CA VAL C 11 16.75 0.78 -4.74
C VAL C 11 16.28 -0.08 -3.56
N ALA C 12 16.94 0.09 -2.46
CA ALA C 12 16.61 -0.69 -1.26
C ALA C 12 15.14 -0.49 -0.85
N ALA C 13 14.65 0.71 -0.99
CA ALA C 13 13.27 0.99 -0.61
C ALA C 13 12.29 0.21 -1.50
N SER C 14 12.70 -0.03 -2.71
CA SER C 14 11.86 -0.76 -3.67
C SER C 14 11.33 -2.06 -3.05
N ILE C 15 12.15 -2.69 -2.26
CA ILE C 15 11.76 -3.96 -1.64
C ILE C 15 10.45 -3.83 -0.85
N ILE C 16 10.21 -2.65 -0.34
CA ILE C 16 9.01 -2.40 0.46
C ILE C 16 7.74 -2.47 -0.39
N GLY C 17 7.82 -1.99 -1.60
CA GLY C 17 6.66 -1.99 -2.48
C GLY C 17 6.21 -3.40 -2.85
N ILE C 18 7.14 -4.24 -3.21
CA ILE C 18 6.81 -5.61 -3.58
C ILE C 18 6.38 -6.41 -2.36
N LEU C 19 6.90 -6.05 -1.21
CA LEU C 19 6.58 -6.75 0.02
C LEU C 19 5.09 -6.67 0.36
N HIS C 20 4.52 -5.51 0.29
CA HIS C 20 3.10 -5.34 0.63
C HIS C 20 2.21 -6.26 -0.21
N PHE C 21 2.63 -6.55 -1.40
CA PHE C 21 1.85 -7.42 -2.29
C PHE C 21 1.68 -8.81 -1.70
N ILE C 22 2.73 -9.32 -1.11
CA ILE C 22 2.68 -10.66 -0.52
C ILE C 22 1.57 -10.75 0.52
N ALA C 23 1.51 -9.77 1.38
CA ALA C 23 0.49 -9.76 2.43
C ALA C 23 -0.89 -9.51 1.84
N TRP C 24 -0.94 -8.69 0.81
CA TRP C 24 -2.20 -8.36 0.17
C TRP C 24 -3.00 -9.63 -0.13
N THR C 25 -2.30 -10.70 -0.37
CA THR C 25 -2.93 -11.97 -0.67
C THR C 25 -3.94 -12.34 0.42
N ILE C 26 -3.55 -12.17 1.66
CA ILE C 26 -4.44 -12.51 2.77
C ILE C 26 -5.69 -11.62 2.75
N GLY C 27 -5.49 -10.34 2.62
CA GLY C 27 -6.61 -9.40 2.62
C GLY C 27 -7.71 -9.83 1.65
N HIS C 28 -7.33 -10.46 0.57
CA HIS C 28 -8.31 -10.91 -0.42
C HIS C 28 -9.43 -11.72 0.22
N LEU C 29 -9.14 -12.37 1.32
CA LEU C 29 -10.13 -13.21 1.98
C LEU C 29 -11.47 -12.47 2.10
N ASN C 30 -11.44 -11.20 2.40
CA ASN C 30 -12.68 -10.46 2.52
C ASN C 30 -13.59 -10.68 1.31
N GLN C 31 -13.00 -10.83 0.15
CA GLN C 31 -13.76 -11.02 -1.08
C GLN C 31 -14.37 -12.41 -1.19
N ILE C 32 -13.55 -13.41 -1.04
CA ILE C 32 -14.01 -14.79 -1.16
C ILE C 32 -15.05 -15.15 -0.08
N LYS C 33 -14.71 -15.00 1.19
CA LYS C 33 -15.64 -15.33 2.27
C LYS C 33 -17.08 -14.96 1.92
N ARG C 34 -18.01 -15.73 2.41
CA ARG C 34 -19.42 -15.47 2.14
C ARG C 34 -19.63 -15.18 0.65
N GLY C 35 -19.57 -13.93 0.30
CA GLY C 35 -19.75 -13.53 -1.10
C GLY C 35 -19.27 -12.10 -1.32
N SER D 6 19.42 15.25 -6.58
CA SER D 6 20.19 16.17 -5.70
C SER D 6 19.47 16.31 -4.36
N ASP D 7 18.30 16.90 -4.39
CA ASP D 7 17.52 17.09 -3.18
C ASP D 7 16.97 15.74 -2.68
N PRO D 8 16.75 15.59 -1.39
CA PRO D 8 16.21 14.33 -0.82
C PRO D 8 14.72 14.14 -1.14
N LEU D 9 14.38 14.37 -2.38
CA LEU D 9 13.00 14.22 -2.83
C LEU D 9 12.60 12.75 -2.85
N VAL D 10 13.47 11.92 -3.35
CA VAL D 10 13.22 10.49 -3.42
C VAL D 10 13.25 9.85 -2.03
N VAL D 11 14.16 10.32 -1.22
CA VAL D 11 14.29 9.78 0.14
C VAL D 11 13.07 10.15 0.98
N ALA D 12 12.69 11.39 0.93
CA ALA D 12 11.54 11.86 1.69
C ALA D 12 10.33 10.96 1.49
N ALA D 13 10.19 10.43 0.30
CA ALA D 13 9.07 9.55 -0.03
C ALA D 13 9.20 8.21 0.72
N SER D 14 10.41 7.80 0.98
CA SER D 14 10.64 6.53 1.66
C SER D 14 9.92 6.50 3.02
N ILE D 15 9.99 7.58 3.74
CA ILE D 15 9.34 7.66 5.05
C ILE D 15 7.88 7.22 4.94
N ILE D 16 7.27 7.52 3.83
CA ILE D 16 5.88 7.15 3.60
C ILE D 16 5.77 5.63 3.40
N GLY D 17 6.80 5.03 2.89
CA GLY D 17 6.80 3.59 2.64
C GLY D 17 6.72 2.78 3.93
N ILE D 18 7.53 3.12 4.89
CA ILE D 18 7.53 2.40 6.16
C ILE D 18 6.17 2.49 6.84
N LEU D 19 5.59 3.66 6.81
CA LEU D 19 4.29 3.87 7.44
C LEU D 19 3.31 2.78 7.01
N HIS D 20 3.46 2.30 5.81
CA HIS D 20 2.56 1.27 5.31
C HIS D 20 2.72 -0.04 6.08
N PHE D 21 3.95 -0.41 6.37
CA PHE D 21 4.20 -1.67 7.08
C PHE D 21 3.67 -1.66 8.52
N ILE D 22 3.98 -0.65 9.27
CA ILE D 22 3.51 -0.61 10.65
C ILE D 22 1.99 -0.57 10.70
N ALA D 23 1.39 0.17 9.80
CA ALA D 23 -0.05 0.27 9.77
C ALA D 23 -0.67 -1.06 9.34
N TRP D 24 -0.05 -1.69 8.37
CA TRP D 24 -0.54 -2.96 7.86
C TRP D 24 -0.79 -3.94 9.00
N THR D 25 -0.05 -3.78 10.05
CA THR D 25 -0.19 -4.66 11.20
C THR D 25 -1.50 -4.40 11.92
N ILE D 26 -1.92 -3.17 11.96
CA ILE D 26 -3.16 -2.81 12.64
C ILE D 26 -4.38 -3.34 11.87
N GLY D 27 -4.43 -3.03 10.60
CA GLY D 27 -5.55 -3.47 9.76
C GLY D 27 -5.65 -4.99 9.72
N HIS D 28 -4.54 -5.63 9.90
CA HIS D 28 -4.46 -7.09 9.88
C HIS D 28 -5.42 -7.74 10.89
N LEU D 29 -5.75 -7.06 11.96
CA LEU D 29 -6.62 -7.63 12.99
C LEU D 29 -7.87 -8.32 12.44
N ASN D 30 -8.34 -7.96 11.28
CA ASN D 30 -9.54 -8.58 10.75
C ASN D 30 -9.46 -10.12 10.82
N GLN D 31 -8.38 -10.70 10.33
CA GLN D 31 -8.22 -12.13 10.35
C GLN D 31 -7.64 -12.61 11.67
N ILE D 32 -6.40 -12.29 11.89
CA ILE D 32 -5.70 -12.68 13.11
C ILE D 32 -6.43 -12.16 14.34
N LYS D 33 -7.29 -12.97 14.85
CA LYS D 33 -8.07 -12.62 16.03
C LYS D 33 -8.90 -11.37 15.79
N ARG D 34 -10.06 -11.33 16.39
CA ARG D 34 -10.97 -10.18 16.23
C ARG D 34 -11.86 -10.04 17.46
N GLY D 35 -12.04 -11.13 18.16
CA GLY D 35 -12.88 -11.12 19.35
C GLY D 35 -12.86 -12.48 20.03
N SER A 6 14.34 17.08 -17.48
CA SER A 6 13.01 16.47 -17.81
C SER A 6 13.01 15.01 -17.37
N ASP A 7 12.28 14.72 -16.33
CA ASP A 7 12.19 13.35 -15.81
C ASP A 7 11.16 13.27 -14.68
N PRO A 8 9.93 13.63 -14.94
CA PRO A 8 8.85 13.58 -13.93
C PRO A 8 8.33 12.16 -13.70
N LEU A 9 9.03 11.20 -14.25
CA LEU A 9 8.64 9.80 -14.12
C LEU A 9 8.79 9.32 -12.67
N VAL A 10 9.90 9.65 -12.06
CA VAL A 10 10.16 9.23 -10.69
C VAL A 10 9.25 9.95 -9.70
N VAL A 11 8.98 11.19 -9.95
CA VAL A 11 8.13 11.98 -9.06
C VAL A 11 6.68 11.49 -9.12
N ALA A 12 6.22 11.25 -10.31
CA ALA A 12 4.84 10.79 -10.49
C ALA A 12 4.52 9.63 -9.55
N ALA A 13 5.48 8.77 -9.35
CA ALA A 13 5.29 7.62 -8.46
C ALA A 13 5.03 8.06 -7.02
N SER A 14 5.67 9.12 -6.61
CA SER A 14 5.51 9.63 -5.25
C SER A 14 4.06 10.00 -4.97
N ILE A 15 3.45 10.70 -5.90
CA ILE A 15 2.06 11.12 -5.74
C ILE A 15 1.17 9.96 -5.32
N ILE A 16 1.54 8.77 -5.73
CA ILE A 16 0.77 7.58 -5.41
C ILE A 16 0.89 7.24 -3.92
N GLY A 17 2.01 7.56 -3.34
CA GLY A 17 2.25 7.26 -1.92
C GLY A 17 1.30 8.02 -1.00
N ILE A 18 1.18 9.30 -1.22
CA ILE A 18 0.31 10.13 -0.39
C ILE A 18 -1.16 9.78 -0.61
N LEU A 19 -1.48 9.32 -1.80
CA LEU A 19 -2.86 8.98 -2.12
C LEU A 19 -3.37 7.85 -1.23
N HIS A 20 -2.60 6.81 -1.09
CA HIS A 20 -3.05 5.68 -0.27
C HIS A 20 -3.28 6.10 1.18
N PHE A 21 -2.57 7.10 1.63
CA PHE A 21 -2.70 7.57 3.02
C PHE A 21 -4.13 8.03 3.34
N ILE A 22 -4.69 8.86 2.50
CA ILE A 22 -6.04 9.36 2.78
C ILE A 22 -7.05 8.22 2.85
N ALA A 23 -6.92 7.25 1.98
CA ALA A 23 -7.84 6.11 1.99
C ALA A 23 -7.60 5.21 3.20
N TRP A 24 -6.36 5.03 3.54
CA TRP A 24 -5.99 4.18 4.68
C TRP A 24 -6.81 4.53 5.91
N THR A 25 -7.18 5.77 6.02
CA THR A 25 -7.98 6.22 7.15
C THR A 25 -9.28 5.42 7.24
N ILE A 26 -9.86 5.13 6.11
CA ILE A 26 -11.11 4.38 6.07
C ILE A 26 -10.94 3.00 6.71
N GLY A 27 -9.92 2.30 6.30
CA GLY A 27 -9.66 0.96 6.82
C GLY A 27 -9.73 0.91 8.35
N HIS A 28 -9.45 2.02 8.97
CA HIS A 28 -9.48 2.11 10.43
C HIS A 28 -10.77 1.52 11.00
N LEU A 29 -11.82 1.55 10.25
CA LEU A 29 -13.11 1.06 10.73
C LEU A 29 -12.97 -0.28 11.43
N ASN A 30 -12.12 -1.15 10.95
CA ASN A 30 -11.95 -2.46 11.57
C ASN A 30 -11.60 -2.33 13.06
N GLN A 31 -10.61 -1.53 13.36
CA GLN A 31 -10.19 -1.34 14.76
C GLN A 31 -11.00 -0.25 15.47
N ILE A 32 -12.27 -0.50 15.71
CA ILE A 32 -13.14 0.47 16.38
C ILE A 32 -13.51 0.01 17.79
N LYS A 33 -14.79 -0.11 18.05
CA LYS A 33 -15.26 -0.54 19.36
C LYS A 33 -14.80 -1.96 19.65
N ARG A 34 -14.78 -2.78 18.64
CA ARG A 34 -14.36 -4.18 18.79
C ARG A 34 -12.86 -4.27 19.09
N GLY A 35 -12.15 -3.25 18.73
CA GLY A 35 -10.70 -3.22 18.97
C GLY A 35 -10.05 -4.51 18.47
N SER B 6 18.53 2.76 -20.41
CA SER B 6 18.71 1.35 -19.95
C SER B 6 18.52 1.27 -18.44
N ASP B 7 18.82 0.14 -17.87
CA ASP B 7 18.69 -0.06 -16.43
C ASP B 7 17.30 0.39 -15.94
N PRO B 8 16.27 -0.17 -16.51
CA PRO B 8 14.86 0.16 -16.13
C PRO B 8 14.51 -0.41 -14.75
N LEU B 9 15.45 -0.35 -13.86
CA LEU B 9 15.24 -0.86 -12.50
C LEU B 9 14.27 0.02 -11.72
N VAL B 10 14.47 1.31 -11.81
CA VAL B 10 13.63 2.26 -11.10
C VAL B 10 12.22 2.33 -11.70
N VAL B 11 12.13 2.24 -13.00
CA VAL B 11 10.85 2.28 -13.68
C VAL B 11 10.05 1.01 -13.41
N ALA B 12 10.72 -0.11 -13.47
CA ALA B 12 10.05 -1.38 -13.22
C ALA B 12 9.25 -1.35 -11.93
N ALA B 13 9.71 -0.56 -10.99
CA ALA B 13 9.03 -0.43 -9.71
C ALA B 13 7.70 0.29 -9.88
N SER B 14 7.63 1.19 -10.82
CA SER B 14 6.42 1.95 -11.06
C SER B 14 5.22 1.02 -11.24
N ILE B 15 5.44 -0.08 -11.92
CA ILE B 15 4.37 -1.04 -12.15
C ILE B 15 3.70 -1.42 -10.83
N ILE B 16 4.47 -1.42 -9.79
CA ILE B 16 3.95 -1.75 -8.47
C ILE B 16 3.08 -0.60 -7.94
N GLY B 17 3.38 0.61 -8.35
CA GLY B 17 2.65 1.79 -7.87
C GLY B 17 1.20 1.86 -8.38
N ILE B 18 1.00 1.76 -9.67
CA ILE B 18 -0.36 1.82 -10.20
C ILE B 18 -1.13 0.56 -9.83
N LEU B 19 -0.44 -0.54 -9.69
CA LEU B 19 -1.10 -1.79 -9.32
C LEU B 19 -1.69 -1.68 -7.93
N HIS B 20 -0.92 -1.13 -7.02
CA HIS B 20 -1.35 -0.97 -5.64
C HIS B 20 -2.69 -0.25 -5.54
N PHE B 21 -2.86 0.78 -6.33
CA PHE B 21 -4.09 1.56 -6.31
C PHE B 21 -5.26 0.76 -6.91
N ILE B 22 -4.97 -0.02 -7.92
CA ILE B 22 -6.01 -0.82 -8.57
C ILE B 22 -6.61 -1.84 -7.60
N ALA B 23 -5.76 -2.49 -6.84
CA ALA B 23 -6.24 -3.49 -5.89
C ALA B 23 -7.02 -2.83 -4.75
N TRP B 24 -6.60 -1.66 -4.35
CA TRP B 24 -7.24 -0.93 -3.27
C TRP B 24 -8.74 -0.77 -3.55
N THR B 25 -9.08 -0.65 -4.79
CA THR B 25 -10.48 -0.47 -5.18
C THR B 25 -11.36 -1.59 -4.64
N ILE B 26 -10.87 -2.80 -4.66
CA ILE B 26 -11.65 -3.95 -4.18
C ILE B 26 -11.93 -3.84 -2.68
N GLY B 27 -10.91 -3.54 -1.91
CA GLY B 27 -11.07 -3.43 -0.46
C GLY B 27 -12.26 -2.56 -0.08
N HIS B 28 -12.57 -1.61 -0.92
CA HIS B 28 -13.68 -0.70 -0.68
C HIS B 28 -14.95 -1.47 -0.30
N LEU B 29 -15.07 -2.69 -0.76
CA LEU B 29 -16.26 -3.48 -0.49
C LEU B 29 -16.65 -3.41 0.99
N ASN B 30 -15.69 -3.41 1.89
CA ASN B 30 -16.00 -3.38 3.31
C ASN B 30 -17.02 -2.29 3.60
N GLN B 31 -16.76 -1.10 3.14
CA GLN B 31 -17.69 0.02 3.34
C GLN B 31 -18.79 -0.06 2.29
N ILE B 32 -19.24 1.08 1.83
CA ILE B 32 -20.31 1.16 0.81
C ILE B 32 -21.50 0.23 1.12
N LYS B 33 -21.47 -0.47 2.23
CA LYS B 33 -22.56 -1.35 2.62
C LYS B 33 -22.30 -1.93 4.00
N ARG B 34 -23.28 -1.88 4.86
CA ARG B 34 -23.13 -2.41 6.21
C ARG B 34 -24.48 -2.57 6.89
N GLY B 35 -24.76 -3.77 7.34
CA GLY B 35 -26.02 -4.04 8.01
C GLY B 35 -27.20 -3.90 7.05
N SER C 6 25.89 4.80 -5.47
CA SER C 6 25.93 6.29 -5.35
C SER C 6 24.65 6.76 -4.67
N ASP C 7 23.59 5.99 -4.82
CA ASP C 7 22.31 6.34 -4.21
C ASP C 7 21.40 5.11 -4.14
N PRO C 8 21.84 4.08 -3.47
CA PRO C 8 21.06 2.82 -3.32
C PRO C 8 19.92 2.96 -2.31
N LEU C 9 19.70 4.17 -1.87
CA LEU C 9 18.64 4.43 -0.90
C LEU C 9 17.26 4.27 -1.54
N VAL C 10 17.11 4.81 -2.72
CA VAL C 10 15.84 4.72 -3.44
C VAL C 10 15.57 3.30 -3.93
N VAL C 11 16.60 2.65 -4.38
CA VAL C 11 16.47 1.28 -4.89
C VAL C 11 16.17 0.31 -3.76
N ALA C 12 16.88 0.44 -2.68
CA ALA C 12 16.69 -0.45 -1.53
C ALA C 12 15.27 -0.35 -0.98
N ALA C 13 14.75 0.84 -0.94
CA ALA C 13 13.39 1.05 -0.43
C ALA C 13 12.37 0.31 -1.29
N SER C 14 12.67 0.17 -2.54
CA SER C 14 11.78 -0.52 -3.47
C SER C 14 11.33 -1.87 -2.92
N ILE C 15 12.20 -2.52 -2.20
CA ILE C 15 11.89 -3.83 -1.63
C ILE C 15 10.60 -3.80 -0.82
N ILE C 16 10.32 -2.67 -0.24
CA ILE C 16 9.12 -2.50 0.59
C ILE C 16 7.86 -2.55 -0.27
N GLY C 17 7.94 -2.08 -1.48
CA GLY C 17 6.78 -2.05 -2.37
C GLY C 17 6.33 -3.45 -2.77
N ILE C 18 7.26 -4.27 -3.18
CA ILE C 18 6.92 -5.63 -3.59
C ILE C 18 6.49 -6.48 -2.40
N LEU C 19 7.00 -6.16 -1.24
CA LEU C 19 6.69 -6.92 -0.04
C LEU C 19 5.19 -6.82 0.32
N HIS C 20 4.66 -5.63 0.33
CA HIS C 20 3.25 -5.46 0.69
C HIS C 20 2.35 -6.35 -0.15
N PHE C 21 2.76 -6.63 -1.35
CA PHE C 21 1.96 -7.46 -2.26
C PHE C 21 1.75 -8.87 -1.70
N ILE C 22 2.78 -9.43 -1.12
CA ILE C 22 2.69 -10.78 -0.57
C ILE C 22 1.58 -10.89 0.47
N ALA C 23 1.56 -9.97 1.39
CA ALA C 23 0.54 -9.99 2.44
C ALA C 23 -0.83 -9.66 1.86
N TRP C 24 -0.82 -8.82 0.86
CA TRP C 24 -2.06 -8.40 0.21
C TRP C 24 -2.93 -9.60 -0.16
N THR C 25 -2.30 -10.68 -0.53
CA THR C 25 -3.02 -11.89 -0.92
C THR C 25 -3.91 -12.39 0.22
N ILE C 26 -3.48 -12.18 1.43
CA ILE C 26 -4.26 -12.64 2.59
C ILE C 26 -5.59 -11.88 2.69
N GLY C 27 -5.53 -10.58 2.61
CA GLY C 27 -6.73 -9.75 2.72
C GLY C 27 -7.87 -10.23 1.81
N HIS C 28 -7.55 -10.70 0.64
CA HIS C 28 -8.54 -11.17 -0.29
C HIS C 28 -9.48 -12.18 0.37
N LEU C 29 -8.99 -12.87 1.36
CA LEU C 29 -9.81 -13.88 2.03
C LEU C 29 -11.22 -13.36 2.33
N ASN C 30 -11.33 -12.14 2.77
CA ASN C 30 -12.65 -11.58 3.06
C ASN C 30 -13.59 -11.71 1.87
N GLN C 31 -13.06 -11.51 0.69
CA GLN C 31 -13.87 -11.60 -0.53
C GLN C 31 -14.41 -13.00 -0.74
N ILE C 32 -13.53 -13.97 -0.69
CA ILE C 32 -13.90 -15.35 -0.88
C ILE C 32 -14.11 -16.03 0.47
N LYS C 33 -13.75 -17.27 0.54
CA LYS C 33 -13.89 -18.05 1.77
C LYS C 33 -15.33 -17.99 2.29
N ARG C 34 -15.68 -18.92 3.13
CA ARG C 34 -17.03 -18.96 3.69
C ARG C 34 -18.06 -18.88 2.57
N GLY C 35 -18.15 -19.91 1.79
CA GLY C 35 -19.11 -19.94 0.69
C GLY C 35 -19.11 -21.30 -0.01
N SER D 6 17.66 15.33 -7.66
CA SER D 6 18.56 16.34 -7.01
C SER D 6 17.78 17.08 -5.94
N ASP D 7 16.83 16.41 -5.33
CA ASP D 7 16.01 17.00 -4.28
C ASP D 7 15.49 15.92 -3.34
N PRO D 8 15.25 16.23 -2.09
CA PRO D 8 14.73 15.24 -1.10
C PRO D 8 13.28 14.87 -1.37
N LEU D 9 12.85 15.08 -2.58
CA LEU D 9 11.48 14.77 -2.96
C LEU D 9 11.26 13.25 -3.05
N VAL D 10 12.24 12.56 -3.58
CA VAL D 10 12.18 11.10 -3.75
C VAL D 10 12.22 10.36 -2.42
N VAL D 11 13.12 10.74 -1.56
CA VAL D 11 13.26 10.12 -0.28
C VAL D 11 12.06 10.41 0.59
N ALA D 12 11.53 11.59 0.47
CA ALA D 12 10.36 11.99 1.24
C ALA D 12 9.24 10.96 1.09
N ALA D 13 9.13 10.42 -0.08
CA ALA D 13 8.08 9.43 -0.34
C ALA D 13 8.37 8.11 0.38
N SER D 14 9.62 7.73 0.40
CA SER D 14 10.02 6.46 1.04
C SER D 14 9.70 6.46 2.53
N ILE D 15 10.09 7.49 3.23
CA ILE D 15 9.83 7.54 4.67
C ILE D 15 8.37 7.22 4.98
N ILE D 16 7.50 7.52 4.04
CA ILE D 16 6.08 7.24 4.24
C ILE D 16 5.81 5.73 4.20
N GLY D 17 6.64 5.03 3.46
CA GLY D 17 6.48 3.57 3.31
C GLY D 17 6.45 2.82 4.64
N ILE D 18 7.33 3.15 5.55
CA ILE D 18 7.37 2.45 6.84
C ILE D 18 6.01 2.53 7.54
N LEU D 19 5.28 3.58 7.26
CA LEU D 19 3.97 3.76 7.88
C LEU D 19 3.03 2.61 7.51
N HIS D 20 3.05 2.21 6.27
CA HIS D 20 2.19 1.13 5.81
C HIS D 20 2.37 -0.14 6.65
N PHE D 21 3.61 -0.53 6.83
CA PHE D 21 3.91 -1.75 7.58
C PHE D 21 3.34 -1.74 8.98
N ILE D 22 3.56 -0.69 9.72
CA ILE D 22 3.05 -0.64 11.09
C ILE D 22 1.52 -0.73 11.11
N ALA D 23 0.86 0.00 10.26
CA ALA D 23 -0.60 -0.04 10.22
C ALA D 23 -1.10 -1.37 9.67
N TRP D 24 -0.42 -1.91 8.70
CA TRP D 24 -0.82 -3.18 8.10
C TRP D 24 -1.11 -4.22 9.18
N THR D 25 -0.44 -4.10 10.28
CA THR D 25 -0.64 -5.04 11.38
C THR D 25 -2.09 -5.00 11.87
N ILE D 26 -2.68 -3.83 11.88
CA ILE D 26 -4.05 -3.70 12.33
C ILE D 26 -5.01 -4.37 11.33
N GLY D 27 -4.88 -4.01 10.09
CA GLY D 27 -5.74 -4.58 9.05
C GLY D 27 -5.70 -6.10 9.08
N HIS D 28 -4.60 -6.64 9.53
CA HIS D 28 -4.44 -8.09 9.59
C HIS D 28 -5.41 -8.74 10.57
N LEU D 29 -5.72 -8.06 11.64
CA LEU D 29 -6.59 -8.62 12.68
C LEU D 29 -7.98 -9.00 12.14
N ASN D 30 -8.55 -8.18 11.30
CA ASN D 30 -9.89 -8.46 10.78
C ASN D 30 -9.90 -9.74 9.91
N GLN D 31 -9.00 -9.82 8.97
CA GLN D 31 -8.92 -10.95 8.09
C GLN D 31 -8.59 -12.24 8.85
N ILE D 32 -7.46 -12.24 9.47
CA ILE D 32 -7.03 -13.43 10.23
C ILE D 32 -8.17 -13.93 11.11
N LYS D 33 -8.64 -13.10 12.02
CA LYS D 33 -9.73 -13.47 12.91
C LYS D 33 -10.85 -12.42 12.82
N ARG D 34 -12.06 -12.83 13.11
CA ARG D 34 -13.21 -11.92 13.05
C ARG D 34 -14.24 -12.32 14.10
N GLY D 35 -13.81 -13.03 15.10
CA GLY D 35 -14.71 -13.47 16.16
C GLY D 35 -15.62 -14.59 15.68
N SER A 6 15.77 17.74 -16.51
CA SER A 6 14.32 17.43 -16.34
C SER A 6 14.13 15.94 -16.12
N ASP A 7 13.42 15.60 -15.08
CA ASP A 7 13.17 14.20 -14.76
C ASP A 7 11.98 14.06 -13.81
N PRO A 8 10.81 14.45 -14.25
CA PRO A 8 9.56 14.37 -13.43
C PRO A 8 8.99 12.95 -13.41
N LEU A 9 9.65 12.05 -14.07
CA LEU A 9 9.18 10.66 -14.12
C LEU A 9 9.25 10.00 -12.75
N VAL A 10 10.37 10.18 -12.07
CA VAL A 10 10.56 9.59 -10.75
C VAL A 10 9.67 10.26 -9.70
N VAL A 11 9.49 11.54 -9.83
CA VAL A 11 8.68 12.30 -8.87
C VAL A 11 7.20 11.92 -9.01
N ALA A 12 6.76 11.81 -10.23
CA ALA A 12 5.37 11.47 -10.50
C ALA A 12 4.93 10.26 -9.68
N ALA A 13 5.82 9.31 -9.54
CA ALA A 13 5.51 8.10 -8.79
C ALA A 13 5.23 8.41 -7.32
N SER A 14 5.90 9.40 -6.80
CA SER A 14 5.71 9.77 -5.40
C SER A 14 4.26 10.17 -5.12
N ILE A 15 3.68 10.92 -6.01
CA ILE A 15 2.31 11.37 -5.84
C ILE A 15 1.40 10.19 -5.49
N ILE A 16 1.73 9.04 -5.99
CA ILE A 16 0.93 7.84 -5.74
C ILE A 16 1.08 7.40 -4.28
N GLY A 17 2.21 7.68 -3.69
CA GLY A 17 2.46 7.28 -2.31
C GLY A 17 1.54 8.00 -1.32
N ILE A 18 1.46 9.31 -1.44
CA ILE A 18 0.62 10.09 -0.53
C ILE A 18 -0.86 9.76 -0.72
N LEU A 19 -1.21 9.39 -1.93
CA LEU A 19 -2.61 9.06 -2.23
C LEU A 19 -3.11 7.88 -1.40
N HIS A 20 -2.34 6.84 -1.31
CA HIS A 20 -2.76 5.66 -0.55
C HIS A 20 -3.00 6.01 0.92
N PHE A 21 -2.28 6.98 1.41
CA PHE A 21 -2.41 7.37 2.82
C PHE A 21 -3.80 7.88 3.16
N ILE A 22 -4.32 8.80 2.39
CA ILE A 22 -5.64 9.34 2.68
C ILE A 22 -6.68 8.24 2.71
N ALA A 23 -6.58 7.31 1.80
CA ALA A 23 -7.52 6.20 1.75
C ALA A 23 -7.30 5.25 2.92
N TRP A 24 -6.06 5.08 3.30
CA TRP A 24 -5.72 4.18 4.40
C TRP A 24 -6.59 4.45 5.62
N THR A 25 -6.94 5.69 5.81
CA THR A 25 -7.78 6.07 6.94
C THR A 25 -9.12 5.33 6.90
N ILE A 26 -9.60 5.09 5.71
CA ILE A 26 -10.88 4.40 5.54
C ILE A 26 -10.80 2.95 6.05
N GLY A 27 -9.73 2.28 5.71
CA GLY A 27 -9.57 0.87 6.11
C GLY A 27 -9.95 0.67 7.57
N HIS A 28 -9.83 1.71 8.34
CA HIS A 28 -10.15 1.65 9.76
C HIS A 28 -11.51 0.96 9.98
N LEU A 29 -12.37 0.99 8.99
CA LEU A 29 -13.70 0.38 9.13
C LEU A 29 -13.59 -0.99 9.80
N ASN A 30 -12.71 -1.82 9.29
CA ASN A 30 -12.56 -3.16 9.85
C ASN A 30 -12.20 -3.10 11.35
N GLN A 31 -11.33 -2.20 11.72
CA GLN A 31 -10.92 -2.08 13.12
C GLN A 31 -12.07 -1.62 14.00
N ILE A 32 -12.62 -0.49 13.68
CA ILE A 32 -13.74 0.04 14.47
C ILE A 32 -14.91 -0.94 14.45
N LYS A 33 -15.48 -1.17 13.30
CA LYS A 33 -16.60 -2.10 13.18
C LYS A 33 -16.30 -3.39 13.93
N ARG A 34 -17.33 -3.99 14.48
CA ARG A 34 -17.19 -5.24 15.24
C ARG A 34 -15.89 -5.25 16.04
N GLY A 35 -15.39 -6.41 16.33
CA GLY A 35 -14.16 -6.53 17.09
C GLY A 35 -12.95 -6.16 16.24
N SER B 6 19.10 3.21 -19.88
CA SER B 6 18.66 1.79 -20.01
C SER B 6 18.66 1.15 -18.63
N ASP B 7 17.84 0.13 -18.46
CA ASP B 7 17.73 -0.58 -17.18
C ASP B 7 16.75 0.14 -16.26
N PRO B 8 15.55 0.42 -16.73
CA PRO B 8 14.50 1.11 -15.93
C PRO B 8 14.19 0.40 -14.60
N LEU B 9 15.12 0.44 -13.69
CA LEU B 9 14.95 -0.21 -12.39
C LEU B 9 13.93 0.53 -11.53
N VAL B 10 14.10 1.82 -11.39
CA VAL B 10 13.19 2.63 -10.57
C VAL B 10 11.83 2.78 -11.23
N VAL B 11 11.83 2.85 -12.53
CA VAL B 11 10.57 3.00 -13.26
C VAL B 11 9.78 1.69 -13.20
N ALA B 12 10.46 0.59 -13.39
CA ALA B 12 9.80 -0.71 -13.35
C ALA B 12 8.94 -0.85 -12.12
N ALA B 13 9.30 -0.18 -11.06
CA ALA B 13 8.54 -0.24 -9.82
C ALA B 13 7.18 0.43 -10.00
N SER B 14 7.13 1.40 -10.87
CA SER B 14 5.90 2.12 -11.13
C SER B 14 4.74 1.16 -11.39
N ILE B 15 5.03 0.08 -12.07
CA ILE B 15 4.02 -0.92 -12.37
C ILE B 15 3.32 -1.38 -11.10
N ILE B 16 4.04 -1.35 -10.01
CA ILE B 16 3.49 -1.75 -8.72
C ILE B 16 2.46 -0.72 -8.23
N GLY B 17 2.66 0.51 -8.61
CA GLY B 17 1.76 1.59 -8.18
C GLY B 17 0.36 1.44 -8.78
N ILE B 18 0.30 1.16 -10.06
CA ILE B 18 -0.99 1.01 -10.73
C ILE B 18 -1.73 -0.23 -10.21
N LEU B 19 -1.02 -1.31 -10.03
CA LEU B 19 -1.64 -2.54 -9.55
C LEU B 19 -2.21 -2.30 -8.15
N HIS B 20 -1.42 -1.70 -7.32
CA HIS B 20 -1.81 -1.41 -5.94
C HIS B 20 -3.16 -0.69 -5.89
N PHE B 21 -3.37 0.25 -6.76
CA PHE B 21 -4.62 1.01 -6.81
C PHE B 21 -5.78 0.14 -7.27
N ILE B 22 -5.52 -0.75 -8.19
CA ILE B 22 -6.58 -1.61 -8.72
C ILE B 22 -7.11 -2.55 -7.64
N ALA B 23 -6.23 -3.09 -6.84
CA ALA B 23 -6.65 -4.01 -5.79
C ALA B 23 -7.42 -3.26 -4.69
N TRP B 24 -6.94 -2.09 -4.36
CA TRP B 24 -7.55 -1.28 -3.31
C TRP B 24 -9.06 -1.16 -3.53
N THR B 25 -9.46 -1.18 -4.77
CA THR B 25 -10.88 -1.08 -5.10
C THR B 25 -11.71 -2.09 -4.32
N ILE B 26 -11.15 -3.24 -4.07
CA ILE B 26 -11.87 -4.29 -3.35
C ILE B 26 -12.16 -3.88 -1.90
N GLY B 27 -11.15 -3.43 -1.20
CA GLY B 27 -11.33 -3.03 0.20
C GLY B 27 -12.49 -2.05 0.38
N HIS B 28 -12.73 -1.27 -0.64
CA HIS B 28 -13.79 -0.28 -0.62
C HIS B 28 -15.18 -0.94 -0.49
N LEU B 29 -15.29 -2.15 -0.96
CA LEU B 29 -16.57 -2.85 -0.91
C LEU B 29 -17.23 -2.79 0.47
N ASN B 30 -16.43 -2.70 1.51
CA ASN B 30 -16.95 -2.68 2.88
C ASN B 30 -17.96 -1.55 3.17
N GLN B 31 -17.59 -0.34 2.85
CA GLN B 31 -18.45 0.80 3.13
C GLN B 31 -19.63 0.91 2.17
N ILE B 32 -19.38 0.81 0.91
CA ILE B 32 -20.46 0.91 -0.07
C ILE B 32 -21.57 -0.09 0.24
N LYS B 33 -21.32 -1.35 -0.02
CA LYS B 33 -22.33 -2.39 0.26
C LYS B 33 -21.66 -3.70 0.65
N ARG B 34 -22.34 -4.47 1.47
CA ARG B 34 -21.82 -5.75 1.94
C ARG B 34 -22.96 -6.77 2.03
N GLY B 35 -24.01 -6.41 2.73
CA GLY B 35 -25.15 -7.30 2.88
C GLY B 35 -24.72 -8.64 3.49
N SER C 6 26.04 4.45 -7.02
CA SER C 6 26.25 4.76 -5.57
C SER C 6 25.04 5.52 -5.04
N ASP C 7 23.94 4.82 -4.89
CA ASP C 7 22.71 5.42 -4.37
C ASP C 7 21.63 4.36 -4.21
N PRO C 8 21.91 3.34 -3.42
CA PRO C 8 20.94 2.23 -3.17
C PRO C 8 19.82 2.65 -2.21
N LEU C 9 19.78 3.91 -1.89
CA LEU C 9 18.76 4.42 -0.98
C LEU C 9 17.37 4.39 -1.63
N VAL C 10 17.30 4.88 -2.84
CA VAL C 10 16.03 4.91 -3.56
C VAL C 10 15.60 3.51 -3.97
N VAL C 11 16.55 2.69 -4.33
CA VAL C 11 16.26 1.32 -4.74
C VAL C 11 15.80 0.48 -3.55
N ALA C 12 16.52 0.58 -2.47
CA ALA C 12 16.19 -0.19 -1.27
C ALA C 12 14.73 -0.05 -0.91
N ALA C 13 14.18 1.12 -1.11
CA ALA C 13 12.78 1.35 -0.79
C ALA C 13 11.87 0.60 -1.76
N SER C 14 12.33 0.40 -2.96
CA SER C 14 11.55 -0.30 -3.97
C SER C 14 11.02 -1.63 -3.44
N ILE C 15 11.86 -2.34 -2.74
CA ILE C 15 11.48 -3.64 -2.19
C ILE C 15 10.19 -3.53 -1.35
N ILE C 16 9.97 -2.36 -0.81
CA ILE C 16 8.80 -2.13 0.03
C ILE C 16 7.50 -2.38 -0.72
N GLY C 17 7.46 -2.01 -1.97
CA GLY C 17 6.26 -2.16 -2.78
C GLY C 17 5.88 -3.62 -3.02
N ILE C 18 6.83 -4.42 -3.38
CA ILE C 18 6.57 -5.83 -3.65
C ILE C 18 6.27 -6.57 -2.35
N LEU C 19 6.82 -6.10 -1.27
CA LEU C 19 6.61 -6.74 0.03
C LEU C 19 5.13 -6.72 0.43
N HIS C 20 4.51 -5.58 0.38
CA HIS C 20 3.11 -5.47 0.77
C HIS C 20 2.22 -6.39 -0.05
N PHE C 21 2.62 -6.68 -1.26
CA PHE C 21 1.83 -7.56 -2.12
C PHE C 21 1.68 -8.94 -1.50
N ILE C 22 2.73 -9.46 -0.94
CA ILE C 22 2.69 -10.78 -0.34
C ILE C 22 1.63 -10.86 0.76
N ALA C 23 1.59 -9.88 1.60
CA ALA C 23 0.60 -9.85 2.69
C ALA C 23 -0.80 -9.57 2.15
N TRP C 24 -0.85 -8.83 1.08
CA TRP C 24 -2.12 -8.42 0.46
C TRP C 24 -3.07 -9.59 0.17
N THR C 25 -2.52 -10.70 -0.25
CA THR C 25 -3.37 -11.86 -0.59
C THR C 25 -4.23 -12.28 0.61
N ILE C 26 -3.75 -12.06 1.80
CA ILE C 26 -4.52 -12.44 2.99
C ILE C 26 -5.84 -11.67 3.03
N GLY C 27 -5.77 -10.39 2.84
CA GLY C 27 -6.98 -9.56 2.87
C GLY C 27 -8.07 -10.13 1.99
N HIS C 28 -7.69 -10.82 0.95
CA HIS C 28 -8.65 -11.43 0.02
C HIS C 28 -9.69 -12.26 0.78
N LEU C 29 -9.31 -12.76 1.92
CA LEU C 29 -10.21 -13.62 2.69
C LEU C 29 -11.61 -13.00 2.77
N ASN C 30 -11.68 -11.70 2.82
CA ASN C 30 -12.98 -11.03 2.90
C ASN C 30 -13.85 -11.32 1.67
N GLN C 31 -13.30 -11.16 0.49
CA GLN C 31 -14.05 -11.39 -0.74
C GLN C 31 -14.09 -12.90 -1.12
N ILE C 32 -14.85 -13.68 -0.38
CA ILE C 32 -14.99 -15.11 -0.67
C ILE C 32 -15.93 -15.79 0.34
N LYS C 33 -15.43 -16.09 1.52
CA LYS C 33 -16.26 -16.73 2.54
C LYS C 33 -17.58 -15.97 2.71
N ARG C 34 -17.53 -14.69 2.43
CA ARG C 34 -18.71 -13.85 2.56
C ARG C 34 -18.59 -12.62 1.67
N GLY C 35 -19.69 -12.18 1.12
CA GLY C 35 -19.70 -11.02 0.25
C GLY C 35 -18.93 -11.30 -1.03
N SER D 6 20.52 18.54 -5.13
CA SER D 6 19.66 17.32 -4.99
C SER D 6 18.86 17.42 -3.69
N ASP D 7 17.60 17.72 -3.81
CA ASP D 7 16.74 17.84 -2.65
C ASP D 7 16.25 16.46 -2.18
N PRO D 8 16.01 16.27 -0.91
CA PRO D 8 15.54 14.95 -0.38
C PRO D 8 14.08 14.66 -0.77
N LEU D 9 13.75 14.96 -1.99
CA LEU D 9 12.40 14.74 -2.49
C LEU D 9 12.12 13.24 -2.63
N VAL D 10 13.04 12.54 -3.23
CA VAL D 10 12.88 11.11 -3.43
C VAL D 10 13.00 10.35 -2.12
N VAL D 11 13.83 10.84 -1.24
CA VAL D 11 14.04 10.20 0.06
C VAL D 11 12.79 10.37 0.93
N ALA D 12 12.30 11.57 1.00
CA ALA D 12 11.12 11.86 1.82
C ALA D 12 10.01 10.86 1.53
N ALA D 13 9.95 10.38 0.32
CA ALA D 13 8.91 9.42 -0.07
C ALA D 13 9.14 8.08 0.62
N SER D 14 10.39 7.74 0.81
CA SER D 14 10.74 6.47 1.45
C SER D 14 10.11 6.35 2.83
N ILE D 15 10.13 7.42 3.57
CA ILE D 15 9.56 7.42 4.92
C ILE D 15 8.09 7.03 4.88
N ILE D 16 7.44 7.36 3.80
CA ILE D 16 6.02 7.03 3.63
C ILE D 16 5.84 5.53 3.43
N GLY D 17 6.79 4.90 2.81
CA GLY D 17 6.72 3.47 2.53
C GLY D 17 6.78 2.62 3.81
N ILE D 18 7.61 3.00 4.73
CA ILE D 18 7.73 2.25 5.98
C ILE D 18 6.46 2.40 6.83
N LEU D 19 5.89 3.57 6.79
CA LEU D 19 4.69 3.84 7.56
C LEU D 19 3.65 2.74 7.35
N HIS D 20 3.58 2.23 6.15
CA HIS D 20 2.62 1.18 5.83
C HIS D 20 2.81 -0.06 6.71
N PHE D 21 4.04 -0.36 7.06
CA PHE D 21 4.34 -1.54 7.86
C PHE D 21 3.70 -1.50 9.24
N ILE D 22 3.80 -0.39 9.93
CA ILE D 22 3.23 -0.33 11.28
C ILE D 22 1.71 -0.42 11.26
N ALA D 23 1.07 0.23 10.30
CA ALA D 23 -0.39 0.18 10.22
C ALA D 23 -0.87 -1.19 9.77
N TRP D 24 -0.18 -1.78 8.82
CA TRP D 24 -0.57 -3.09 8.31
C TRP D 24 -0.80 -4.08 9.46
N THR D 25 -0.11 -3.85 10.54
CA THR D 25 -0.26 -4.72 11.71
C THR D 25 -1.69 -4.71 12.22
N ILE D 26 -2.37 -3.59 12.08
CA ILE D 26 -3.74 -3.48 12.55
C ILE D 26 -4.67 -4.40 11.75
N GLY D 27 -4.61 -4.29 10.45
CA GLY D 27 -5.46 -5.12 9.59
C GLY D 27 -5.33 -6.60 9.90
N HIS D 28 -4.17 -6.99 10.38
CA HIS D 28 -3.91 -8.38 10.70
C HIS D 28 -4.93 -8.94 11.70
N LEU D 29 -5.48 -8.08 12.52
CA LEU D 29 -6.43 -8.54 13.54
C LEU D 29 -7.47 -9.49 12.95
N ASN D 30 -7.83 -9.30 11.71
CA ASN D 30 -8.82 -10.16 11.07
C ASN D 30 -8.44 -11.63 11.20
N GLN D 31 -7.22 -11.94 10.87
CA GLN D 31 -6.73 -13.30 10.93
C GLN D 31 -6.71 -13.80 12.38
N ILE D 32 -6.09 -13.06 13.24
CA ILE D 32 -5.98 -13.43 14.65
C ILE D 32 -7.19 -12.91 15.42
N LYS D 33 -8.15 -13.77 15.57
CA LYS D 33 -9.39 -13.44 16.29
C LYS D 33 -10.17 -12.35 15.57
N ARG D 34 -11.43 -12.24 15.89
CA ARG D 34 -12.29 -11.22 15.28
C ARG D 34 -13.41 -10.81 16.23
N GLY D 35 -13.39 -11.34 17.42
CA GLY D 35 -14.41 -11.02 18.41
C GLY D 35 -15.77 -11.57 17.99
N SER A 6 14.56 17.97 -15.59
CA SER A 6 13.58 17.28 -16.47
C SER A 6 13.54 15.79 -16.13
N ASP A 7 12.69 15.43 -15.21
CA ASP A 7 12.55 14.04 -14.79
C ASP A 7 11.44 13.88 -13.76
N PRO A 8 10.24 14.22 -14.11
CA PRO A 8 9.07 14.11 -13.20
C PRO A 8 8.55 12.68 -13.10
N LEU A 9 9.23 11.77 -13.73
CA LEU A 9 8.83 10.37 -13.72
C LEU A 9 8.96 9.76 -12.33
N VAL A 10 10.09 9.99 -11.71
CA VAL A 10 10.34 9.44 -10.37
C VAL A 10 9.49 10.15 -9.31
N VAL A 11 9.27 11.42 -9.49
CA VAL A 11 8.47 12.19 -8.54
C VAL A 11 7.00 11.80 -8.63
N ALA A 12 6.52 11.66 -9.83
CA ALA A 12 5.12 11.30 -10.05
C ALA A 12 4.72 10.10 -9.20
N ALA A 13 5.63 9.18 -9.02
CA ALA A 13 5.37 7.98 -8.23
C ALA A 13 5.07 8.35 -6.77
N SER A 14 5.74 9.36 -6.28
CA SER A 14 5.56 9.79 -4.90
C SER A 14 4.11 10.23 -4.65
N ILE A 15 3.54 10.94 -5.59
CA ILE A 15 2.18 11.43 -5.45
C ILE A 15 1.20 10.28 -5.20
N ILE A 16 1.53 9.12 -5.71
CA ILE A 16 0.68 7.95 -5.53
C ILE A 16 0.71 7.47 -4.08
N GLY A 17 1.84 7.64 -3.45
CA GLY A 17 1.99 7.21 -2.07
C GLY A 17 1.01 7.90 -1.12
N ILE A 18 0.81 9.18 -1.32
CA ILE A 18 -0.10 9.94 -0.47
C ILE A 18 -1.55 9.52 -0.69
N LEU A 19 -1.84 9.10 -1.90
CA LEU A 19 -3.21 8.69 -2.24
C LEU A 19 -3.68 7.52 -1.37
N HIS A 20 -2.87 6.51 -1.23
CA HIS A 20 -3.27 5.36 -0.43
C HIS A 20 -3.51 5.75 1.03
N PHE A 21 -2.83 6.76 1.49
CA PHE A 21 -2.99 7.21 2.88
C PHE A 21 -4.42 7.64 3.20
N ILE A 22 -5.00 8.46 2.38
CA ILE A 22 -6.35 8.92 2.64
C ILE A 22 -7.34 7.77 2.65
N ALA A 23 -7.19 6.84 1.75
CA ALA A 23 -8.10 5.70 1.69
C ALA A 23 -7.87 4.77 2.89
N TRP A 24 -6.62 4.59 3.24
CA TRP A 24 -6.26 3.71 4.35
C TRP A 24 -7.10 4.03 5.60
N THR A 25 -7.49 5.27 5.73
CA THR A 25 -8.30 5.67 6.89
C THR A 25 -9.66 4.98 6.87
N ILE A 26 -10.16 4.69 5.70
CA ILE A 26 -11.46 4.03 5.58
C ILE A 26 -11.45 2.68 6.28
N GLY A 27 -10.46 1.88 6.00
CA GLY A 27 -10.35 0.56 6.59
C GLY A 27 -10.53 0.60 8.11
N HIS A 28 -10.16 1.71 8.70
CA HIS A 28 -10.29 1.87 10.14
C HIS A 28 -11.68 1.47 10.62
N LEU A 29 -12.66 1.60 9.75
CA LEU A 29 -14.04 1.30 10.11
C LEU A 29 -14.10 -0.03 10.87
N ASN A 30 -13.28 -0.96 10.50
CA ASN A 30 -13.27 -2.26 11.18
C ASN A 30 -12.69 -2.17 12.61
N GLN A 31 -11.69 -1.33 12.83
CA GLN A 31 -11.04 -1.20 14.14
C GLN A 31 -11.94 -0.60 15.21
N ILE A 32 -12.42 0.57 14.97
CA ILE A 32 -13.26 1.27 15.97
C ILE A 32 -14.55 0.49 16.31
N LYS A 33 -14.60 -0.78 15.95
CA LYS A 33 -15.75 -1.62 16.25
C LYS A 33 -15.39 -3.11 16.07
N ARG A 34 -15.39 -3.57 14.85
CA ARG A 34 -15.05 -4.96 14.57
C ARG A 34 -13.66 -5.28 15.09
N GLY A 35 -12.96 -4.26 15.54
CA GLY A 35 -11.61 -4.44 16.06
C GLY A 35 -11.53 -5.67 16.97
N SER B 6 17.17 3.78 -20.37
CA SER B 6 17.93 2.69 -19.69
C SER B 6 17.57 2.67 -18.22
N ASP B 7 18.29 1.90 -17.45
CA ASP B 7 18.03 1.78 -16.02
C ASP B 7 16.54 1.69 -15.74
N PRO B 8 15.88 0.72 -16.31
CA PRO B 8 14.41 0.51 -16.12
C PRO B 8 14.09 0.02 -14.71
N LEU B 9 15.06 0.07 -13.84
CA LEU B 9 14.88 -0.36 -12.46
C LEU B 9 13.96 0.58 -11.69
N VAL B 10 14.22 1.86 -11.83
CA VAL B 10 13.42 2.87 -11.13
C VAL B 10 12.01 2.95 -11.71
N VAL B 11 11.91 2.84 -13.00
CA VAL B 11 10.61 2.90 -13.67
C VAL B 11 9.78 1.65 -13.35
N ALA B 12 10.42 0.52 -13.45
CA ALA B 12 9.73 -0.75 -13.19
C ALA B 12 8.98 -0.68 -11.85
N ALA B 13 9.54 0.00 -10.90
CA ALA B 13 8.92 0.13 -9.58
C ALA B 13 7.55 0.79 -9.71
N SER B 14 7.44 1.73 -10.61
CA SER B 14 6.19 2.44 -10.82
C SER B 14 5.05 1.45 -11.03
N ILE B 15 5.34 0.37 -11.71
CA ILE B 15 4.35 -0.65 -11.99
C ILE B 15 3.74 -1.17 -10.69
N ILE B 16 4.55 -1.27 -9.67
CA ILE B 16 4.08 -1.76 -8.38
C ILE B 16 3.17 -0.73 -7.71
N GLY B 17 3.44 0.52 -7.95
CA GLY B 17 2.63 1.59 -7.34
C GLY B 17 1.21 1.63 -7.89
N ILE B 18 1.08 1.52 -9.19
CA ILE B 18 -0.24 1.55 -9.80
C ILE B 18 -1.02 0.28 -9.46
N LEU B 19 -0.33 -0.83 -9.41
CA LEU B 19 -0.96 -2.11 -9.10
C LEU B 19 -1.83 -1.96 -7.84
N HIS B 20 -1.31 -1.29 -6.86
CA HIS B 20 -2.04 -1.09 -5.61
C HIS B 20 -3.43 -0.51 -5.88
N PHE B 21 -3.50 0.49 -6.72
CA PHE B 21 -4.78 1.13 -7.04
C PHE B 21 -5.81 0.13 -7.58
N ILE B 22 -5.39 -0.70 -8.50
CA ILE B 22 -6.29 -1.68 -9.10
C ILE B 22 -6.85 -2.63 -8.03
N ALA B 23 -6.01 -3.13 -7.17
CA ALA B 23 -6.46 -4.05 -6.13
C ALA B 23 -7.30 -3.33 -5.08
N TRP B 24 -6.89 -2.14 -4.73
CA TRP B 24 -7.59 -1.34 -3.73
C TRP B 24 -9.09 -1.27 -4.01
N THR B 25 -9.44 -1.37 -5.27
CA THR B 25 -10.85 -1.31 -5.65
C THR B 25 -11.65 -2.46 -5.03
N ILE B 26 -11.06 -3.63 -4.98
CA ILE B 26 -11.75 -4.79 -4.41
C ILE B 26 -12.08 -4.55 -2.93
N GLY B 27 -11.10 -4.14 -2.18
CA GLY B 27 -11.30 -3.89 -0.75
C GLY B 27 -12.41 -2.88 -0.50
N HIS B 28 -12.59 -1.98 -1.43
CA HIS B 28 -13.61 -0.95 -1.31
C HIS B 28 -15.01 -1.55 -1.09
N LEU B 29 -15.22 -2.74 -1.58
CA LEU B 29 -16.53 -3.38 -1.45
C LEU B 29 -17.03 -3.28 0.00
N ASN B 30 -16.12 -3.23 0.93
CA ASN B 30 -16.49 -3.14 2.35
C ASN B 30 -17.24 -1.83 2.67
N GLN B 31 -16.75 -0.72 2.18
CA GLN B 31 -17.37 0.58 2.44
C GLN B 31 -18.79 0.64 1.90
N ILE B 32 -18.94 0.33 0.65
CA ILE B 32 -20.26 0.35 0.03
C ILE B 32 -21.25 -0.53 0.80
N LYS B 33 -21.03 -1.83 0.79
CA LYS B 33 -21.93 -2.74 1.51
C LYS B 33 -21.17 -3.98 1.98
N ARG B 34 -21.82 -4.79 2.76
CA ARG B 34 -21.22 -6.01 3.29
C ARG B 34 -22.30 -7.06 3.56
N GLY B 35 -22.03 -8.27 3.16
CA GLY B 35 -22.98 -9.36 3.36
C GLY B 35 -22.50 -10.64 2.68
N SER C 6 24.80 6.37 -8.39
CA SER C 6 25.36 5.53 -7.28
C SER C 6 24.48 5.70 -6.03
N ASP C 7 23.22 6.01 -6.24
CA ASP C 7 22.29 6.20 -5.14
C ASP C 7 21.33 5.00 -5.04
N PRO C 8 21.56 4.07 -4.14
CA PRO C 8 20.68 2.87 -3.99
C PRO C 8 19.45 3.15 -3.13
N LEU C 9 19.23 4.41 -2.84
CA LEU C 9 18.08 4.80 -2.02
C LEU C 9 16.78 4.27 -2.61
N VAL C 10 16.57 4.51 -3.87
CA VAL C 10 15.35 4.06 -4.54
C VAL C 10 15.34 2.54 -4.69
N VAL C 11 16.48 1.99 -5.01
CA VAL C 11 16.59 0.54 -5.18
C VAL C 11 16.26 -0.19 -3.88
N ALA C 12 16.79 0.31 -2.80
CA ALA C 12 16.55 -0.31 -1.50
C ALA C 12 15.07 -0.23 -1.13
N ALA C 13 14.52 0.94 -1.24
CA ALA C 13 13.11 1.15 -0.90
C ALA C 13 12.20 0.27 -1.77
N SER C 14 12.63 -0.03 -2.95
CA SER C 14 11.82 -0.84 -3.87
C SER C 14 11.43 -2.17 -3.23
N ILE C 15 12.36 -2.79 -2.55
CA ILE C 15 12.08 -4.08 -1.90
C ILE C 15 10.80 -4.01 -1.06
N ILE C 16 10.53 -2.85 -0.53
CA ILE C 16 9.35 -2.66 0.32
C ILE C 16 8.06 -2.72 -0.50
N GLY C 17 8.11 -2.25 -1.72
CA GLY C 17 6.93 -2.25 -2.56
C GLY C 17 6.46 -3.66 -2.93
N ILE C 18 7.37 -4.47 -3.38
CA ILE C 18 7.04 -5.83 -3.76
C ILE C 18 6.58 -6.63 -2.53
N LEU C 19 7.21 -6.38 -1.42
CA LEU C 19 6.88 -7.11 -0.19
C LEU C 19 5.39 -7.02 0.13
N HIS C 20 4.82 -5.85 0.05
CA HIS C 20 3.39 -5.70 0.38
C HIS C 20 2.52 -6.54 -0.55
N PHE C 21 2.96 -6.77 -1.75
CA PHE C 21 2.19 -7.56 -2.71
C PHE C 21 1.88 -8.95 -2.18
N ILE C 22 2.88 -9.63 -1.67
CA ILE C 22 2.68 -10.98 -1.16
C ILE C 22 1.67 -10.99 -0.02
N ALA C 23 1.82 -10.07 0.90
CA ALA C 23 0.93 -9.99 2.05
C ALA C 23 -0.46 -9.50 1.64
N TRP C 24 -0.52 -8.70 0.61
CA TRP C 24 -1.78 -8.14 0.13
C TRP C 24 -2.85 -9.21 -0.02
N THR C 25 -2.52 -10.26 -0.69
CA THR C 25 -3.47 -11.34 -0.94
C THR C 25 -4.21 -11.76 0.33
N ILE C 26 -3.60 -11.59 1.47
CA ILE C 26 -4.25 -11.98 2.72
C ILE C 26 -5.66 -11.38 2.78
N GLY C 27 -5.77 -10.12 2.52
CA GLY C 27 -7.05 -9.42 2.56
C GLY C 27 -8.10 -10.10 1.67
N HIS C 28 -7.65 -10.77 0.64
CA HIS C 28 -8.56 -11.44 -0.28
C HIS C 28 -9.56 -12.31 0.48
N LEU C 29 -9.13 -12.88 1.58
CA LEU C 29 -10.00 -13.75 2.36
C LEU C 29 -11.25 -13.03 2.87
N ASN C 30 -11.09 -11.83 3.38
CA ASN C 30 -12.24 -11.10 3.89
C ASN C 30 -13.27 -10.83 2.79
N GLN C 31 -12.83 -10.32 1.67
CA GLN C 31 -13.72 -10.04 0.57
C GLN C 31 -14.68 -11.20 0.32
N ILE C 32 -14.37 -12.33 0.90
CA ILE C 32 -15.20 -13.53 0.74
C ILE C 32 -15.38 -14.26 2.09
N LYS C 33 -14.61 -15.28 2.31
CA LYS C 33 -14.70 -16.07 3.54
C LYS C 33 -16.16 -16.32 3.92
N ARG C 34 -17.00 -16.46 2.92
CA ARG C 34 -18.42 -16.71 3.15
C ARG C 34 -18.96 -17.68 2.10
N GLY C 35 -18.85 -18.96 2.39
CA GLY C 35 -19.31 -19.98 1.48
C GLY C 35 -19.35 -21.34 2.17
N SER D 6 19.56 17.61 -5.50
CA SER D 6 20.19 17.25 -4.19
C SER D 6 19.12 17.27 -3.10
N ASP D 7 17.97 17.78 -3.43
CA ASP D 7 16.87 17.86 -2.47
C ASP D 7 16.42 16.44 -2.07
N PRO D 8 16.17 16.19 -0.80
CA PRO D 8 15.73 14.83 -0.34
C PRO D 8 14.27 14.55 -0.71
N LEU D 9 13.91 14.85 -1.93
CA LEU D 9 12.55 14.62 -2.40
C LEU D 9 12.28 13.13 -2.57
N VAL D 10 13.21 12.43 -3.14
CA VAL D 10 13.07 10.99 -3.37
C VAL D 10 13.14 10.19 -2.08
N VAL D 11 14.05 10.56 -1.21
CA VAL D 11 14.19 9.85 0.06
C VAL D 11 13.00 10.16 0.97
N ALA D 12 12.56 11.38 0.95
CA ALA D 12 11.43 11.80 1.77
C ALA D 12 10.26 10.84 1.62
N ALA D 13 10.10 10.30 0.43
CA ALA D 13 9.01 9.37 0.18
C ALA D 13 9.17 8.10 1.01
N SER D 14 10.39 7.76 1.31
CA SER D 14 10.67 6.55 2.10
C SER D 14 9.87 6.54 3.39
N ILE D 15 9.79 7.66 4.04
CA ILE D 15 9.05 7.76 5.30
C ILE D 15 7.61 7.27 5.11
N ILE D 16 7.04 7.57 3.99
CA ILE D 16 5.67 7.16 3.71
C ILE D 16 5.61 5.64 3.48
N GLY D 17 6.68 5.09 2.98
CA GLY D 17 6.73 3.66 2.68
C GLY D 17 6.72 2.79 3.94
N ILE D 18 7.56 3.10 4.88
CA ILE D 18 7.63 2.31 6.12
C ILE D 18 6.33 2.46 6.92
N LEU D 19 5.72 3.60 6.83
CA LEU D 19 4.47 3.85 7.55
C LEU D 19 3.48 2.72 7.27
N HIS D 20 3.46 2.25 6.05
CA HIS D 20 2.53 1.19 5.67
C HIS D 20 2.72 -0.07 6.52
N PHE D 21 3.96 -0.41 6.80
CA PHE D 21 4.26 -1.62 7.58
C PHE D 21 3.66 -1.59 8.98
N ILE D 22 3.84 -0.51 9.69
CA ILE D 22 3.32 -0.43 11.05
C ILE D 22 1.79 -0.55 11.06
N ALA D 23 1.12 0.09 10.14
CA ALA D 23 -0.33 0.03 10.10
C ALA D 23 -0.81 -1.36 9.66
N TRP D 24 -0.11 -1.94 8.74
CA TRP D 24 -0.46 -3.26 8.22
C TRP D 24 -0.69 -4.25 9.36
N THR D 25 -0.01 -4.04 10.45
CA THR D 25 -0.16 -4.92 11.61
C THR D 25 -1.56 -4.83 12.20
N ILE D 26 -2.15 -3.67 12.13
CA ILE D 26 -3.49 -3.48 12.68
C ILE D 26 -4.53 -4.20 11.81
N GLY D 27 -4.51 -3.93 10.53
CA GLY D 27 -5.47 -4.55 9.62
C GLY D 27 -5.50 -6.06 9.78
N HIS D 28 -4.39 -6.61 10.18
CA HIS D 28 -4.27 -8.05 10.37
C HIS D 28 -5.32 -8.58 11.36
N LEU D 29 -5.76 -7.73 12.25
CA LEU D 29 -6.71 -8.16 13.27
C LEU D 29 -7.86 -8.97 12.65
N ASN D 30 -8.22 -8.67 11.44
CA ASN D 30 -9.31 -9.39 10.78
C ASN D 30 -9.02 -10.89 10.69
N GLN D 31 -7.85 -11.23 10.18
CA GLN D 31 -7.47 -12.61 10.02
C GLN D 31 -7.14 -13.26 11.36
N ILE D 32 -6.09 -12.79 11.96
CA ILE D 32 -5.64 -13.33 13.25
C ILE D 32 -6.69 -13.06 14.31
N LYS D 33 -7.53 -14.03 14.50
CA LYS D 33 -8.60 -13.94 15.48
C LYS D 33 -9.54 -12.77 15.16
N ARG D 34 -10.71 -13.09 14.69
CA ARG D 34 -11.68 -12.05 14.35
C ARG D 34 -12.33 -11.50 15.61
N GLY D 35 -13.37 -10.73 15.43
CA GLY D 35 -14.08 -10.14 16.56
C GLY D 35 -13.25 -9.02 17.19
N SER A 6 11.23 18.24 -16.92
CA SER A 6 11.14 17.73 -18.31
C SER A 6 10.69 16.26 -18.28
N ASP A 7 11.31 15.49 -17.42
CA ASP A 7 10.98 14.07 -17.29
C ASP A 7 10.73 13.69 -15.83
N PRO A 8 9.69 14.21 -15.24
CA PRO A 8 9.33 13.91 -13.82
C PRO A 8 8.63 12.57 -13.69
N LEU A 9 9.20 11.57 -14.30
CA LEU A 9 8.63 10.22 -14.26
C LEU A 9 8.76 9.61 -12.87
N VAL A 10 9.90 9.78 -12.26
CA VAL A 10 10.15 9.22 -10.94
C VAL A 10 9.34 9.94 -9.86
N VAL A 11 9.25 11.23 -9.97
CA VAL A 11 8.50 12.02 -8.99
C VAL A 11 7.01 11.74 -9.10
N ALA A 12 6.51 11.73 -10.30
CA ALA A 12 5.09 11.48 -10.52
C ALA A 12 4.64 10.22 -9.78
N ALA A 13 5.48 9.22 -9.75
CA ALA A 13 5.15 7.97 -9.08
C ALA A 13 4.93 8.18 -7.57
N SER A 14 5.68 9.09 -7.00
CA SER A 14 5.56 9.36 -5.57
C SER A 14 4.14 9.79 -5.21
N ILE A 15 3.55 10.58 -6.06
CA ILE A 15 2.20 11.08 -5.83
C ILE A 15 1.24 9.93 -5.52
N ILE A 16 1.53 8.78 -6.06
CA ILE A 16 0.68 7.61 -5.83
C ILE A 16 0.79 7.12 -4.39
N GLY A 17 1.93 7.34 -3.79
CA GLY A 17 2.15 6.90 -2.41
C GLY A 17 1.27 7.66 -1.41
N ILE A 18 1.24 8.95 -1.52
CA ILE A 18 0.43 9.76 -0.61
C ILE A 18 -1.06 9.51 -0.81
N LEU A 19 -1.43 9.17 -2.02
CA LEU A 19 -2.84 8.93 -2.33
C LEU A 19 -3.40 7.78 -1.50
N HIS A 20 -2.70 6.70 -1.42
CA HIS A 20 -3.19 5.55 -0.67
C HIS A 20 -3.37 5.89 0.81
N PHE A 21 -2.61 6.82 1.31
CA PHE A 21 -2.69 7.21 2.72
C PHE A 21 -4.06 7.76 3.10
N ILE A 22 -4.58 8.69 2.34
CA ILE A 22 -5.88 9.27 2.67
C ILE A 22 -6.96 8.18 2.73
N ALA A 23 -6.90 7.23 1.82
CA ALA A 23 -7.89 6.16 1.80
C ALA A 23 -7.70 5.22 3.00
N TRP A 24 -6.46 5.00 3.37
CA TRP A 24 -6.14 4.12 4.48
C TRP A 24 -6.97 4.45 5.72
N THR A 25 -7.19 5.72 5.93
CA THR A 25 -7.98 6.15 7.08
C THR A 25 -9.33 5.43 7.12
N ILE A 26 -9.93 5.24 5.97
CA ILE A 26 -11.22 4.57 5.88
C ILE A 26 -11.11 3.13 6.39
N GLY A 27 -10.14 2.43 5.91
CA GLY A 27 -9.94 1.02 6.31
C GLY A 27 -9.97 0.87 7.82
N HIS A 28 -9.59 1.89 8.53
CA HIS A 28 -9.56 1.86 9.99
C HIS A 28 -10.87 1.32 10.57
N LEU A 29 -11.95 1.50 9.88
CA LEU A 29 -13.25 1.06 10.38
C LEU A 29 -13.18 -0.36 10.94
N ASN A 30 -12.37 -1.20 10.37
CA ASN A 30 -12.27 -2.57 10.87
C ASN A 30 -12.16 -2.58 12.40
N GLN A 31 -11.62 -1.53 12.96
CA GLN A 31 -11.49 -1.43 14.42
C GLN A 31 -12.69 -0.72 15.03
N ILE A 32 -13.09 0.36 14.45
CA ILE A 32 -14.21 1.15 14.97
C ILE A 32 -15.38 0.26 15.42
N LYS A 33 -15.40 -1.00 15.02
CA LYS A 33 -16.46 -1.92 15.41
C LYS A 33 -16.05 -2.71 16.66
N ARG A 34 -15.18 -3.66 16.47
CA ARG A 34 -14.70 -4.48 17.57
C ARG A 34 -14.19 -3.61 18.72
N GLY A 35 -13.07 -2.98 18.50
CA GLY A 35 -12.49 -2.11 19.52
C GLY A 35 -12.21 -2.89 20.81
N SER B 6 20.36 4.86 -17.25
CA SER B 6 20.24 3.90 -16.12
C SER B 6 19.24 2.80 -16.48
N ASP B 7 19.23 1.77 -15.69
CA ASP B 7 18.32 0.65 -15.93
C ASP B 7 16.91 1.01 -15.46
N PRO B 8 15.89 0.43 -16.05
CA PRO B 8 14.47 0.72 -15.66
C PRO B 8 14.14 0.15 -14.28
N LEU B 9 15.11 0.17 -13.40
CA LEU B 9 14.93 -0.34 -12.05
C LEU B 9 14.01 0.56 -11.24
N VAL B 10 14.25 1.84 -11.30
CA VAL B 10 13.44 2.80 -10.56
C VAL B 10 12.03 2.92 -11.14
N VAL B 11 11.93 2.86 -12.44
CA VAL B 11 10.64 2.97 -13.09
C VAL B 11 9.79 1.73 -12.82
N ALA B 12 10.40 0.58 -12.94
CA ALA B 12 9.70 -0.68 -12.71
C ALA B 12 8.92 -0.63 -11.40
N ALA B 13 9.46 0.08 -10.44
CA ALA B 13 8.82 0.20 -9.14
C ALA B 13 7.49 0.96 -9.27
N SER B 14 7.44 1.89 -10.18
CA SER B 14 6.23 2.67 -10.38
C SER B 14 5.05 1.78 -10.71
N ILE B 15 5.28 0.78 -11.52
CA ILE B 15 4.23 -0.14 -11.91
C ILE B 15 3.60 -0.79 -10.67
N ILE B 16 4.42 -1.03 -9.68
CA ILE B 16 3.95 -1.64 -8.44
C ILE B 16 3.13 -0.62 -7.64
N GLY B 17 3.49 0.62 -7.73
CA GLY B 17 2.79 1.67 -7.00
C GLY B 17 1.37 1.89 -7.53
N ILE B 18 1.24 1.94 -8.82
CA ILE B 18 -0.08 2.15 -9.41
C ILE B 18 -0.98 0.94 -9.20
N LEU B 19 -0.44 -0.24 -9.39
CA LEU B 19 -1.22 -1.47 -9.20
C LEU B 19 -1.93 -1.43 -7.85
N HIS B 20 -1.24 -0.90 -6.87
CA HIS B 20 -1.79 -0.82 -5.51
C HIS B 20 -3.19 -0.20 -5.53
N PHE B 21 -3.37 0.81 -6.33
CA PHE B 21 -4.66 1.50 -6.41
C PHE B 21 -5.73 0.60 -7.03
N ILE B 22 -5.35 -0.16 -8.03
CA ILE B 22 -6.31 -1.04 -8.70
C ILE B 22 -6.87 -2.07 -7.72
N ALA B 23 -6.02 -2.65 -6.92
CA ALA B 23 -6.47 -3.65 -5.95
C ALA B 23 -7.31 -3.01 -4.84
N TRP B 24 -6.88 -1.85 -4.42
CA TRP B 24 -7.54 -1.12 -3.36
C TRP B 24 -9.05 -0.99 -3.60
N THR B 25 -9.43 -0.99 -4.84
CA THR B 25 -10.85 -0.87 -5.17
C THR B 25 -11.66 -2.05 -4.63
N ILE B 26 -11.07 -3.22 -4.63
CA ILE B 26 -11.77 -4.40 -4.13
C ILE B 26 -12.09 -4.28 -2.64
N GLY B 27 -11.09 -3.93 -1.86
CA GLY B 27 -11.27 -3.80 -0.42
C GLY B 27 -12.44 -2.87 -0.09
N HIS B 28 -12.69 -1.94 -0.96
CA HIS B 28 -13.77 -0.98 -0.75
C HIS B 28 -15.13 -1.68 -0.67
N LEU B 29 -15.25 -2.80 -1.34
CA LEU B 29 -16.51 -3.53 -1.35
C LEU B 29 -17.06 -3.73 0.06
N ASN B 30 -16.19 -3.90 1.01
CA ASN B 30 -16.61 -4.13 2.40
C ASN B 30 -17.36 -2.94 3.00
N GLN B 31 -16.78 -1.77 2.90
CA GLN B 31 -17.39 -0.60 3.47
C GLN B 31 -18.66 -0.18 2.74
N ILE B 32 -18.57 -0.09 1.45
CA ILE B 32 -19.73 0.32 0.65
C ILE B 32 -20.91 -0.64 0.88
N LYS B 33 -20.80 -1.85 0.40
CA LYS B 33 -21.87 -2.85 0.57
C LYS B 33 -21.39 -4.00 1.46
N ARG B 34 -22.32 -4.67 2.08
CA ARG B 34 -22.00 -5.79 2.96
C ARG B 34 -23.11 -6.84 2.92
N GLY B 35 -24.29 -6.45 3.31
CA GLY B 35 -25.43 -7.36 3.32
C GLY B 35 -25.55 -8.08 1.98
N SER C 6 26.38 6.67 -6.86
CA SER C 6 25.98 5.80 -5.73
C SER C 6 24.70 6.36 -5.10
N ASP C 7 23.65 5.57 -5.16
CA ASP C 7 22.37 5.98 -4.60
C ASP C 7 21.45 4.78 -4.40
N PRO C 8 21.90 3.80 -3.66
CA PRO C 8 21.09 2.56 -3.40
C PRO C 8 19.98 2.80 -2.37
N LEU C 9 19.89 4.01 -1.90
CA LEU C 9 18.86 4.35 -0.91
C LEU C 9 17.46 4.25 -1.51
N VAL C 10 17.31 4.79 -2.70
CA VAL C 10 16.00 4.75 -3.37
C VAL C 10 15.64 3.34 -3.81
N VAL C 11 16.62 2.57 -4.19
CA VAL C 11 16.38 1.20 -4.64
C VAL C 11 15.90 0.33 -3.49
N ALA C 12 16.58 0.42 -2.37
CA ALA C 12 16.22 -0.38 -1.21
C ALA C 12 14.73 -0.27 -0.91
N ALA C 13 14.19 0.91 -1.10
CA ALA C 13 12.78 1.15 -0.84
C ALA C 13 11.89 0.33 -1.79
N SER C 14 12.39 0.06 -2.98
CA SER C 14 11.62 -0.71 -3.96
C SER C 14 11.21 -2.07 -3.41
N ILE C 15 12.11 -2.72 -2.73
CA ILE C 15 11.84 -4.04 -2.17
C ILE C 15 10.59 -4.01 -1.28
N ILE C 16 10.36 -2.88 -0.66
CA ILE C 16 9.22 -2.73 0.24
C ILE C 16 7.90 -2.77 -0.54
N GLY C 17 7.90 -2.22 -1.72
CA GLY C 17 6.68 -2.19 -2.54
C GLY C 17 6.21 -3.59 -2.93
N ILE C 18 7.11 -4.42 -3.35
CA ILE C 18 6.74 -5.78 -3.76
C ILE C 18 6.34 -6.62 -2.54
N LEU C 19 6.90 -6.31 -1.41
CA LEU C 19 6.61 -7.05 -0.19
C LEU C 19 5.13 -6.94 0.20
N HIS C 20 4.60 -5.76 0.22
CA HIS C 20 3.20 -5.57 0.61
C HIS C 20 2.26 -6.43 -0.25
N PHE C 21 2.65 -6.68 -1.46
CA PHE C 21 1.83 -7.47 -2.37
C PHE C 21 1.59 -8.88 -1.84
N ILE C 22 2.62 -9.48 -1.29
CA ILE C 22 2.50 -10.84 -0.78
C ILE C 22 1.41 -10.93 0.31
N ALA C 23 1.42 -9.99 1.22
CA ALA C 23 0.43 -9.99 2.29
C ALA C 23 -0.97 -9.69 1.74
N TRP C 24 -1.02 -8.84 0.75
CA TRP C 24 -2.30 -8.45 0.16
C TRP C 24 -3.15 -9.66 -0.20
N THR C 25 -2.51 -10.72 -0.60
CA THR C 25 -3.23 -11.94 -0.98
C THR C 25 -4.13 -12.41 0.17
N ILE C 26 -3.64 -12.29 1.37
CA ILE C 26 -4.41 -12.72 2.55
C ILE C 26 -5.69 -11.90 2.68
N GLY C 27 -5.58 -10.61 2.58
CA GLY C 27 -6.74 -9.73 2.71
C GLY C 27 -7.90 -10.20 1.84
N HIS C 28 -7.59 -10.89 0.77
CA HIS C 28 -8.62 -11.38 -0.14
C HIS C 28 -9.75 -12.07 0.61
N LEU C 29 -9.44 -12.63 1.75
CA LEU C 29 -10.45 -13.36 2.52
C LEU C 29 -11.76 -12.57 2.61
N ASN C 30 -11.68 -11.28 2.86
CA ASN C 30 -12.88 -10.47 2.96
C ASN C 30 -13.80 -10.69 1.74
N GLN C 31 -13.22 -10.84 0.59
CA GLN C 31 -13.99 -11.04 -0.63
C GLN C 31 -14.79 -12.33 -0.58
N ILE C 32 -14.14 -13.39 -0.21
CA ILE C 32 -14.77 -14.71 -0.13
C ILE C 32 -15.25 -14.97 1.29
N LYS C 33 -15.12 -16.20 1.72
CA LYS C 33 -15.54 -16.60 3.06
C LYS C 33 -16.86 -15.92 3.45
N ARG C 34 -17.64 -15.57 2.45
CA ARG C 34 -18.92 -14.92 2.68
C ARG C 34 -19.85 -15.12 1.49
N GLY C 35 -20.90 -15.89 1.69
CA GLY C 35 -21.84 -16.16 0.61
C GLY C 35 -22.72 -17.36 0.95
N SER D 6 18.20 16.74 -7.11
CA SER D 6 19.08 16.40 -5.96
C SER D 6 18.34 16.67 -4.66
N ASP D 7 17.30 17.46 -4.73
CA ASP D 7 16.51 17.78 -3.55
C ASP D 7 16.05 16.49 -2.85
N PRO D 8 15.87 16.52 -1.56
CA PRO D 8 15.42 15.30 -0.79
C PRO D 8 13.97 14.94 -1.10
N LEU D 9 13.57 15.17 -2.32
CA LEU D 9 12.22 14.86 -2.74
C LEU D 9 12.02 13.33 -2.87
N VAL D 10 13.04 12.67 -3.35
CA VAL D 10 12.99 11.22 -3.54
C VAL D 10 13.00 10.44 -2.23
N VAL D 11 13.78 10.87 -1.28
CA VAL D 11 13.87 10.23 0.00
C VAL D 11 12.59 10.43 0.80
N ALA D 12 12.06 11.62 0.73
CA ALA D 12 10.83 11.94 1.45
C ALA D 12 9.74 10.93 1.14
N ALA D 13 9.78 10.39 -0.05
CA ALA D 13 8.80 9.40 -0.47
C ALA D 13 9.04 8.06 0.23
N SER D 14 10.28 7.75 0.46
CA SER D 14 10.65 6.48 1.09
C SER D 14 10.12 6.36 2.51
N ILE D 15 10.26 7.39 3.29
CA ILE D 15 9.78 7.35 4.68
C ILE D 15 8.29 7.01 4.74
N ILE D 16 7.59 7.35 3.69
CA ILE D 16 6.15 7.06 3.63
C ILE D 16 5.92 5.55 3.44
N GLY D 17 6.87 4.89 2.82
CA GLY D 17 6.77 3.45 2.55
C GLY D 17 6.76 2.60 3.83
N ILE D 18 7.55 2.98 4.79
CA ILE D 18 7.62 2.20 6.04
C ILE D 18 6.31 2.34 6.81
N LEU D 19 5.66 3.45 6.65
CA LEU D 19 4.40 3.72 7.34
C LEU D 19 3.38 2.64 6.99
N HIS D 20 3.49 2.07 5.83
CA HIS D 20 2.55 1.04 5.41
C HIS D 20 2.72 -0.25 6.20
N PHE D 21 3.95 -0.57 6.53
CA PHE D 21 4.26 -1.80 7.26
C PHE D 21 3.68 -1.81 8.68
N ILE D 22 3.86 -0.74 9.41
CA ILE D 22 3.35 -0.70 10.79
C ILE D 22 1.82 -0.72 10.82
N ALA D 23 1.19 -0.03 9.90
CA ALA D 23 -0.28 -0.01 9.87
C ALA D 23 -0.84 -1.37 9.43
N TRP D 24 -0.18 -1.99 8.49
CA TRP D 24 -0.62 -3.30 7.97
C TRP D 24 -0.81 -4.29 9.11
N THR D 25 -0.04 -4.14 10.14
CA THR D 25 -0.13 -5.05 11.29
C THR D 25 -1.49 -4.93 11.97
N ILE D 26 -2.07 -3.76 11.93
CA ILE D 26 -3.37 -3.55 12.57
C ILE D 26 -4.49 -4.25 11.80
N GLY D 27 -4.56 -4.00 10.52
CA GLY D 27 -5.59 -4.62 9.69
C GLY D 27 -5.63 -6.13 9.88
N HIS D 28 -4.49 -6.70 10.17
CA HIS D 28 -4.39 -8.13 10.37
C HIS D 28 -5.38 -8.61 11.43
N LEU D 29 -5.74 -7.76 12.34
CA LEU D 29 -6.67 -8.14 13.39
C LEU D 29 -7.90 -8.85 12.84
N ASN D 30 -8.34 -8.49 11.67
CA ASN D 30 -9.54 -9.11 11.10
C ASN D 30 -9.45 -10.63 11.19
N GLN D 31 -8.36 -11.19 10.72
CA GLN D 31 -8.16 -12.61 10.76
C GLN D 31 -7.50 -12.99 12.09
N ILE D 32 -6.47 -13.80 12.02
CA ILE D 32 -5.72 -14.25 13.21
C ILE D 32 -6.61 -14.30 14.47
N LYS D 33 -7.21 -15.44 14.68
CA LYS D 33 -8.09 -15.65 15.83
C LYS D 33 -9.00 -14.43 16.03
N ARG D 34 -10.02 -14.35 15.23
CA ARG D 34 -10.96 -13.24 15.32
C ARG D 34 -11.41 -13.06 16.77
N GLY D 35 -11.61 -14.14 17.46
CA GLY D 35 -12.05 -14.09 18.85
C GLY D 35 -10.90 -13.66 19.76
N SER A 6 13.02 17.49 -15.76
CA SER A 6 13.65 16.80 -16.93
C SER A 6 13.43 15.29 -16.80
N ASP A 7 12.96 14.87 -15.66
CA ASP A 7 12.71 13.46 -15.42
C ASP A 7 11.75 13.26 -14.25
N PRO A 8 10.57 13.82 -14.34
CA PRO A 8 9.53 13.71 -13.28
C PRO A 8 8.87 12.33 -13.27
N LEU A 9 9.54 11.37 -13.84
CA LEU A 9 9.03 10.00 -13.89
C LEU A 9 8.93 9.41 -12.48
N VAL A 10 9.99 9.52 -11.72
CA VAL A 10 10.00 9.00 -10.36
C VAL A 10 9.12 9.83 -9.44
N VAL A 11 9.15 11.13 -9.63
CA VAL A 11 8.36 12.03 -8.82
C VAL A 11 6.87 11.77 -9.00
N ALA A 12 6.51 11.31 -10.17
CA ALA A 12 5.11 11.03 -10.47
C ALA A 12 4.57 9.95 -9.53
N ALA A 13 5.44 9.09 -9.09
CA ALA A 13 5.04 8.01 -8.19
C ALA A 13 4.63 8.54 -6.82
N SER A 14 5.28 9.57 -6.37
CA SER A 14 4.96 10.15 -5.05
C SER A 14 3.50 10.55 -4.96
N ILE A 15 3.00 11.21 -5.97
CA ILE A 15 1.61 11.66 -5.96
C ILE A 15 0.68 10.48 -5.64
N ILE A 16 1.00 9.34 -6.19
CA ILE A 16 0.20 8.15 -5.95
C ILE A 16 0.37 7.67 -4.50
N GLY A 17 1.51 7.94 -3.93
CA GLY A 17 1.80 7.51 -2.56
C GLY A 17 0.89 8.18 -1.53
N ILE A 18 0.78 9.48 -1.58
CA ILE A 18 -0.04 10.19 -0.62
C ILE A 18 -1.52 9.87 -0.80
N LEU A 19 -1.91 9.55 -2.00
CA LEU A 19 -3.30 9.22 -2.29
C LEU A 19 -3.76 7.99 -1.52
N HIS A 20 -2.92 6.99 -1.44
CA HIS A 20 -3.31 5.77 -0.73
C HIS A 20 -3.50 6.02 0.76
N PHE A 21 -2.81 6.98 1.30
CA PHE A 21 -2.91 7.28 2.74
C PHE A 21 -4.30 7.76 3.14
N ILE A 22 -4.83 8.74 2.44
CA ILE A 22 -6.15 9.23 2.81
C ILE A 22 -7.14 8.09 2.92
N ALA A 23 -7.05 7.15 2.02
CA ALA A 23 -7.94 5.99 2.04
C ALA A 23 -7.56 5.02 3.17
N TRP A 24 -6.29 4.95 3.46
CA TRP A 24 -5.78 4.03 4.49
C TRP A 24 -6.54 4.10 5.81
N THR A 25 -7.07 5.25 6.14
CA THR A 25 -7.81 5.39 7.40
C THR A 25 -9.13 4.62 7.36
N ILE A 26 -9.71 4.50 6.19
CA ILE A 26 -10.98 3.79 6.06
C ILE A 26 -10.85 2.37 6.62
N GLY A 27 -9.77 1.71 6.27
CA GLY A 27 -9.56 0.34 6.73
C GLY A 27 -9.81 0.20 8.23
N HIS A 28 -9.63 1.25 8.96
CA HIS A 28 -9.85 1.22 10.40
C HIS A 28 -11.22 0.60 10.71
N LEU A 29 -12.13 0.73 9.80
CA LEU A 29 -13.48 0.22 10.00
C LEU A 29 -13.45 -1.20 10.59
N ASN A 30 -12.60 -2.05 10.06
CA ASN A 30 -12.54 -3.42 10.56
C ASN A 30 -12.41 -3.44 12.08
N GLN A 31 -11.46 -2.70 12.61
CA GLN A 31 -11.21 -2.64 14.02
C GLN A 31 -11.88 -1.44 14.68
N ILE A 32 -13.18 -1.33 14.59
CA ILE A 32 -13.87 -0.19 15.22
C ILE A 32 -13.71 -0.21 16.74
N LYS A 33 -14.10 -1.30 17.38
CA LYS A 33 -13.99 -1.41 18.84
C LYS A 33 -13.49 -2.80 19.22
N ARG A 34 -13.49 -3.69 18.27
CA ARG A 34 -13.04 -5.05 18.50
C ARG A 34 -11.53 -5.07 18.77
N GLY A 35 -10.85 -4.06 18.31
CA GLY A 35 -9.40 -3.96 18.50
C GLY A 35 -8.91 -2.55 18.25
N SER B 6 18.64 1.17 -19.25
CA SER B 6 18.67 2.55 -18.68
C SER B 6 18.35 2.50 -17.19
N ASP B 7 18.68 1.39 -16.58
CA ASP B 7 18.43 1.22 -15.15
C ASP B 7 16.96 1.49 -14.82
N PRO B 8 16.06 0.77 -15.44
CA PRO B 8 14.60 0.92 -15.20
C PRO B 8 14.18 0.32 -13.87
N LEU B 9 15.12 0.24 -12.96
CA LEU B 9 14.83 -0.31 -11.64
C LEU B 9 13.94 0.63 -10.83
N VAL B 10 14.24 1.90 -10.90
CA VAL B 10 13.46 2.91 -10.18
C VAL B 10 12.09 3.06 -10.80
N VAL B 11 12.04 3.07 -12.10
CA VAL B 11 10.78 3.22 -12.82
C VAL B 11 9.94 1.95 -12.65
N ALA B 12 10.59 0.83 -12.73
CA ALA B 12 9.90 -0.46 -12.60
C ALA B 12 9.00 -0.45 -11.37
N ALA B 13 9.45 0.18 -10.33
CA ALA B 13 8.67 0.25 -9.09
C ALA B 13 7.32 0.91 -9.35
N SER B 14 7.26 1.78 -10.32
CA SER B 14 6.03 2.47 -10.67
C SER B 14 4.94 1.47 -11.03
N ILE B 15 5.30 0.46 -11.78
CA ILE B 15 4.34 -0.55 -12.21
C ILE B 15 3.55 -1.07 -11.01
N ILE B 16 4.21 -1.21 -9.89
CA ILE B 16 3.56 -1.69 -8.69
C ILE B 16 2.57 -0.66 -8.15
N GLY B 17 2.85 0.59 -8.39
CA GLY B 17 1.97 1.66 -7.93
C GLY B 17 0.60 1.58 -8.58
N ILE B 18 0.57 1.47 -9.89
CA ILE B 18 -0.69 1.40 -10.62
C ILE B 18 -1.48 0.16 -10.21
N LEU B 19 -0.82 -0.95 -10.11
CA LEU B 19 -1.48 -2.20 -9.73
C LEU B 19 -2.07 -2.06 -8.32
N HIS B 20 -1.25 -1.59 -7.42
CA HIS B 20 -1.67 -1.40 -6.04
C HIS B 20 -2.99 -0.63 -5.96
N PHE B 21 -3.13 0.35 -6.81
CA PHE B 21 -4.35 1.16 -6.84
C PHE B 21 -5.55 0.37 -7.35
N ILE B 22 -5.32 -0.44 -8.35
CA ILE B 22 -6.41 -1.24 -8.93
C ILE B 22 -7.01 -2.17 -7.89
N ALA B 23 -6.19 -2.81 -7.11
CA ALA B 23 -6.68 -3.73 -6.09
C ALA B 23 -7.46 -2.97 -5.02
N TRP B 24 -6.94 -1.83 -4.65
CA TRP B 24 -7.57 -1.00 -3.62
C TRP B 24 -9.06 -0.80 -3.90
N THR B 25 -9.40 -0.75 -5.16
CA THR B 25 -10.80 -0.56 -5.54
C THR B 25 -11.68 -1.69 -5.01
N ILE B 26 -11.16 -2.89 -5.04
CA ILE B 26 -11.92 -4.05 -4.58
C ILE B 26 -12.25 -3.90 -3.09
N GLY B 27 -11.26 -3.61 -2.30
CA GLY B 27 -11.46 -3.46 -0.85
C GLY B 27 -12.62 -2.53 -0.52
N HIS B 28 -12.88 -1.58 -1.38
CA HIS B 28 -13.96 -0.62 -1.16
C HIS B 28 -15.30 -1.31 -1.01
N LEU B 29 -15.46 -2.45 -1.63
CA LEU B 29 -16.74 -3.15 -1.57
C LEU B 29 -17.29 -3.21 -0.15
N ASN B 30 -16.42 -3.28 0.82
CA ASN B 30 -16.85 -3.35 2.22
C ASN B 30 -17.65 -2.10 2.65
N GLN B 31 -17.15 -0.94 2.30
CA GLN B 31 -17.79 0.30 2.67
C GLN B 31 -19.20 0.42 2.09
N ILE B 32 -19.30 0.25 0.81
CA ILE B 32 -20.60 0.36 0.14
C ILE B 32 -21.61 -0.64 0.71
N LYS B 33 -21.38 -1.93 0.49
CA LYS B 33 -22.30 -2.95 1.01
C LYS B 33 -21.51 -4.11 1.62
N ARG B 34 -22.10 -4.75 2.60
CA ARG B 34 -21.45 -5.87 3.28
C ARG B 34 -22.51 -6.79 3.89
N GLY B 35 -23.49 -6.21 4.51
CA GLY B 35 -24.55 -6.99 5.14
C GLY B 35 -25.28 -7.84 4.10
N SER C 6 26.18 3.69 -4.19
CA SER C 6 26.30 5.17 -4.28
C SER C 6 25.01 5.82 -3.79
N ASP C 7 23.93 5.08 -3.87
CA ASP C 7 22.64 5.59 -3.42
C ASP C 7 21.59 4.48 -3.43
N PRO C 8 21.84 3.40 -2.74
CA PRO C 8 20.89 2.25 -2.66
C PRO C 8 19.71 2.56 -1.73
N LEU C 9 19.59 3.79 -1.35
CA LEU C 9 18.51 4.21 -0.45
C LEU C 9 17.17 4.15 -1.17
N VAL C 10 17.14 4.63 -2.38
CA VAL C 10 15.91 4.63 -3.17
C VAL C 10 15.53 3.22 -3.58
N VAL C 11 16.51 2.44 -3.96
CA VAL C 11 16.27 1.07 -4.38
C VAL C 11 15.79 0.22 -3.21
N ALA C 12 16.48 0.33 -2.12
CA ALA C 12 16.14 -0.44 -0.92
C ALA C 12 14.65 -0.31 -0.59
N ALA C 13 14.12 0.86 -0.80
CA ALA C 13 12.70 1.09 -0.53
C ALA C 13 11.81 0.25 -1.45
N SER C 14 12.30 -0.03 -2.62
CA SER C 14 11.54 -0.81 -3.59
C SER C 14 11.03 -2.12 -3.00
N ILE C 15 11.88 -2.79 -2.27
CA ILE C 15 11.51 -4.08 -1.66
C ILE C 15 10.20 -3.97 -0.90
N ILE C 16 9.90 -2.80 -0.40
CA ILE C 16 8.67 -2.58 0.35
C ILE C 16 7.45 -2.63 -0.55
N GLY C 17 7.60 -2.22 -1.78
CA GLY C 17 6.47 -2.23 -2.71
C GLY C 17 6.04 -3.64 -3.07
N ILE C 18 6.98 -4.46 -3.45
CA ILE C 18 6.67 -5.83 -3.82
C ILE C 18 6.27 -6.63 -2.58
N LEU C 19 6.79 -6.25 -1.46
CA LEU C 19 6.50 -6.95 -0.20
C LEU C 19 5.02 -6.89 0.14
N HIS C 20 4.43 -5.73 0.08
CA HIS C 20 3.01 -5.58 0.42
C HIS C 20 2.13 -6.52 -0.40
N PHE C 21 2.56 -6.83 -1.59
CA PHE C 21 1.77 -7.71 -2.47
C PHE C 21 1.53 -9.07 -1.81
N ILE C 22 2.54 -9.62 -1.20
CA ILE C 22 2.42 -10.92 -0.56
C ILE C 22 1.32 -10.89 0.50
N ALA C 23 1.33 -9.89 1.34
CA ALA C 23 0.32 -9.78 2.39
C ALA C 23 -1.05 -9.48 1.80
N TRP C 24 -1.07 -8.69 0.76
CA TRP C 24 -2.33 -8.32 0.11
C TRP C 24 -3.18 -9.56 -0.17
N THR C 25 -2.51 -10.66 -0.38
CA THR C 25 -3.21 -11.91 -0.66
C THR C 25 -4.17 -12.24 0.48
N ILE C 26 -3.74 -11.95 1.68
CA ILE C 26 -4.55 -12.22 2.86
C ILE C 26 -5.84 -11.40 2.84
N GLY C 27 -5.71 -10.13 2.61
CA GLY C 27 -6.87 -9.23 2.58
C GLY C 27 -8.00 -9.78 1.73
N HIS C 28 -7.67 -10.55 0.74
CA HIS C 28 -8.68 -11.12 -0.15
C HIS C 28 -9.81 -11.78 0.66
N LEU C 29 -9.51 -12.25 1.83
CA LEU C 29 -10.51 -12.93 2.66
C LEU C 29 -11.83 -12.15 2.68
N ASN C 30 -11.76 -10.86 2.84
CA ASN C 30 -12.96 -10.04 2.87
C ASN C 30 -13.84 -10.32 1.65
N GLN C 31 -13.23 -10.35 0.50
CA GLN C 31 -13.98 -10.58 -0.75
C GLN C 31 -14.81 -11.85 -0.67
N ILE C 32 -14.20 -12.92 -0.23
CA ILE C 32 -14.87 -14.20 -0.12
C ILE C 32 -15.41 -14.37 1.30
N LYS C 33 -15.36 -15.58 1.80
CA LYS C 33 -15.87 -15.86 3.15
C LYS C 33 -17.21 -15.14 3.38
N ARG C 34 -17.64 -15.10 4.61
CA ARG C 34 -18.90 -14.45 4.95
C ARG C 34 -19.04 -13.12 4.21
N GLY C 35 -20.19 -12.91 3.64
CA GLY C 35 -20.45 -11.68 2.89
C GLY C 35 -20.71 -10.52 3.84
N SER D 6 19.05 15.56 -7.28
CA SER D 6 19.91 15.42 -6.07
C SER D 6 19.13 15.87 -4.84
N ASP D 7 17.99 16.47 -5.06
CA ASP D 7 17.16 16.95 -3.96
C ASP D 7 16.59 15.76 -3.18
N PRO D 8 16.33 15.93 -1.89
CA PRO D 8 15.78 14.83 -1.05
C PRO D 8 14.31 14.54 -1.37
N LEU D 9 13.94 14.82 -2.60
CA LEU D 9 12.56 14.59 -3.02
C LEU D 9 12.27 13.10 -3.13
N VAL D 10 13.18 12.37 -3.72
CA VAL D 10 13.02 10.93 -3.89
C VAL D 10 13.13 10.21 -2.55
N VAL D 11 14.00 10.69 -1.71
CA VAL D 11 14.20 10.09 -0.39
C VAL D 11 12.97 10.31 0.47
N ALA D 12 12.48 11.52 0.49
CA ALA D 12 11.31 11.84 1.29
C ALA D 12 10.19 10.83 1.07
N ALA D 13 10.11 10.34 -0.14
CA ALA D 13 9.09 9.35 -0.47
C ALA D 13 9.33 8.03 0.26
N SER D 14 10.58 7.74 0.54
CA SER D 14 10.93 6.49 1.22
C SER D 14 10.25 6.40 2.59
N ILE D 15 10.25 7.48 3.31
CA ILE D 15 9.64 7.50 4.64
C ILE D 15 8.19 7.01 4.55
N ILE D 16 7.57 7.25 3.43
CA ILE D 16 6.18 6.83 3.23
C ILE D 16 6.11 5.30 3.09
N GLY D 17 7.16 4.72 2.58
CA GLY D 17 7.20 3.27 2.38
C GLY D 17 7.17 2.51 3.70
N ILE D 18 7.93 2.95 4.66
CA ILE D 18 7.97 2.29 5.96
C ILE D 18 6.62 2.44 6.68
N LEU D 19 6.02 3.58 6.53
CA LEU D 19 4.74 3.85 7.16
C LEU D 19 3.75 2.71 6.89
N HIS D 20 3.72 2.27 5.67
CA HIS D 20 2.81 1.20 5.27
C HIS D 20 3.01 -0.06 6.11
N PHE D 21 4.24 -0.44 6.32
CA PHE D 21 4.54 -1.66 7.07
C PHE D 21 4.03 -1.60 8.51
N ILE D 22 4.29 -0.51 9.20
CA ILE D 22 3.85 -0.41 10.59
C ILE D 22 2.33 -0.43 10.71
N ALA D 23 1.65 0.24 9.82
CA ALA D 23 0.19 0.27 9.86
C ALA D 23 -0.39 -1.09 9.47
N TRP D 24 0.19 -1.70 8.47
CA TRP D 24 -0.27 -3.00 8.00
C TRP D 24 -0.43 -3.97 9.18
N THR D 25 0.37 -3.76 10.20
CA THR D 25 0.31 -4.60 11.39
C THR D 25 -1.06 -4.48 12.05
N ILE D 26 -1.64 -3.31 11.97
CA ILE D 26 -2.95 -3.07 12.57
C ILE D 26 -4.03 -3.91 11.88
N GLY D 27 -4.08 -3.84 10.57
CA GLY D 27 -5.06 -4.59 9.79
C GLY D 27 -5.01 -6.08 10.10
N HIS D 28 -3.87 -6.56 10.49
CA HIS D 28 -3.69 -7.97 10.81
C HIS D 28 -4.66 -8.47 11.88
N LEU D 29 -5.08 -7.60 12.77
CA LEU D 29 -5.98 -8.00 13.85
C LEU D 29 -7.17 -8.82 13.34
N ASN D 30 -7.60 -8.62 12.13
CA ASN D 30 -8.76 -9.36 11.60
C ASN D 30 -8.48 -10.86 11.48
N GLN D 31 -7.40 -11.24 10.86
CA GLN D 31 -7.07 -12.63 10.65
C GLN D 31 -6.84 -13.37 11.97
N ILE D 32 -5.97 -12.86 12.77
CA ILE D 32 -5.65 -13.50 14.04
C ILE D 32 -6.91 -13.71 14.89
N LYS D 33 -7.48 -12.63 15.37
CA LYS D 33 -8.69 -12.71 16.20
C LYS D 33 -9.83 -11.90 15.57
N ARG D 34 -11.04 -12.25 15.90
CA ARG D 34 -12.21 -11.57 15.36
C ARG D 34 -13.37 -11.64 16.36
N GLY D 35 -13.05 -11.95 17.59
CA GLY D 35 -14.07 -12.04 18.63
C GLY D 35 -13.49 -12.64 19.91
N SER A 6 13.60 17.68 -16.16
CA SER A 6 14.09 16.96 -17.36
C SER A 6 13.84 15.46 -17.19
N ASP A 7 13.20 15.10 -16.11
CA ASP A 7 12.91 13.70 -15.85
C ASP A 7 12.02 13.55 -14.61
N PRO A 8 10.84 14.13 -14.66
CA PRO A 8 9.87 14.06 -13.53
C PRO A 8 9.14 12.72 -13.48
N LEU A 9 9.76 11.70 -14.03
CA LEU A 9 9.17 10.38 -14.06
C LEU A 9 9.13 9.76 -12.66
N VAL A 10 10.20 9.91 -11.93
CA VAL A 10 10.30 9.35 -10.58
C VAL A 10 9.39 10.09 -9.60
N VAL A 11 9.33 11.39 -9.74
CA VAL A 11 8.51 12.20 -8.85
C VAL A 11 7.03 11.91 -9.05
N ALA A 12 6.63 11.79 -10.29
CA ALA A 12 5.23 11.52 -10.60
C ALA A 12 4.71 10.34 -9.78
N ALA A 13 5.57 9.39 -9.52
CA ALA A 13 5.18 8.21 -8.75
C ALA A 13 4.87 8.55 -7.30
N SER A 14 5.59 9.48 -6.74
CA SER A 14 5.39 9.88 -5.35
C SER A 14 3.96 10.39 -5.13
N ILE A 15 3.49 11.20 -6.02
CA ILE A 15 2.13 11.74 -5.90
C ILE A 15 1.13 10.64 -5.63
N ILE A 16 1.37 9.49 -6.20
CA ILE A 16 0.48 8.35 -6.03
C ILE A 16 0.57 7.81 -4.60
N GLY A 17 1.71 7.97 -3.99
CA GLY A 17 1.91 7.48 -2.62
C GLY A 17 1.04 8.22 -1.61
N ILE A 18 1.06 9.51 -1.64
CA ILE A 18 0.28 10.29 -0.69
C ILE A 18 -1.21 10.01 -0.85
N LEU A 19 -1.62 9.67 -2.05
CA LEU A 19 -3.02 9.39 -2.32
C LEU A 19 -3.52 8.20 -1.50
N HIS A 20 -2.75 7.15 -1.45
CA HIS A 20 -3.17 5.97 -0.70
C HIS A 20 -3.37 6.28 0.78
N PHE A 21 -2.66 7.25 1.30
CA PHE A 21 -2.77 7.60 2.71
C PHE A 21 -4.17 8.11 3.07
N ILE A 22 -4.66 9.06 2.32
CA ILE A 22 -5.98 9.60 2.63
C ILE A 22 -7.02 8.48 2.64
N ALA A 23 -6.90 7.56 1.72
CA ALA A 23 -7.85 6.45 1.65
C ALA A 23 -7.63 5.46 2.80
N TRP A 24 -6.41 5.35 3.25
CA TRP A 24 -6.03 4.40 4.30
C TRP A 24 -6.86 4.56 5.58
N THR A 25 -7.19 5.77 5.93
CA THR A 25 -7.97 6.00 7.17
C THR A 25 -9.30 5.25 7.12
N ILE A 26 -9.88 5.14 5.95
CA ILE A 26 -11.16 4.45 5.82
C ILE A 26 -11.02 2.98 6.26
N GLY A 27 -9.89 2.38 5.94
CA GLY A 27 -9.65 0.98 6.30
C GLY A 27 -10.03 0.72 7.75
N HIS A 28 -10.00 1.74 8.54
CA HIS A 28 -10.34 1.66 9.93
C HIS A 28 -11.66 0.88 10.13
N LEU A 29 -12.48 0.84 9.12
CA LEU A 29 -13.79 0.18 9.22
C LEU A 29 -13.64 -1.16 9.98
N ASN A 30 -12.67 -1.95 9.61
CA ASN A 30 -12.48 -3.24 10.25
C ASN A 30 -12.39 -3.16 11.79
N GLN A 31 -11.54 -2.30 12.31
CA GLN A 31 -11.37 -2.19 13.74
C GLN A 31 -12.60 -1.57 14.42
N ILE A 32 -12.99 -0.41 13.99
CA ILE A 32 -14.16 0.24 14.59
C ILE A 32 -15.39 -0.70 14.57
N LYS A 33 -15.55 -1.45 13.51
CA LYS A 33 -16.66 -2.37 13.39
C LYS A 33 -16.43 -3.61 14.24
N ARG A 34 -15.52 -4.45 13.81
CA ARG A 34 -15.20 -5.68 14.54
C ARG A 34 -14.20 -5.39 15.66
N GLY A 35 -14.41 -5.99 16.79
CA GLY A 35 -13.52 -5.79 17.92
C GLY A 35 -13.60 -4.36 18.44
N SER B 6 21.10 3.57 -15.68
CA SER B 6 20.27 3.91 -16.88
C SER B 6 19.20 2.85 -17.07
N ASP B 7 19.22 1.85 -16.22
CA ASP B 7 18.25 0.77 -16.29
C ASP B 7 16.90 1.23 -15.71
N PRO B 8 15.79 0.71 -16.18
CA PRO B 8 14.44 1.09 -15.67
C PRO B 8 14.19 0.50 -14.28
N LEU B 9 15.20 0.51 -13.46
CA LEU B 9 15.10 -0.03 -12.11
C LEU B 9 14.09 0.78 -11.29
N VAL B 10 14.23 2.08 -11.30
CA VAL B 10 13.35 2.95 -10.54
C VAL B 10 11.94 2.97 -11.15
N VAL B 11 11.87 2.86 -12.45
CA VAL B 11 10.58 2.87 -13.13
C VAL B 11 9.80 1.58 -12.84
N ALA B 12 10.50 0.48 -12.90
CA ALA B 12 9.86 -0.81 -12.64
C ALA B 12 9.07 -0.78 -11.33
N ALA B 13 9.62 -0.12 -10.35
CA ALA B 13 8.95 -0.01 -9.05
C ALA B 13 7.62 0.71 -9.18
N SER B 14 7.56 1.65 -10.08
CA SER B 14 6.33 2.43 -10.29
C SER B 14 5.17 1.51 -10.64
N ILE B 15 5.42 0.54 -11.47
CA ILE B 15 4.39 -0.40 -11.88
C ILE B 15 3.69 -0.99 -10.66
N ILE B 16 4.43 -1.19 -9.61
CA ILE B 16 3.87 -1.74 -8.39
C ILE B 16 2.95 -0.72 -7.71
N GLY B 17 3.23 0.54 -7.90
CA GLY B 17 2.43 1.59 -7.30
C GLY B 17 1.02 1.62 -7.88
N ILE B 18 0.92 1.60 -9.18
CA ILE B 18 -0.39 1.64 -9.84
C ILE B 18 -1.22 0.42 -9.44
N LEU B 19 -0.62 -0.74 -9.48
CA LEU B 19 -1.34 -1.97 -9.12
C LEU B 19 -2.00 -1.80 -7.75
N HIS B 20 -1.28 -1.21 -6.84
CA HIS B 20 -1.77 -0.98 -5.49
C HIS B 20 -3.15 -0.33 -5.52
N PHE B 21 -3.30 0.66 -6.36
CA PHE B 21 -4.56 1.38 -6.47
C PHE B 21 -5.67 0.49 -7.05
N ILE B 22 -5.33 -0.30 -8.03
CA ILE B 22 -6.32 -1.18 -8.66
C ILE B 22 -6.88 -2.16 -7.64
N ALA B 23 -6.04 -2.76 -6.85
CA ALA B 23 -6.49 -3.72 -5.86
C ALA B 23 -7.30 -3.02 -4.77
N TRP B 24 -6.88 -1.83 -4.42
CA TRP B 24 -7.55 -1.04 -3.39
C TRP B 24 -9.06 -0.98 -3.62
N THR B 25 -9.45 -0.94 -4.86
CA THR B 25 -10.86 -0.87 -5.21
C THR B 25 -11.67 -1.97 -4.51
N ILE B 26 -11.13 -3.15 -4.46
CA ILE B 26 -11.81 -4.27 -3.84
C ILE B 26 -12.05 -4.00 -2.34
N GLY B 27 -11.01 -3.62 -1.65
CA GLY B 27 -11.12 -3.36 -0.21
C GLY B 27 -12.29 -2.44 0.12
N HIS B 28 -12.62 -1.57 -0.80
CA HIS B 28 -13.71 -0.62 -0.59
C HIS B 28 -15.05 -1.33 -0.37
N LEU B 29 -15.19 -2.51 -0.91
CA LEU B 29 -16.45 -3.24 -0.79
C LEU B 29 -16.98 -3.24 0.64
N ASN B 30 -16.10 -3.21 1.61
CA ASN B 30 -16.53 -3.23 3.01
C ASN B 30 -17.42 -2.03 3.37
N GLN B 31 -17.00 -0.85 3.00
CA GLN B 31 -17.77 0.36 3.32
C GLN B 31 -19.14 0.36 2.63
N ILE B 32 -19.13 0.19 1.35
CA ILE B 32 -20.38 0.19 0.59
C ILE B 32 -21.33 -0.90 1.09
N LYS B 33 -21.00 -2.16 0.87
CA LYS B 33 -21.84 -3.27 1.32
C LYS B 33 -21.07 -4.19 2.25
N ARG B 34 -21.80 -4.99 2.99
CA ARG B 34 -21.17 -5.92 3.93
C ARG B 34 -22.19 -6.94 4.43
N GLY B 35 -23.24 -6.44 5.03
CA GLY B 35 -24.28 -7.31 5.57
C GLY B 35 -25.30 -6.52 6.36
N SER C 6 26.95 6.38 -5.94
CA SER C 6 26.07 5.34 -5.36
C SER C 6 24.88 6.01 -4.69
N ASP C 7 23.77 5.31 -4.68
CA ASP C 7 22.55 5.84 -4.06
C ASP C 7 21.44 4.79 -4.08
N PRO C 8 21.69 3.63 -3.52
CA PRO C 8 20.69 2.52 -3.47
C PRO C 8 19.60 2.78 -2.44
N LEU C 9 19.55 3.97 -1.93
CA LEU C 9 18.56 4.33 -0.92
C LEU C 9 17.14 4.25 -1.50
N VAL C 10 16.95 4.84 -2.65
CA VAL C 10 15.63 4.84 -3.29
C VAL C 10 15.26 3.45 -3.79
N VAL C 11 16.22 2.77 -4.35
CA VAL C 11 15.98 1.42 -4.86
C VAL C 11 15.71 0.44 -3.73
N ALA C 12 16.52 0.53 -2.70
CA ALA C 12 16.37 -0.37 -1.56
C ALA C 12 14.93 -0.39 -1.06
N ALA C 13 14.34 0.77 -0.97
CA ALA C 13 12.96 0.88 -0.50
C ALA C 13 12.00 0.10 -1.40
N SER C 14 12.35 -0.02 -2.65
CA SER C 14 11.51 -0.72 -3.62
C SER C 14 11.14 -2.12 -3.12
N ILE C 15 12.09 -2.81 -2.56
CA ILE C 15 11.85 -4.16 -2.06
C ILE C 15 10.61 -4.22 -1.17
N ILE C 16 10.32 -3.13 -0.52
CA ILE C 16 9.16 -3.07 0.38
C ILE C 16 7.85 -3.12 -0.40
N GLY C 17 7.86 -2.61 -1.61
CA GLY C 17 6.66 -2.59 -2.43
C GLY C 17 6.19 -4.00 -2.80
N ILE C 18 7.09 -4.80 -3.30
CA ILE C 18 6.75 -6.16 -3.70
C ILE C 18 6.36 -7.00 -2.49
N LEU C 19 6.92 -6.69 -1.35
CA LEU C 19 6.65 -7.44 -0.13
C LEU C 19 5.16 -7.36 0.26
N HIS C 20 4.62 -6.17 0.32
CA HIS C 20 3.23 -6.01 0.72
C HIS C 20 2.29 -6.90 -0.11
N PHE C 21 2.68 -7.18 -1.32
CA PHE C 21 1.86 -8.01 -2.20
C PHE C 21 1.59 -9.39 -1.58
N ILE C 22 2.62 -9.99 -1.04
CA ILE C 22 2.49 -11.32 -0.45
C ILE C 22 1.38 -11.35 0.61
N ALA C 23 1.38 -10.41 1.50
CA ALA C 23 0.37 -10.36 2.55
C ALA C 23 -0.99 -9.98 1.97
N TRP C 24 -0.96 -9.20 0.92
CA TRP C 24 -2.19 -8.74 0.28
C TRP C 24 -3.13 -9.90 0.01
N THR C 25 -2.58 -11.03 -0.33
CA THR C 25 -3.38 -12.21 -0.62
C THR C 25 -4.23 -12.61 0.59
N ILE C 26 -3.67 -12.45 1.76
CA ILE C 26 -4.41 -12.80 2.98
C ILE C 26 -5.66 -11.94 3.15
N GLY C 27 -5.49 -10.65 3.06
CA GLY C 27 -6.61 -9.74 3.24
C GLY C 27 -7.80 -10.11 2.34
N HIS C 28 -7.52 -10.71 1.22
CA HIS C 28 -8.57 -11.11 0.29
C HIS C 28 -9.67 -11.91 0.97
N LEU C 29 -9.30 -12.64 2.00
CA LEU C 29 -10.27 -13.50 2.69
C LEU C 29 -11.57 -12.75 2.97
N ASN C 30 -11.50 -11.49 3.28
CA ASN C 30 -12.70 -10.71 3.57
C ASN C 30 -13.76 -10.94 2.49
N GLN C 31 -13.33 -10.91 1.25
CA GLN C 31 -14.24 -11.13 0.13
C GLN C 31 -14.84 -12.53 0.18
N ILE C 32 -13.98 -13.51 0.35
CA ILE C 32 -14.39 -14.92 0.41
C ILE C 32 -14.19 -15.46 1.81
N LYS C 33 -15.27 -15.54 2.54
CA LYS C 33 -15.23 -16.05 3.90
C LYS C 33 -16.65 -16.26 4.44
N ARG C 34 -17.52 -15.36 4.13
CA ARG C 34 -18.91 -15.46 4.58
C ARG C 34 -19.66 -16.53 3.78
N GLY C 35 -19.46 -16.51 2.49
CA GLY C 35 -20.12 -17.48 1.62
C GLY C 35 -19.91 -17.13 0.15
N SER D 6 18.79 17.26 -6.05
CA SER D 6 19.68 17.52 -4.88
C SER D 6 18.85 17.56 -3.62
N ASP D 7 17.58 17.85 -3.77
CA ASP D 7 16.67 17.93 -2.63
C ASP D 7 16.19 16.53 -2.23
N PRO D 8 15.90 16.30 -0.96
CA PRO D 8 15.42 14.97 -0.49
C PRO D 8 13.97 14.69 -0.92
N LEU D 9 13.67 15.03 -2.15
CA LEU D 9 12.34 14.82 -2.68
C LEU D 9 12.05 13.33 -2.88
N VAL D 10 12.98 12.65 -3.49
CA VAL D 10 12.83 11.22 -3.74
C VAL D 10 12.95 10.42 -2.45
N VAL D 11 13.80 10.87 -1.56
CA VAL D 11 14.00 10.19 -0.29
C VAL D 11 12.76 10.35 0.61
N ALA D 12 12.28 11.56 0.69
CA ALA D 12 11.11 11.86 1.52
C ALA D 12 9.98 10.87 1.24
N ALA D 13 9.92 10.38 0.02
CA ALA D 13 8.88 9.44 -0.35
C ALA D 13 9.10 8.09 0.33
N SER D 14 10.34 7.77 0.59
CA SER D 14 10.67 6.50 1.23
C SER D 14 9.97 6.35 2.59
N ILE D 15 9.92 7.43 3.32
CA ILE D 15 9.28 7.41 4.64
C ILE D 15 7.84 6.91 4.54
N ILE D 16 7.23 7.16 3.40
CA ILE D 16 5.85 6.72 3.18
C ILE D 16 5.80 5.20 3.02
N GLY D 17 6.85 4.63 2.51
CA GLY D 17 6.90 3.18 2.30
C GLY D 17 6.90 2.39 3.60
N ILE D 18 7.69 2.82 4.54
CA ILE D 18 7.76 2.11 5.83
C ILE D 18 6.44 2.25 6.58
N LEU D 19 5.81 3.38 6.46
CA LEU D 19 4.55 3.61 7.14
C LEU D 19 3.58 2.46 6.89
N HIS D 20 3.61 1.93 5.70
CA HIS D 20 2.72 0.83 5.33
C HIS D 20 2.91 -0.38 6.23
N PHE D 21 4.14 -0.76 6.46
CA PHE D 21 4.45 -1.93 7.27
C PHE D 21 3.87 -1.84 8.68
N ILE D 22 4.04 -0.72 9.32
CA ILE D 22 3.53 -0.56 10.68
C ILE D 22 2.00 -0.60 10.72
N ALA D 23 1.37 0.07 9.80
CA ALA D 23 -0.10 0.09 9.76
C ALA D 23 -0.67 -1.27 9.34
N TRP D 24 -0.02 -1.89 8.39
CA TRP D 24 -0.47 -3.20 7.89
C TRP D 24 -0.72 -4.16 9.04
N THR D 25 0.00 -3.96 10.12
CA THR D 25 -0.16 -4.81 11.29
C THR D 25 -1.58 -4.70 11.85
N ILE D 26 -2.19 -3.56 11.68
CA ILE D 26 -3.55 -3.35 12.18
C ILE D 26 -4.56 -4.16 11.39
N GLY D 27 -4.52 -4.02 10.09
CA GLY D 27 -5.45 -4.73 9.21
C GLY D 27 -5.43 -6.23 9.47
N HIS D 28 -4.32 -6.72 9.94
CA HIS D 28 -4.16 -8.13 10.20
C HIS D 28 -5.02 -8.61 11.39
N LEU D 29 -5.30 -7.72 12.32
CA LEU D 29 -6.09 -8.10 13.49
C LEU D 29 -7.42 -8.74 13.08
N ASN D 30 -8.10 -8.15 12.15
CA ASN D 30 -9.39 -8.70 11.69
C ASN D 30 -9.19 -10.11 11.12
N GLN D 31 -8.19 -10.28 10.29
CA GLN D 31 -7.90 -11.55 9.69
C GLN D 31 -7.42 -12.56 10.74
N ILE D 32 -6.15 -12.90 10.66
CA ILE D 32 -5.54 -13.86 11.59
C ILE D 32 -6.53 -14.93 12.04
N LYS D 33 -7.19 -15.54 11.10
CA LYS D 33 -8.18 -16.57 11.41
C LYS D 33 -9.12 -16.10 12.50
N ARG D 34 -10.03 -16.95 12.90
CA ARG D 34 -10.99 -16.59 13.94
C ARG D 34 -11.56 -17.85 14.58
N GLY D 35 -11.18 -18.99 14.07
CA GLY D 35 -11.67 -20.26 14.60
C GLY D 35 -11.17 -20.47 16.03
N SER A 6 15.66 16.98 -16.16
CA SER A 6 14.20 16.69 -16.10
C SER A 6 14.00 15.20 -15.84
N ASP A 7 13.26 14.89 -14.81
CA ASP A 7 12.99 13.50 -14.46
C ASP A 7 11.78 13.39 -13.53
N PRO A 8 10.64 13.87 -13.96
CA PRO A 8 9.39 13.82 -13.16
C PRO A 8 8.75 12.44 -13.15
N LEU A 9 9.33 11.54 -13.89
CA LEU A 9 8.82 10.17 -13.98
C LEU A 9 8.88 9.48 -12.62
N VAL A 10 10.01 9.61 -11.96
CA VAL A 10 10.19 8.99 -10.65
C VAL A 10 9.34 9.67 -9.57
N VAL A 11 9.21 10.96 -9.66
CA VAL A 11 8.43 11.71 -8.69
C VAL A 11 6.94 11.42 -8.86
N ALA A 12 6.53 11.25 -10.08
CA ALA A 12 5.13 10.97 -10.38
C ALA A 12 4.61 9.84 -9.50
N ALA A 13 5.43 8.85 -9.28
CA ALA A 13 5.02 7.71 -8.46
C ALA A 13 4.82 8.12 -7.00
N SER A 14 5.60 9.05 -6.53
CA SER A 14 5.51 9.51 -5.14
C SER A 14 4.16 10.14 -4.82
N ILE A 15 3.72 11.07 -5.62
CA ILE A 15 2.44 11.74 -5.36
C ILE A 15 1.33 10.72 -5.17
N ILE A 16 1.46 9.58 -5.79
CA ILE A 16 0.46 8.53 -5.65
C ILE A 16 0.48 7.99 -4.23
N GLY A 17 1.64 8.05 -3.61
CA GLY A 17 1.80 7.55 -2.25
C GLY A 17 0.88 8.27 -1.26
N ILE A 18 0.85 9.57 -1.34
CA ILE A 18 0.02 10.37 -0.43
C ILE A 18 -1.45 10.01 -0.57
N LEU A 19 -1.86 9.72 -1.77
CA LEU A 19 -3.26 9.40 -2.03
C LEU A 19 -3.74 8.19 -1.22
N HIS A 20 -3.00 7.13 -1.25
CA HIS A 20 -3.41 5.93 -0.50
C HIS A 20 -3.59 6.22 0.98
N PHE A 21 -2.87 7.17 1.50
CA PHE A 21 -2.95 7.49 2.92
C PHE A 21 -4.36 7.91 3.33
N ILE A 22 -4.96 8.83 2.62
CA ILE A 22 -6.30 9.28 3.00
C ILE A 22 -7.28 8.11 2.99
N ALA A 23 -7.19 7.26 2.02
CA ALA A 23 -8.09 6.10 1.92
C ALA A 23 -7.74 5.06 2.99
N TRP A 24 -6.48 4.95 3.29
CA TRP A 24 -6.02 3.96 4.26
C TRP A 24 -6.84 3.99 5.53
N THR A 25 -7.27 5.15 5.91
CA THR A 25 -8.07 5.30 7.12
C THR A 25 -9.32 4.42 7.04
N ILE A 26 -9.80 4.20 5.85
CA ILE A 26 -11.00 3.39 5.63
C ILE A 26 -10.85 2.01 6.26
N GLY A 27 -9.73 1.38 6.06
CA GLY A 27 -9.52 0.03 6.59
C GLY A 27 -9.97 -0.08 8.05
N HIS A 28 -9.91 1.02 8.76
CA HIS A 28 -10.33 1.02 10.16
C HIS A 28 -11.69 0.36 10.32
N LEU A 29 -12.48 0.38 9.27
CA LEU A 29 -13.83 -0.18 9.32
C LEU A 29 -13.81 -1.55 10.01
N ASN A 30 -12.94 -2.43 9.61
CA ASN A 30 -12.89 -3.76 10.22
C ASN A 30 -12.61 -3.68 11.73
N GLN A 31 -11.68 -2.85 12.14
CA GLN A 31 -11.31 -2.70 13.52
C GLN A 31 -12.22 -1.71 14.29
N ILE A 32 -13.47 -2.06 14.49
CA ILE A 32 -14.41 -1.17 15.21
C ILE A 32 -14.90 -1.79 16.52
N LYS A 33 -16.17 -1.66 16.79
CA LYS A 33 -16.77 -2.18 18.02
C LYS A 33 -17.54 -3.48 17.76
N ARG A 34 -17.35 -4.03 16.59
CA ARG A 34 -18.02 -5.27 16.23
C ARG A 34 -17.58 -6.41 17.15
N GLY A 35 -16.31 -6.45 17.45
CA GLY A 35 -15.79 -7.48 18.33
C GLY A 35 -14.26 -7.51 18.28
N SER B 6 21.77 3.42 -17.85
CA SER B 6 20.62 3.59 -16.92
C SER B 6 19.54 2.55 -17.26
N ASP B 7 19.47 1.52 -16.47
CA ASP B 7 18.48 0.47 -16.69
C ASP B 7 17.12 0.90 -16.14
N PRO B 8 16.03 0.40 -16.70
CA PRO B 8 14.66 0.76 -16.23
C PRO B 8 14.35 0.18 -14.86
N LEU B 9 15.33 0.23 -13.99
CA LEU B 9 15.16 -0.30 -12.63
C LEU B 9 14.20 0.58 -11.84
N VAL B 10 14.39 1.87 -11.92
CA VAL B 10 13.53 2.80 -11.20
C VAL B 10 12.14 2.84 -11.81
N VAL B 11 12.08 2.83 -13.12
CA VAL B 11 10.79 2.86 -13.81
C VAL B 11 10.04 1.56 -13.59
N ALA B 12 10.72 0.46 -13.74
CA ALA B 12 10.10 -0.85 -13.56
C ALA B 12 9.34 -0.91 -12.24
N ALA B 13 9.89 -0.30 -11.23
CA ALA B 13 9.26 -0.30 -9.92
C ALA B 13 7.96 0.51 -9.92
N SER B 14 7.90 1.51 -10.75
CA SER B 14 6.71 2.35 -10.84
C SER B 14 5.47 1.51 -11.14
N ILE B 15 5.61 0.58 -12.04
CA ILE B 15 4.50 -0.28 -12.41
C ILE B 15 3.82 -0.86 -11.18
N ILE B 16 4.58 -1.04 -10.13
CA ILE B 16 4.05 -1.57 -8.89
C ILE B 16 3.17 -0.52 -8.19
N GLY B 17 3.48 0.73 -8.40
CA GLY B 17 2.71 1.80 -7.77
C GLY B 17 1.30 1.87 -8.33
N ILE B 18 1.20 1.90 -9.64
CA ILE B 18 -0.12 1.97 -10.28
C ILE B 18 -0.93 0.71 -9.99
N LEU B 19 -0.32 -0.44 -10.15
CA LEU B 19 -1.02 -1.69 -9.90
C LEU B 19 -1.68 -1.67 -8.53
N HIS B 20 -0.97 -1.14 -7.57
CA HIS B 20 -1.47 -1.05 -6.21
C HIS B 20 -2.88 -0.45 -6.18
N PHE B 21 -3.10 0.54 -7.00
CA PHE B 21 -4.41 1.20 -7.06
C PHE B 21 -5.50 0.26 -7.57
N ILE B 22 -5.17 -0.54 -8.54
CA ILE B 22 -6.15 -1.47 -9.11
C ILE B 22 -6.71 -2.39 -8.02
N ALA B 23 -5.85 -2.88 -7.17
CA ALA B 23 -6.29 -3.78 -6.10
C ALA B 23 -7.07 -3.00 -5.03
N TRP B 24 -6.62 -1.80 -4.77
CA TRP B 24 -7.21 -0.95 -3.73
C TRP B 24 -8.72 -0.74 -3.90
N THR B 25 -9.18 -0.57 -5.09
CA THR B 25 -10.61 -0.33 -5.31
C THR B 25 -11.42 -1.48 -4.73
N ILE B 26 -10.88 -2.67 -4.81
CA ILE B 26 -11.57 -3.84 -4.28
C ILE B 26 -11.80 -3.70 -2.77
N GLY B 27 -10.77 -3.34 -2.06
CA GLY B 27 -10.85 -3.19 -0.61
C GLY B 27 -12.06 -2.35 -0.21
N HIS B 28 -12.46 -1.46 -1.06
CA HIS B 28 -13.61 -0.59 -0.79
C HIS B 28 -14.90 -1.38 -0.58
N LEU B 29 -14.98 -2.55 -1.17
CA LEU B 29 -16.17 -3.36 -1.08
C LEU B 29 -16.70 -3.49 0.35
N ASN B 30 -15.84 -3.46 1.32
CA ASN B 30 -16.27 -3.59 2.72
C ASN B 30 -17.22 -2.46 3.14
N GLN B 31 -16.84 -1.23 2.90
CA GLN B 31 -17.67 -0.09 3.28
C GLN B 31 -19.05 -0.13 2.63
N ILE B 32 -19.07 -0.26 1.35
CA ILE B 32 -20.33 -0.30 0.61
C ILE B 32 -21.20 -1.48 1.06
N LYS B 33 -20.77 -2.68 0.78
CA LYS B 33 -21.55 -3.86 1.18
C LYS B 33 -21.48 -4.04 2.69
N ARG B 34 -22.60 -3.93 3.34
CA ARG B 34 -22.65 -4.08 4.79
C ARG B 34 -24.08 -4.25 5.27
N GLY B 35 -24.31 -5.25 6.07
CA GLY B 35 -25.65 -5.51 6.58
C GLY B 35 -25.75 -6.90 7.20
N SER C 6 26.08 4.27 -4.58
CA SER C 6 26.12 5.75 -4.46
C SER C 6 24.76 6.27 -4.00
N ASP C 7 23.74 5.50 -4.26
CA ASP C 7 22.39 5.88 -3.86
C ASP C 7 21.45 4.67 -3.86
N PRO C 8 21.79 3.64 -3.12
CA PRO C 8 20.95 2.41 -3.03
C PRO C 8 19.75 2.60 -2.12
N LEU C 9 19.54 3.82 -1.70
CA LEU C 9 18.42 4.14 -0.81
C LEU C 9 17.09 4.01 -1.54
N VAL C 10 17.04 4.51 -2.76
CA VAL C 10 15.81 4.45 -3.54
C VAL C 10 15.49 3.01 -3.96
N VAL C 11 16.49 2.31 -4.41
CA VAL C 11 16.30 0.93 -4.84
C VAL C 11 15.95 0.03 -3.67
N ALA C 12 16.68 0.18 -2.59
CA ALA C 12 16.45 -0.62 -1.40
C ALA C 12 15.00 -0.49 -0.93
N ALA C 13 14.49 0.71 -0.92
CA ALA C 13 13.11 0.96 -0.49
C ALA C 13 12.13 0.24 -1.41
N SER C 14 12.50 0.08 -2.65
CA SER C 14 11.63 -0.58 -3.63
C SER C 14 11.13 -1.92 -3.10
N ILE C 15 11.99 -2.66 -2.46
CA ILE C 15 11.62 -3.97 -1.93
C ILE C 15 10.33 -3.88 -1.11
N ILE C 16 10.10 -2.75 -0.52
CA ILE C 16 8.92 -2.54 0.32
C ILE C 16 7.64 -2.62 -0.51
N GLY C 17 7.70 -2.18 -1.73
CA GLY C 17 6.51 -2.18 -2.59
C GLY C 17 6.08 -3.59 -2.97
N ILE C 18 7.00 -4.38 -3.44
CA ILE C 18 6.68 -5.75 -3.83
C ILE C 18 6.32 -6.58 -2.61
N LEU C 19 6.89 -6.24 -1.48
CA LEU C 19 6.65 -6.99 -0.25
C LEU C 19 5.17 -6.95 0.15
N HIS C 20 4.59 -5.78 0.19
CA HIS C 20 3.19 -5.65 0.59
C HIS C 20 2.28 -6.54 -0.26
N PHE C 21 2.67 -6.79 -1.48
CA PHE C 21 1.85 -7.61 -2.37
C PHE C 21 1.60 -9.00 -1.78
N ILE C 22 2.63 -9.60 -1.24
CA ILE C 22 2.49 -10.93 -0.66
C ILE C 22 1.41 -10.96 0.42
N ALA C 23 1.46 -10.01 1.31
CA ALA C 23 0.47 -9.93 2.38
C ALA C 23 -0.90 -9.54 1.84
N TRP C 24 -0.89 -8.71 0.82
CA TRP C 24 -2.14 -8.24 0.22
C TRP C 24 -3.07 -9.41 -0.06
N THR C 25 -2.49 -10.55 -0.33
CA THR C 25 -3.28 -11.75 -0.60
C THR C 25 -4.24 -12.04 0.56
N ILE C 26 -3.76 -11.82 1.76
CA ILE C 26 -4.58 -12.08 2.95
C ILE C 26 -5.80 -11.14 2.99
N GLY C 27 -5.57 -9.88 2.81
CA GLY C 27 -6.64 -8.89 2.86
C GLY C 27 -7.85 -9.32 2.02
N HIS C 28 -7.60 -10.08 1.00
CA HIS C 28 -8.68 -10.54 0.13
C HIS C 28 -9.84 -11.13 0.92
N LEU C 29 -9.57 -11.66 2.08
CA LEU C 29 -10.61 -12.29 2.88
C LEU C 29 -11.87 -11.42 2.95
N ASN C 30 -11.71 -10.13 3.09
CA ASN C 30 -12.88 -9.25 3.17
C ASN C 30 -13.84 -9.57 2.02
N GLN C 31 -13.31 -9.61 0.82
CA GLN C 31 -14.11 -9.90 -0.34
C GLN C 31 -14.80 -11.25 -0.20
N ILE C 32 -14.02 -12.23 0.17
CA ILE C 32 -14.50 -13.59 0.36
C ILE C 32 -14.24 -14.05 1.80
N LYS C 33 -15.30 -14.18 2.54
CA LYS C 33 -15.23 -14.60 3.94
C LYS C 33 -16.24 -15.73 4.20
N ARG C 34 -17.49 -15.36 4.33
CA ARG C 34 -18.55 -16.34 4.57
C ARG C 34 -19.10 -16.87 3.25
N GLY C 35 -18.45 -16.54 2.17
CA GLY C 35 -18.89 -16.98 0.86
C GLY C 35 -18.88 -18.51 0.76
N SER D 6 19.03 17.19 -6.64
CA SER D 6 19.76 16.69 -5.44
C SER D 6 18.90 16.90 -4.20
N ASP D 7 17.62 17.08 -4.41
CA ASP D 7 16.69 17.29 -3.29
C ASP D 7 16.16 15.94 -2.78
N PRO D 8 15.82 15.84 -1.52
CA PRO D 8 15.30 14.57 -0.93
C PRO D 8 13.85 14.30 -1.36
N LEU D 9 13.52 14.69 -2.56
CA LEU D 9 12.17 14.50 -3.07
C LEU D 9 11.85 13.00 -3.20
N VAL D 10 12.72 12.27 -3.83
CA VAL D 10 12.53 10.83 -4.01
C VAL D 10 12.68 10.09 -2.68
N VAL D 11 13.54 10.58 -1.84
CA VAL D 11 13.77 9.97 -0.54
C VAL D 11 12.57 10.15 0.38
N ALA D 12 12.05 11.35 0.39
CA ALA D 12 10.90 11.66 1.25
C ALA D 12 9.80 10.61 1.08
N ALA D 13 9.68 10.07 -0.10
CA ALA D 13 8.67 9.06 -0.37
C ALA D 13 8.94 7.78 0.44
N SER D 14 10.20 7.50 0.67
CA SER D 14 10.58 6.31 1.43
C SER D 14 10.01 6.34 2.84
N ILE D 15 10.07 7.48 3.47
CA ILE D 15 9.54 7.61 4.83
C ILE D 15 8.06 7.24 4.87
N ILE D 16 7.37 7.57 3.82
CA ILE D 16 5.95 7.26 3.73
C ILE D 16 5.74 5.75 3.53
N GLY D 17 6.70 5.12 2.90
CA GLY D 17 6.62 3.68 2.63
C GLY D 17 6.69 2.84 3.91
N ILE D 18 7.52 3.23 4.83
CA ILE D 18 7.65 2.48 6.09
C ILE D 18 6.39 2.60 6.93
N LEU D 19 5.80 3.77 6.92
CA LEU D 19 4.59 3.99 7.71
C LEU D 19 3.57 2.89 7.43
N HIS D 20 3.48 2.47 6.21
CA HIS D 20 2.52 1.43 5.84
C HIS D 20 2.75 0.16 6.65
N PHE D 21 3.98 -0.19 6.88
CA PHE D 21 4.32 -1.41 7.61
C PHE D 21 3.72 -1.44 9.01
N ILE D 22 3.85 -0.37 9.76
CA ILE D 22 3.31 -0.35 11.11
C ILE D 22 1.79 -0.44 11.10
N ALA D 23 1.15 0.29 10.23
CA ALA D 23 -0.30 0.27 10.16
C ALA D 23 -0.81 -1.08 9.65
N TRP D 24 -0.14 -1.60 8.67
CA TRP D 24 -0.52 -2.88 8.07
C TRP D 24 -0.73 -3.93 9.16
N THR D 25 -0.03 -3.78 10.24
CA THR D 25 -0.14 -4.72 11.35
C THR D 25 -1.51 -4.65 12.01
N ILE D 26 -2.13 -3.50 11.98
CA ILE D 26 -3.46 -3.34 12.60
C ILE D 26 -4.50 -4.19 11.87
N GLY D 27 -4.57 -4.07 10.57
CA GLY D 27 -5.55 -4.83 9.80
C GLY D 27 -5.42 -6.32 10.05
N HIS D 28 -4.22 -6.77 10.25
CA HIS D 28 -3.95 -8.18 10.50
C HIS D 28 -4.77 -8.71 11.69
N LEU D 29 -5.08 -7.85 12.60
CA LEU D 29 -5.82 -8.24 13.80
C LEU D 29 -7.13 -8.97 13.48
N ASN D 30 -7.74 -8.67 12.36
CA ASN D 30 -9.01 -9.31 12.02
C ASN D 30 -8.89 -10.84 11.92
N GLN D 31 -7.91 -11.33 11.19
CA GLN D 31 -7.74 -12.74 11.03
C GLN D 31 -6.97 -13.36 12.20
N ILE D 32 -7.43 -13.11 13.40
CA ILE D 32 -6.77 -13.66 14.59
C ILE D 32 -7.54 -13.28 15.84
N LYS D 33 -7.86 -14.26 16.63
CA LYS D 33 -8.61 -14.05 17.87
C LYS D 33 -9.97 -13.41 17.59
N ARG D 34 -10.99 -13.98 18.16
CA ARG D 34 -12.35 -13.47 17.96
C ARG D 34 -13.28 -13.98 19.05
N GLY D 35 -14.10 -13.11 19.57
CA GLY D 35 -15.03 -13.50 20.62
C GLY D 35 -15.98 -14.59 20.15
N SER A 6 15.41 16.22 -17.20
CA SER A 6 13.97 15.91 -17.44
C SER A 6 13.73 14.43 -17.19
N ASP A 7 13.19 14.13 -16.04
CA ASP A 7 12.90 12.74 -15.68
C ASP A 7 12.08 12.66 -14.40
N PRO A 8 10.91 13.25 -14.39
CA PRO A 8 10.01 13.25 -13.21
C PRO A 8 9.28 11.92 -13.04
N LEU A 9 9.89 10.86 -13.50
CA LEU A 9 9.30 9.53 -13.40
C LEU A 9 9.25 9.07 -11.94
N VAL A 10 10.31 9.33 -11.23
CA VAL A 10 10.39 8.92 -9.82
C VAL A 10 9.45 9.76 -8.95
N VAL A 11 9.43 11.04 -9.16
CA VAL A 11 8.58 11.93 -8.38
C VAL A 11 7.11 11.61 -8.61
N ALA A 12 6.76 11.35 -9.85
CA ALA A 12 5.38 11.04 -10.19
C ALA A 12 4.84 9.95 -9.27
N ALA A 13 5.68 9.01 -8.93
CA ALA A 13 5.27 7.91 -8.05
C ALA A 13 4.86 8.42 -6.67
N SER A 14 5.54 9.42 -6.18
CA SER A 14 5.24 9.97 -4.86
C SER A 14 3.76 10.34 -4.75
N ILE A 15 3.26 11.03 -5.72
CA ILE A 15 1.86 11.45 -5.71
C ILE A 15 0.95 10.25 -5.43
N ILE A 16 1.27 9.13 -6.02
CA ILE A 16 0.47 7.92 -5.84
C ILE A 16 0.64 7.40 -4.41
N GLY A 17 1.77 7.64 -3.82
CA GLY A 17 2.03 7.17 -2.45
C GLY A 17 1.14 7.87 -1.43
N ILE A 18 1.11 9.17 -1.48
CA ILE A 18 0.31 9.94 -0.53
C ILE A 18 -1.18 9.66 -0.73
N LEU A 19 -1.56 9.34 -1.93
CA LEU A 19 -2.96 9.07 -2.25
C LEU A 19 -3.48 7.88 -1.46
N HIS A 20 -2.72 6.83 -1.41
CA HIS A 20 -3.17 5.63 -0.70
C HIS A 20 -3.38 5.91 0.79
N PHE A 21 -2.66 6.86 1.34
CA PHE A 21 -2.78 7.18 2.76
C PHE A 21 -4.17 7.71 3.11
N ILE A 22 -4.65 8.68 2.39
CA ILE A 22 -5.96 9.23 2.71
C ILE A 22 -7.01 8.11 2.73
N ALA A 23 -6.91 7.20 1.81
CA ALA A 23 -7.85 6.08 1.75
C ALA A 23 -7.61 5.09 2.90
N TRP A 24 -6.36 4.92 3.25
CA TRP A 24 -5.97 3.97 4.31
C TRP A 24 -6.78 4.14 5.59
N THR A 25 -7.14 5.34 5.90
CA THR A 25 -7.91 5.58 7.12
C THR A 25 -9.28 4.94 7.02
N ILE A 26 -9.79 4.84 5.82
CA ILE A 26 -11.10 4.25 5.59
C ILE A 26 -11.12 2.79 6.06
N GLY A 27 -10.11 2.05 5.73
CA GLY A 27 -10.07 0.64 6.13
C GLY A 27 -10.46 0.48 7.61
N HIS A 28 -10.22 1.50 8.39
CA HIS A 28 -10.53 1.45 9.81
C HIS A 28 -11.96 0.95 10.07
N LEU A 29 -12.86 1.20 9.15
CA LEU A 29 -14.25 0.79 9.32
C LEU A 29 -14.34 -0.66 9.83
N ASN A 30 -13.56 -1.54 9.29
CA ASN A 30 -13.64 -2.94 9.72
C ASN A 30 -13.39 -3.10 11.23
N GLN A 31 -12.31 -2.55 11.72
CA GLN A 31 -11.95 -2.67 13.11
C GLN A 31 -12.98 -2.05 14.07
N ILE A 32 -13.32 -0.82 13.85
CA ILE A 32 -14.25 -0.14 14.75
C ILE A 32 -15.52 -0.96 15.04
N LYS A 33 -15.67 -2.11 14.42
CA LYS A 33 -16.86 -2.93 14.66
C LYS A 33 -16.51 -4.42 14.64
N ARG A 34 -15.73 -4.83 13.68
CA ARG A 34 -15.34 -6.24 13.60
C ARG A 34 -14.25 -6.54 14.63
N GLY A 35 -13.31 -7.38 14.28
CA GLY A 35 -12.23 -7.72 15.20
C GLY A 35 -12.78 -8.30 16.49
N SER B 6 19.75 0.93 -21.27
CA SER B 6 18.76 1.68 -20.45
C SER B 6 18.72 1.08 -19.04
N ASP B 7 18.34 1.90 -18.09
CA ASP B 7 18.26 1.46 -16.69
C ASP B 7 16.94 1.91 -16.06
N PRO B 8 15.84 1.43 -16.58
CA PRO B 8 14.48 1.79 -16.06
C PRO B 8 14.17 1.06 -14.75
N LEU B 9 15.13 1.05 -13.86
CA LEU B 9 14.95 0.38 -12.57
C LEU B 9 13.91 1.10 -11.74
N VAL B 10 14.03 2.40 -11.63
CA VAL B 10 13.09 3.20 -10.86
C VAL B 10 11.72 3.26 -11.54
N VAL B 11 11.74 3.19 -12.85
CA VAL B 11 10.49 3.24 -13.61
C VAL B 11 9.70 1.95 -13.41
N ALA B 12 10.37 0.84 -13.51
CA ALA B 12 9.72 -0.46 -13.35
C ALA B 12 8.87 -0.48 -12.09
N ALA B 13 9.29 0.26 -11.10
CA ALA B 13 8.54 0.33 -9.84
C ALA B 13 7.15 0.90 -10.07
N SER B 14 7.03 1.75 -11.06
CA SER B 14 5.76 2.37 -11.37
C SER B 14 4.67 1.32 -11.59
N ILE B 15 5.03 0.23 -12.20
CA ILE B 15 4.10 -0.85 -12.45
C ILE B 15 3.44 -1.31 -11.16
N ILE B 16 4.21 -1.32 -10.10
CA ILE B 16 3.70 -1.73 -8.80
C ILE B 16 2.74 -0.68 -8.24
N GLY B 17 2.98 0.56 -8.59
CA GLY B 17 2.14 1.65 -8.11
C GLY B 17 0.73 1.57 -8.69
N ILE B 18 0.64 1.40 -9.98
CA ILE B 18 -0.66 1.32 -10.64
C ILE B 18 -1.43 0.10 -10.15
N LEU B 19 -0.76 -1.01 -10.03
CA LEU B 19 -1.40 -2.23 -9.56
C LEU B 19 -1.97 -2.02 -8.16
N HIS B 20 -1.19 -1.39 -7.32
CA HIS B 20 -1.61 -1.12 -5.95
C HIS B 20 -2.99 -0.47 -5.92
N PHE B 21 -3.19 0.49 -6.80
CA PHE B 21 -4.47 1.19 -6.86
C PHE B 21 -5.57 0.28 -7.41
N ILE B 22 -5.23 -0.54 -8.36
CA ILE B 22 -6.20 -1.45 -8.96
C ILE B 22 -6.73 -2.44 -7.92
N ALA B 23 -5.86 -2.97 -7.11
CA ALA B 23 -6.27 -3.93 -6.09
C ALA B 23 -7.05 -3.25 -4.97
N TRP B 24 -6.63 -2.06 -4.63
CA TRP B 24 -7.23 -1.29 -3.53
C TRP B 24 -8.75 -1.20 -3.61
N THR B 25 -9.29 -0.94 -4.76
CA THR B 25 -10.74 -0.81 -4.90
C THR B 25 -11.48 -1.99 -4.26
N ILE B 26 -10.85 -3.13 -4.20
CA ILE B 26 -11.50 -4.30 -3.63
C ILE B 26 -11.97 -4.04 -2.20
N GLY B 27 -11.10 -3.49 -1.39
CA GLY B 27 -11.44 -3.19 0.00
C GLY B 27 -12.65 -2.28 0.12
N HIS B 28 -12.85 -1.43 -0.86
CA HIS B 28 -13.96 -0.51 -0.85
C HIS B 28 -15.29 -1.22 -0.63
N LEU B 29 -15.39 -2.45 -1.05
CA LEU B 29 -16.62 -3.21 -0.91
C LEU B 29 -17.14 -3.16 0.53
N ASN B 30 -16.25 -3.12 1.49
CA ASN B 30 -16.65 -3.09 2.90
C ASN B 30 -17.45 -1.84 3.26
N GLN B 31 -16.93 -0.69 2.91
CA GLN B 31 -17.58 0.57 3.23
C GLN B 31 -18.90 0.76 2.49
N ILE B 32 -18.84 0.67 1.20
CA ILE B 32 -20.04 0.87 0.38
C ILE B 32 -21.19 0.00 0.88
N LYS B 33 -21.07 -1.30 0.76
CA LYS B 33 -22.12 -2.22 1.19
C LYS B 33 -21.53 -3.45 1.86
N ARG B 34 -22.23 -3.96 2.84
CA ARG B 34 -21.78 -5.14 3.56
C ARG B 34 -22.95 -5.78 4.33
N GLY B 35 -23.31 -6.97 3.95
CA GLY B 35 -24.41 -7.67 4.60
C GLY B 35 -23.97 -8.23 5.95
N SER C 6 25.54 5.29 -6.67
CA SER C 6 25.93 6.27 -5.61
C SER C 6 24.69 6.83 -4.95
N ASP C 7 23.63 6.07 -4.97
CA ASP C 7 22.37 6.50 -4.36
C ASP C 7 21.33 5.40 -4.44
N PRO C 8 21.62 4.26 -3.84
CA PRO C 8 20.68 3.09 -3.82
C PRO C 8 19.53 3.29 -2.84
N LEU C 9 19.29 4.53 -2.48
CA LEU C 9 18.21 4.84 -1.54
C LEU C 9 16.85 4.54 -2.16
N VAL C 10 16.69 4.91 -3.41
CA VAL C 10 15.42 4.68 -4.11
C VAL C 10 15.21 3.20 -4.38
N VAL C 11 16.26 2.53 -4.77
CA VAL C 11 16.16 1.10 -5.08
C VAL C 11 15.81 0.30 -3.82
N ALA C 12 16.48 0.59 -2.75
CA ALA C 12 16.24 -0.11 -1.49
C ALA C 12 14.77 0.00 -1.09
N ALA C 13 14.19 1.15 -1.27
CA ALA C 13 12.80 1.37 -0.92
C ALA C 13 11.87 0.51 -1.78
N SER C 14 12.29 0.22 -2.98
CA SER C 14 11.49 -0.59 -3.89
C SER C 14 11.05 -1.90 -3.25
N ILE C 15 11.96 -2.55 -2.58
CA ILE C 15 11.65 -3.83 -1.94
C ILE C 15 10.38 -3.74 -1.10
N ILE C 16 10.11 -2.58 -0.58
CA ILE C 16 8.91 -2.38 0.24
C ILE C 16 7.64 -2.47 -0.59
N GLY C 17 7.71 -2.10 -1.84
CA GLY C 17 6.54 -2.15 -2.70
C GLY C 17 6.09 -3.58 -2.98
N ILE C 18 7.01 -4.40 -3.40
CA ILE C 18 6.70 -5.80 -3.70
C ILE C 18 6.30 -6.55 -2.44
N LEU C 19 6.84 -6.14 -1.33
CA LEU C 19 6.55 -6.79 -0.05
C LEU C 19 5.06 -6.72 0.30
N HIS C 20 4.48 -5.56 0.19
CA HIS C 20 3.07 -5.41 0.54
C HIS C 20 2.17 -6.35 -0.26
N PHE C 21 2.58 -6.68 -1.46
CA PHE C 21 1.79 -7.56 -2.31
C PHE C 21 1.65 -8.94 -1.67
N ILE C 22 2.72 -9.46 -1.15
CA ILE C 22 2.69 -10.78 -0.52
C ILE C 22 1.63 -10.83 0.57
N ALA C 23 1.59 -9.83 1.40
CA ALA C 23 0.62 -9.78 2.49
C ALA C 23 -0.78 -9.56 1.94
N TRP C 24 -0.87 -8.81 0.88
CA TRP C 24 -2.16 -8.49 0.27
C TRP C 24 -2.99 -9.75 0.07
N THR C 25 -2.34 -10.84 -0.23
CA THR C 25 -3.04 -12.10 -0.47
C THR C 25 -3.88 -12.50 0.75
N ILE C 26 -3.33 -12.38 1.92
CA ILE C 26 -4.07 -12.74 3.13
C ILE C 26 -5.25 -11.79 3.35
N GLY C 27 -4.97 -10.52 3.32
CA GLY C 27 -6.01 -9.51 3.54
C GLY C 27 -7.23 -9.77 2.64
N HIS C 28 -6.99 -10.36 1.50
CA HIS C 28 -8.06 -10.63 0.55
C HIS C 28 -9.13 -11.54 1.15
N LEU C 29 -8.75 -12.38 2.07
CA LEU C 29 -9.70 -13.33 2.66
C LEU C 29 -11.03 -12.67 3.04
N ASN C 30 -11.02 -11.41 3.35
CA ASN C 30 -12.26 -10.76 3.76
C ASN C 30 -13.41 -11.11 2.81
N GLN C 31 -13.22 -10.92 1.53
CA GLN C 31 -14.26 -11.21 0.57
C GLN C 31 -14.45 -12.72 0.40
N ILE C 32 -13.36 -13.43 0.26
CA ILE C 32 -13.43 -14.88 0.06
C ILE C 32 -14.38 -15.57 1.07
N LYS C 33 -14.90 -14.84 2.03
CA LYS C 33 -15.82 -15.41 3.02
C LYS C 33 -17.26 -15.26 2.55
N ARG C 34 -18.11 -16.14 3.00
CA ARG C 34 -19.52 -16.10 2.63
C ARG C 34 -19.66 -15.94 1.11
N GLY C 35 -20.88 -15.84 0.65
CA GLY C 35 -21.13 -15.69 -0.78
C GLY C 35 -22.60 -15.36 -1.04
N SER D 6 19.46 16.44 -6.16
CA SER D 6 20.35 16.73 -5.01
C SER D 6 19.51 16.79 -3.73
N ASP D 7 18.28 17.21 -3.86
CA ASP D 7 17.39 17.30 -2.70
C ASP D 7 16.87 15.90 -2.33
N PRO D 8 16.62 15.66 -1.06
CA PRO D 8 16.11 14.33 -0.61
C PRO D 8 14.64 14.12 -0.97
N LEU D 9 14.27 14.54 -2.16
CA LEU D 9 12.89 14.41 -2.61
C LEU D 9 12.50 12.94 -2.72
N VAL D 10 13.33 12.16 -3.36
CA VAL D 10 13.06 10.74 -3.54
C VAL D 10 13.19 9.99 -2.23
N VAL D 11 14.10 10.43 -1.40
CA VAL D 11 14.32 9.78 -0.11
C VAL D 11 13.15 10.04 0.83
N ALA D 12 12.69 11.27 0.85
CA ALA D 12 11.56 11.64 1.71
C ALA D 12 10.41 10.66 1.54
N ALA D 13 10.22 10.18 0.35
CA ALA D 13 9.15 9.25 0.05
C ALA D 13 9.34 7.93 0.81
N SER D 14 10.58 7.59 1.07
CA SER D 14 10.89 6.35 1.77
C SER D 14 10.18 6.29 3.12
N ILE D 15 10.15 7.41 3.81
CA ILE D 15 9.49 7.47 5.11
C ILE D 15 8.04 6.99 5.01
N ILE D 16 7.41 7.29 3.90
CA ILE D 16 6.03 6.89 3.69
C ILE D 16 5.94 5.37 3.48
N GLY D 17 6.98 4.80 2.92
CA GLY D 17 7.00 3.36 2.66
C GLY D 17 6.97 2.54 3.95
N ILE D 18 7.78 2.93 4.90
CA ILE D 18 7.83 2.20 6.17
C ILE D 18 6.53 2.36 6.94
N LEU D 19 5.87 3.46 6.74
CA LEU D 19 4.61 3.72 7.43
C LEU D 19 3.59 2.61 7.15
N HIS D 20 3.53 2.17 5.93
CA HIS D 20 2.60 1.11 5.55
C HIS D 20 2.79 -0.15 6.40
N PHE D 21 4.02 -0.54 6.60
CA PHE D 21 4.32 -1.75 7.35
C PHE D 21 3.79 -1.71 8.79
N ILE D 22 4.01 -0.63 9.48
CA ILE D 22 3.54 -0.55 10.86
C ILE D 22 2.02 -0.61 10.94
N ALA D 23 1.34 0.11 10.09
CA ALA D 23 -0.12 0.10 10.11
C ALA D 23 -0.68 -1.24 9.64
N TRP D 24 -0.06 -1.82 8.65
CA TRP D 24 -0.50 -3.10 8.11
C TRP D 24 -0.71 -4.10 9.23
N THR D 25 0.03 -3.94 10.30
CA THR D 25 -0.09 -4.84 11.44
C THR D 25 -1.49 -4.75 12.05
N ILE D 26 -2.10 -3.60 11.96
CA ILE D 26 -3.43 -3.41 12.51
C ILE D 26 -4.46 -4.23 11.73
N GLY D 27 -4.46 -4.08 10.44
CA GLY D 27 -5.40 -4.79 9.59
C GLY D 27 -5.40 -6.29 9.89
N HIS D 28 -4.28 -6.80 10.32
CA HIS D 28 -4.17 -8.21 10.63
C HIS D 28 -5.16 -8.63 11.71
N LEU D 29 -5.49 -7.71 12.58
CA LEU D 29 -6.42 -8.01 13.67
C LEU D 29 -7.68 -8.70 13.15
N ASN D 30 -8.22 -8.22 12.06
CA ASN D 30 -9.44 -8.80 11.49
C ASN D 30 -9.24 -10.26 11.08
N GLN D 31 -8.20 -10.52 10.34
CA GLN D 31 -7.91 -11.85 9.89
C GLN D 31 -7.86 -12.85 11.04
N ILE D 32 -7.28 -12.42 12.12
CA ILE D 32 -7.15 -13.27 13.31
C ILE D 32 -8.18 -12.86 14.34
N LYS D 33 -9.09 -13.74 14.58
CA LYS D 33 -10.15 -13.52 15.56
C LYS D 33 -11.04 -12.35 15.13
N ARG D 34 -12.30 -12.45 15.42
CA ARG D 34 -13.27 -11.40 15.06
C ARG D 34 -14.36 -11.30 16.13
N GLY D 35 -14.09 -11.84 17.29
CA GLY D 35 -15.06 -11.81 18.38
C GLY D 35 -14.54 -12.60 19.57
#